data_5B0L
#
_entry.id   5B0L
#
_cell.length_a   142.171
_cell.length_b   205.808
_cell.length_c   220.084
_cell.angle_alpha   90.00
_cell.angle_beta   90.00
_cell.angle_gamma   90.00
#
_symmetry.space_group_name_H-M   'I 2 2 2'
#
loop_
_entity.id
_entity.type
_entity.pdbx_description
1 polymer 'MoeN5,DNA-binding protein 7d'
2 non-polymer 'nonyl beta-D-glucopyranoside'
3 water water
#
_entity_poly.entity_id   1
_entity_poly.type   'polypeptide(L)'
_entity_poly.pdbx_seq_one_letter_code
;MAHHHHHHVDDDDKMLAAEAANRDHVTRCVAQTGGSPDLVAHTAALRLYLRVPHFLTEWTTDPDRRAAVSRALALDIVSM
KLLDDLMDDDTGLDRVELACVCLRLHLRALHELESLARDPKAVTDILEQDAVHLCGGQIRTKRSRATNLREWRAHASTYG
STFLGRYGALAAACGGEGQPADSVREFAEAFAMTITMADDLTDYDRNGERDGNLAHLMRTGAVAGQDVVDLLEELRGRAL
AAVAAPPGAPGLVPVVHLYTDDVLVRLLPRHLGEAGAGAMATVKFKYKGEEKEVDISKIKKVWRVGKMISFTYDEGGGKT
GRGAVSEKDAPKELLQMLEKQKK
;
_entity_poly.pdbx_strand_id   A,B,C,D,E,F,G,H
#
loop_
_chem_comp.id
_chem_comp.type
_chem_comp.name
_chem_comp.formula
BNG D-saccharide 'nonyl beta-D-glucopyranoside' 'C15 H30 O6'
#
# COMPACT_ATOMS: atom_id res chain seq x y z
N ASP A 10 33.66 -11.93 -31.58
CA ASP A 10 34.10 -12.31 -30.21
C ASP A 10 32.96 -12.73 -29.27
N ASP A 11 33.30 -12.94 -28.00
CA ASP A 11 32.33 -13.38 -27.03
C ASP A 11 31.39 -12.30 -26.53
N ASP A 12 31.91 -11.08 -26.34
CA ASP A 12 31.08 -9.98 -25.87
C ASP A 12 30.00 -9.78 -26.90
N ASP A 13 30.31 -10.06 -28.17
CA ASP A 13 29.33 -9.93 -29.22
C ASP A 13 28.19 -10.89 -28.99
N LYS A 14 28.54 -12.13 -28.65
CA LYS A 14 27.57 -13.17 -28.37
C LYS A 14 26.67 -12.84 -27.15
N MET A 15 27.29 -12.35 -26.08
CA MET A 15 26.57 -11.95 -24.88
C MET A 15 25.56 -10.81 -25.24
N LEU A 16 26.03 -9.79 -25.97
CA LEU A 16 25.17 -8.66 -26.32
C LEU A 16 23.97 -9.03 -27.18
N ALA A 17 24.15 -10.02 -28.05
CA ALA A 17 23.09 -10.47 -28.92
C ALA A 17 22.03 -11.30 -28.12
N ALA A 18 22.51 -12.11 -27.20
CA ALA A 18 21.63 -12.95 -26.41
C ALA A 18 20.80 -12.02 -25.53
N GLU A 19 21.47 -11.03 -24.94
CA GLU A 19 20.80 -10.08 -24.08
C GLU A 19 19.71 -9.35 -24.85
N ALA A 20 20.01 -8.95 -26.07
CA ALA A 20 18.97 -8.30 -26.84
C ALA A 20 17.87 -9.34 -27.25
N ALA A 21 18.22 -10.56 -27.67
CA ALA A 21 17.19 -11.56 -28.00
C ALA A 21 16.28 -11.84 -26.79
N ASN A 22 16.90 -11.98 -25.59
CA ASN A 22 16.20 -12.25 -24.33
C ASN A 22 15.27 -11.07 -23.98
N ARG A 23 15.80 -9.87 -24.13
CA ARG A 23 15.02 -8.70 -23.86
C ARG A 23 13.82 -8.70 -24.79
N ASP A 24 14.04 -8.91 -26.08
CA ASP A 24 12.90 -8.86 -26.96
C ASP A 24 11.90 -9.95 -26.74
N HIS A 25 12.35 -11.17 -26.43
CA HIS A 25 11.42 -12.26 -26.17
C HIS A 25 10.51 -11.85 -24.98
N VAL A 26 11.12 -11.33 -23.92
CA VAL A 26 10.34 -10.86 -22.77
C VAL A 26 9.36 -9.68 -23.01
N THR A 27 9.83 -8.57 -23.58
CA THR A 27 8.95 -7.40 -23.80
C THR A 27 7.87 -7.71 -24.76
N ARG A 28 8.15 -8.56 -25.73
CA ARG A 28 7.11 -8.88 -26.68
C ARG A 28 6.04 -9.65 -25.88
N CYS A 29 6.50 -10.59 -25.07
CA CYS A 29 5.58 -11.38 -24.30
C CYS A 29 4.78 -10.53 -23.33
N VAL A 30 5.43 -9.66 -22.56
CA VAL A 30 4.71 -8.78 -21.67
C VAL A 30 3.72 -7.87 -22.44
N ALA A 31 4.10 -7.40 -23.59
CA ALA A 31 3.22 -6.50 -24.29
C ALA A 31 1.99 -7.19 -24.79
N GLN A 32 2.11 -8.41 -25.30
CA GLN A 32 0.93 -9.05 -25.84
C GLN A 32 -0.06 -9.61 -24.83
N THR A 33 0.20 -9.41 -23.55
CA THR A 33 -0.70 -9.95 -22.56
C THR A 33 -1.38 -8.79 -21.86
N GLY A 34 -1.10 -7.59 -22.33
CA GLY A 34 -1.76 -6.43 -21.77
C GLY A 34 -0.97 -5.49 -20.88
N GLY A 35 0.35 -5.71 -20.76
CA GLY A 35 1.17 -4.84 -19.92
C GLY A 35 1.33 -3.51 -20.59
N SER A 36 1.18 -2.42 -19.83
CA SER A 36 1.33 -1.04 -20.34
C SER A 36 2.78 -0.67 -20.72
N PRO A 37 2.97 0.38 -21.53
CA PRO A 37 4.32 0.78 -21.91
C PRO A 37 5.25 0.88 -20.71
N ASP A 38 4.70 1.32 -19.58
CA ASP A 38 5.46 1.45 -18.32
C ASP A 38 6.02 0.11 -17.79
N LEU A 39 5.24 -0.97 -17.85
CA LEU A 39 5.73 -2.26 -17.38
C LEU A 39 6.70 -2.89 -18.42
N VAL A 40 6.46 -2.61 -19.70
CA VAL A 40 7.31 -3.16 -20.74
C VAL A 40 8.73 -2.59 -20.55
N ALA A 41 8.78 -1.30 -20.26
CA ALA A 41 10.04 -0.64 -20.11
C ALA A 41 10.72 -1.09 -18.85
N HIS A 42 9.92 -1.43 -17.86
CA HIS A 42 10.48 -1.88 -16.60
C HIS A 42 11.16 -3.27 -16.78
N THR A 43 10.54 -4.17 -17.54
CA THR A 43 11.15 -5.45 -17.75
C THR A 43 12.40 -5.30 -18.60
N ALA A 44 12.41 -4.35 -19.53
CA ALA A 44 13.58 -4.10 -20.38
C ALA A 44 14.75 -3.49 -19.56
N ALA A 45 14.40 -2.86 -18.44
CA ALA A 45 15.41 -2.29 -17.58
C ALA A 45 16.09 -3.36 -16.70
N LEU A 46 15.59 -4.60 -16.64
CA LEU A 46 16.26 -5.59 -15.80
C LEU A 46 17.42 -6.18 -16.61
N ARG A 47 18.54 -5.47 -16.69
CA ARG A 47 19.63 -5.93 -17.53
C ARG A 47 20.39 -7.18 -17.12
N LEU A 48 20.76 -7.28 -15.87
CA LEU A 48 21.49 -8.43 -15.48
C LEU A 48 20.56 -9.61 -15.56
N TYR A 49 19.29 -9.46 -15.18
CA TYR A 49 18.29 -10.58 -15.22
C TYR A 49 18.11 -11.08 -16.66
N LEU A 50 18.38 -10.25 -17.64
CA LEU A 50 18.18 -10.72 -18.99
C LEU A 50 19.49 -11.25 -19.55
N ARG A 51 20.58 -10.90 -18.89
CA ARG A 51 21.89 -11.28 -19.33
C ARG A 51 22.35 -12.59 -18.77
N VAL A 52 22.15 -12.76 -17.47
CA VAL A 52 22.57 -13.93 -16.74
C VAL A 52 22.16 -15.27 -17.40
N PRO A 53 20.98 -15.34 -18.03
CA PRO A 53 20.64 -16.64 -18.65
C PRO A 53 21.65 -17.04 -19.72
N HIS A 54 22.38 -16.06 -20.23
CA HIS A 54 23.41 -16.31 -21.23
C HIS A 54 24.60 -16.98 -20.59
N PHE A 55 25.05 -16.42 -19.48
CA PHE A 55 26.17 -17.03 -18.78
C PHE A 55 25.73 -18.45 -18.39
N LEU A 56 24.51 -18.61 -17.88
CA LEU A 56 24.01 -19.90 -17.47
C LEU A 56 23.95 -21.01 -18.54
N THR A 57 23.91 -20.66 -19.81
CA THR A 57 23.77 -21.67 -20.83
C THR A 57 25.06 -21.83 -21.62
N GLU A 58 26.16 -21.31 -21.09
CA GLU A 58 27.44 -21.40 -21.78
C GLU A 58 27.99 -22.82 -22.00
N TRP A 59 27.43 -23.85 -21.38
CA TRP A 59 27.91 -25.19 -21.60
C TRP A 59 26.99 -25.79 -22.65
N THR A 60 26.15 -24.99 -23.29
CA THR A 60 25.24 -25.58 -24.28
C THR A 60 25.81 -25.49 -25.66
N THR A 61 26.20 -26.66 -26.19
CA THR A 61 26.85 -26.81 -27.51
C THR A 61 26.09 -26.19 -28.69
N ASP A 62 24.88 -26.68 -28.92
CA ASP A 62 24.05 -26.20 -30.01
C ASP A 62 23.57 -24.73 -29.80
N PRO A 63 23.97 -23.82 -30.71
CA PRO A 63 23.58 -22.41 -30.68
C PRO A 63 22.06 -22.13 -30.73
N ASP A 64 21.32 -23.01 -31.41
CA ASP A 64 19.88 -22.86 -31.50
C ASP A 64 19.19 -23.29 -30.21
N ARG A 65 19.65 -24.42 -29.67
CA ARG A 65 19.08 -24.85 -28.43
C ARG A 65 19.50 -23.77 -27.39
N ARG A 66 20.76 -23.33 -27.44
CA ARG A 66 21.25 -22.33 -26.49
C ARG A 66 20.42 -21.06 -26.45
N ALA A 67 20.01 -20.55 -27.61
CA ALA A 67 19.22 -19.30 -27.63
C ALA A 67 17.80 -19.48 -27.11
N ALA A 68 17.23 -20.68 -27.34
CA ALA A 68 15.88 -21.02 -26.89
C ALA A 68 15.85 -21.24 -25.37
N VAL A 69 16.90 -21.82 -24.82
CA VAL A 69 16.93 -22.05 -23.40
C VAL A 69 17.20 -20.78 -22.61
N SER A 70 18.04 -19.92 -23.19
CA SER A 70 18.42 -18.65 -22.58
C SER A 70 17.16 -17.76 -22.45
N ARG A 71 16.34 -17.72 -23.49
CA ARG A 71 15.17 -16.88 -23.39
C ARG A 71 14.04 -17.45 -22.54
N ALA A 72 13.90 -18.77 -22.53
CA ALA A 72 12.88 -19.42 -21.76
C ALA A 72 13.19 -19.11 -20.32
N LEU A 73 14.47 -19.16 -19.98
CA LEU A 73 14.90 -18.90 -18.62
C LEU A 73 14.71 -17.43 -18.30
N ALA A 74 14.96 -16.54 -19.26
CA ALA A 74 14.80 -15.11 -19.05
C ALA A 74 13.32 -14.83 -18.73
N LEU A 75 12.43 -15.55 -19.42
CA LEU A 75 11.03 -15.39 -19.18
C LEU A 75 10.75 -15.67 -17.69
N ASP A 76 11.24 -16.78 -17.14
CA ASP A 76 10.92 -17.02 -15.75
C ASP A 76 11.65 -16.16 -14.72
N ILE A 77 12.88 -15.72 -15.03
CA ILE A 77 13.62 -14.91 -14.10
C ILE A 77 12.92 -13.56 -13.95
N VAL A 78 12.56 -12.93 -15.07
CA VAL A 78 11.84 -11.63 -15.03
C VAL A 78 10.50 -11.88 -14.27
N SER A 79 9.83 -12.98 -14.59
CA SER A 79 8.59 -13.30 -13.94
C SER A 79 8.76 -13.28 -12.42
N MET A 80 9.76 -13.97 -11.90
CA MET A 80 9.97 -14.01 -10.45
C MET A 80 10.35 -12.65 -9.92
N LYS A 81 11.09 -11.87 -10.74
CA LYS A 81 11.49 -10.55 -10.34
C LYS A 81 10.23 -9.64 -10.29
N LEU A 82 9.22 -9.89 -11.13
CA LEU A 82 8.05 -9.07 -11.05
C LEU A 82 7.33 -9.51 -9.77
N LEU A 83 7.23 -10.81 -9.52
CA LEU A 83 6.56 -11.26 -8.30
C LEU A 83 7.12 -10.50 -7.11
N ASP A 84 8.46 -10.31 -7.10
CA ASP A 84 9.16 -9.62 -6.01
C ASP A 84 8.73 -8.15 -5.93
N ASP A 85 8.68 -7.47 -7.08
CA ASP A 85 8.29 -6.08 -7.09
C ASP A 85 6.82 -5.94 -6.65
N LEU A 86 6.04 -7.01 -6.88
CA LEU A 86 4.65 -7.04 -6.48
C LEU A 86 4.54 -7.18 -4.98
N MET A 87 5.46 -7.90 -4.32
CA MET A 87 5.30 -8.05 -2.89
C MET A 87 5.81 -6.82 -2.17
N ASP A 88 6.77 -6.13 -2.77
CA ASP A 88 7.30 -4.91 -2.16
C ASP A 88 6.46 -3.67 -2.38
N ASP A 89 5.62 -3.67 -3.41
CA ASP A 89 4.76 -2.52 -3.74
C ASP A 89 5.46 -1.18 -3.91
N ASP A 90 6.78 -1.20 -4.05
CA ASP A 90 7.55 0.01 -4.17
C ASP A 90 7.83 0.62 -5.59
N THR A 91 7.49 -0.10 -6.64
CA THR A 91 7.74 0.41 -7.97
C THR A 91 6.69 1.40 -8.49
N GLY A 92 5.56 1.54 -7.81
CA GLY A 92 4.61 2.46 -8.38
C GLY A 92 4.07 1.95 -9.72
N LEU A 93 4.28 0.67 -10.04
CA LEU A 93 3.75 0.05 -11.26
C LEU A 93 2.41 -0.57 -10.87
N ASP A 94 1.47 -0.68 -11.81
CA ASP A 94 0.15 -1.23 -11.50
C ASP A 94 0.25 -2.56 -10.78
N ARG A 95 -0.50 -2.73 -9.67
CA ARG A 95 -0.44 -4.00 -8.93
C ARG A 95 -1.03 -5.11 -9.73
N VAL A 96 -2.08 -4.81 -10.48
CA VAL A 96 -2.72 -5.83 -11.30
C VAL A 96 -1.88 -6.32 -12.45
N GLU A 97 -1.39 -5.39 -13.28
CA GLU A 97 -0.51 -5.76 -14.40
C GLU A 97 0.69 -6.61 -13.94
N LEU A 98 1.29 -6.23 -12.81
CA LEU A 98 2.40 -6.96 -12.25
C LEU A 98 2.02 -8.42 -12.05
N ALA A 99 0.97 -8.67 -11.29
CA ALA A 99 0.57 -10.03 -11.03
C ALA A 99 0.26 -10.81 -12.30
N CYS A 100 -0.57 -10.22 -13.13
CA CYS A 100 -1.01 -10.82 -14.36
C CYS A 100 0.10 -11.17 -15.32
N VAL A 101 1.02 -10.21 -15.49
CA VAL A 101 2.15 -10.42 -16.38
C VAL A 101 3.07 -11.45 -15.79
N CYS A 102 3.30 -11.34 -14.49
CA CYS A 102 4.13 -12.29 -13.78
C CYS A 102 3.64 -13.72 -14.03
N LEU A 103 2.35 -13.98 -13.84
CA LEU A 103 1.84 -15.31 -14.04
C LEU A 103 1.94 -15.69 -15.52
N ARG A 104 1.66 -14.74 -16.40
CA ARG A 104 1.71 -15.05 -17.83
C ARG A 104 3.11 -15.46 -18.30
N LEU A 105 4.11 -14.71 -17.83
CA LEU A 105 5.44 -15.02 -18.22
C LEU A 105 5.87 -16.35 -17.60
N HIS A 106 5.38 -16.62 -16.42
CA HIS A 106 5.78 -17.84 -15.77
C HIS A 106 5.20 -19.06 -16.53
N LEU A 107 3.95 -18.94 -16.95
CA LEU A 107 3.39 -20.09 -17.64
C LEU A 107 4.13 -20.30 -19.00
N ARG A 108 4.48 -19.22 -19.68
CA ARG A 108 5.17 -19.34 -20.94
C ARG A 108 6.53 -20.00 -20.75
N ALA A 109 7.21 -19.63 -19.68
CA ALA A 109 8.50 -20.22 -19.40
C ALA A 109 8.37 -21.71 -19.10
N LEU A 110 7.40 -22.12 -18.28
CA LEU A 110 7.33 -23.55 -18.00
C LEU A 110 7.06 -24.30 -19.31
N HIS A 111 6.29 -23.68 -20.15
CA HIS A 111 5.96 -24.30 -21.38
C HIS A 111 7.18 -24.43 -22.30
N GLU A 112 7.91 -23.35 -22.50
CA GLU A 112 9.06 -23.41 -23.35
C GLU A 112 10.09 -24.34 -22.75
N LEU A 113 10.40 -24.17 -21.48
CA LEU A 113 11.39 -25.05 -20.88
C LEU A 113 11.05 -26.50 -20.96
N GLU A 114 9.77 -26.83 -20.87
CA GLU A 114 9.39 -28.22 -20.91
C GLU A 114 9.51 -28.82 -22.27
N SER A 115 9.46 -27.97 -23.27
CA SER A 115 9.57 -28.46 -24.60
C SER A 115 11.00 -28.56 -25.02
N LEU A 116 11.92 -28.24 -24.13
CA LEU A 116 13.35 -28.27 -24.49
C LEU A 116 14.06 -29.27 -23.61
N ALA A 117 13.43 -29.62 -22.50
CA ALA A 117 14.00 -30.58 -21.56
C ALA A 117 14.02 -32.02 -22.10
N ARG A 118 15.11 -32.72 -21.81
CA ARG A 118 15.29 -34.13 -22.19
C ARG A 118 14.05 -34.85 -21.62
N ASP A 119 13.67 -34.45 -20.41
CA ASP A 119 12.49 -35.01 -19.76
C ASP A 119 11.70 -33.91 -19.06
N PRO A 120 10.50 -33.60 -19.58
CA PRO A 120 9.64 -32.56 -19.03
C PRO A 120 9.47 -32.56 -17.53
N LYS A 121 9.39 -33.74 -16.91
CA LYS A 121 9.22 -33.79 -15.46
C LYS A 121 10.39 -33.15 -14.71
N ALA A 122 11.58 -33.10 -15.29
CA ALA A 122 12.72 -32.46 -14.60
C ALA A 122 12.43 -31.01 -14.25
N VAL A 123 11.74 -30.31 -15.14
CA VAL A 123 11.47 -28.91 -14.91
C VAL A 123 10.79 -28.75 -13.59
N THR A 124 9.64 -29.39 -13.43
CA THR A 124 8.93 -29.26 -12.15
C THR A 124 9.65 -29.98 -10.99
N ASP A 125 10.44 -31.01 -11.26
CA ASP A 125 11.17 -31.65 -10.16
C ASP A 125 12.15 -30.66 -9.61
N ILE A 126 12.84 -29.95 -10.52
CA ILE A 126 13.84 -28.96 -10.15
C ILE A 126 13.18 -27.76 -9.45
N LEU A 127 11.98 -27.38 -9.89
CA LEU A 127 11.28 -26.24 -9.27
C LEU A 127 10.74 -26.55 -7.85
N GLU A 128 10.30 -27.79 -7.65
CA GLU A 128 9.75 -28.16 -6.37
C GLU A 128 10.79 -28.55 -5.37
N GLN A 129 11.90 -29.13 -5.85
CA GLN A 129 13.00 -29.63 -5.02
C GLN A 129 13.28 -28.76 -3.82
N ASP A 130 13.58 -27.49 -4.04
CA ASP A 130 13.86 -26.62 -2.92
C ASP A 130 12.99 -25.36 -2.92
N ALA A 131 11.72 -25.53 -3.32
CA ALA A 131 10.77 -24.42 -3.30
C ALA A 131 10.57 -23.85 -1.86
N VAL A 132 10.40 -24.75 -0.89
CA VAL A 132 10.26 -24.33 0.50
C VAL A 132 11.51 -23.56 0.88
N HIS A 133 12.67 -24.14 0.62
CA HIS A 133 13.90 -23.44 0.92
C HIS A 133 13.88 -22.03 0.39
N LEU A 134 13.54 -21.89 -0.89
CA LEU A 134 13.48 -20.57 -1.54
C LEU A 134 12.43 -19.65 -0.99
N CYS A 135 11.18 -20.12 -0.93
CA CYS A 135 10.08 -19.28 -0.44
C CYS A 135 10.19 -18.93 1.06
N GLY A 136 10.37 -19.93 1.90
CA GLY A 136 10.48 -19.64 3.31
C GLY A 136 11.68 -18.74 3.60
N GLY A 137 12.75 -18.89 2.84
CA GLY A 137 13.92 -18.04 3.04
C GLY A 137 13.59 -16.62 2.67
N GLN A 138 12.77 -16.46 1.63
CA GLN A 138 12.39 -15.15 1.21
C GLN A 138 11.53 -14.55 2.38
N ILE A 139 10.65 -15.34 2.99
CA ILE A 139 9.84 -14.83 4.07
C ILE A 139 10.74 -14.42 5.24
N ARG A 140 11.74 -15.26 5.53
CA ARG A 140 12.70 -15.03 6.62
C ARG A 140 13.47 -13.72 6.39
N THR A 141 14.07 -13.62 5.22
CA THR A 141 14.84 -12.47 4.76
C THR A 141 14.15 -11.14 4.94
N LYS A 142 12.89 -11.02 4.52
CA LYS A 142 12.20 -9.75 4.61
C LYS A 142 11.68 -9.56 6.00
N ARG A 143 11.40 -10.65 6.71
CA ARG A 143 10.90 -10.53 8.07
C ARG A 143 11.90 -9.84 8.97
N SER A 144 13.13 -10.35 8.96
CA SER A 144 14.19 -9.82 9.80
C SER A 144 15.41 -9.33 9.03
N ARG A 145 15.81 -8.08 9.22
CA ARG A 145 17.01 -7.56 8.58
C ARG A 145 18.23 -8.33 9.12
N ALA A 146 19.34 -8.25 8.42
CA ALA A 146 20.56 -8.94 8.80
C ALA A 146 21.34 -7.99 9.73
N THR A 147 22.17 -8.50 10.61
CA THR A 147 22.84 -7.59 11.51
C THR A 147 24.35 -7.72 11.37
N ASN A 148 24.77 -8.74 10.63
CA ASN A 148 26.19 -9.02 10.42
C ASN A 148 26.37 -9.87 9.18
N LEU A 149 27.60 -9.94 8.68
CA LEU A 149 27.88 -10.73 7.49
C LEU A 149 27.35 -12.18 7.53
N ARG A 150 27.35 -12.82 8.69
CA ARG A 150 26.89 -14.20 8.72
C ARG A 150 25.44 -14.30 8.31
N GLU A 151 24.61 -13.46 8.94
CA GLU A 151 23.18 -13.47 8.63
C GLU A 151 22.92 -12.97 7.22
N TRP A 152 23.61 -11.94 6.79
CA TRP A 152 23.37 -11.44 5.47
C TRP A 152 23.56 -12.54 4.46
N ARG A 153 24.72 -13.19 4.57
CA ARG A 153 25.11 -14.28 3.70
C ARG A 153 24.12 -15.48 3.72
N ALA A 154 23.58 -15.78 4.88
CA ALA A 154 22.60 -16.85 4.96
C ALA A 154 21.32 -16.38 4.25
N HIS A 155 20.87 -15.14 4.50
CA HIS A 155 19.66 -14.66 3.81
C HIS A 155 19.93 -14.67 2.28
N ALA A 156 21.10 -14.17 1.90
CA ALA A 156 21.46 -14.14 0.49
C ALA A 156 21.56 -15.54 -0.22
N SER A 157 21.90 -16.62 0.46
CA SER A 157 21.92 -17.90 -0.25
C SER A 157 20.54 -18.41 -0.63
N THR A 158 19.49 -17.72 -0.21
CA THR A 158 18.17 -18.16 -0.64
C THR A 158 17.68 -17.23 -1.73
N TYR A 159 17.49 -15.94 -1.48
CA TYR A 159 16.97 -15.08 -2.56
C TYR A 159 17.97 -14.88 -3.70
N GLY A 160 19.25 -15.01 -3.37
CA GLY A 160 20.29 -14.90 -4.36
C GLY A 160 20.74 -16.24 -4.92
N SER A 161 21.39 -17.05 -4.06
CA SER A 161 21.97 -18.34 -4.51
C SER A 161 21.00 -19.45 -4.96
N THR A 162 20.09 -19.88 -4.07
CA THR A 162 19.15 -20.91 -4.45
C THR A 162 18.29 -20.42 -5.66
N PHE A 163 17.90 -19.14 -5.66
CA PHE A 163 17.13 -18.58 -6.75
C PHE A 163 17.86 -18.84 -8.07
N LEU A 164 19.06 -18.29 -8.23
CA LEU A 164 19.80 -18.49 -9.48
C LEU A 164 20.13 -19.93 -9.72
N GLY A 165 20.57 -20.63 -8.66
CA GLY A 165 20.89 -22.06 -8.71
C GLY A 165 19.80 -22.92 -9.38
N ARG A 166 18.52 -22.57 -9.20
CA ARG A 166 17.44 -23.35 -9.82
C ARG A 166 17.48 -23.19 -11.33
N TYR A 167 17.82 -21.99 -11.77
CA TYR A 167 17.88 -21.76 -13.19
C TYR A 167 19.09 -22.47 -13.80
N GLY A 168 20.16 -22.63 -13.00
CA GLY A 168 21.35 -23.32 -13.48
C GLY A 168 20.96 -24.77 -13.68
N ALA A 169 20.37 -25.36 -12.63
CA ALA A 169 19.87 -26.72 -12.72
C ALA A 169 19.03 -26.82 -13.99
N LEU A 170 18.10 -25.89 -14.17
CA LEU A 170 17.27 -25.92 -15.35
C LEU A 170 18.03 -25.90 -16.70
N ALA A 171 18.99 -24.99 -16.84
CA ALA A 171 19.77 -24.88 -18.06
C ALA A 171 20.48 -26.20 -18.38
N ALA A 172 20.94 -26.86 -17.33
CA ALA A 172 21.65 -28.10 -17.46
C ALA A 172 20.71 -29.09 -18.05
N ALA A 173 19.52 -29.12 -17.51
CA ALA A 173 18.46 -30.04 -17.90
C ALA A 173 17.81 -29.88 -19.25
N CYS A 174 17.87 -28.68 -19.84
CA CYS A 174 17.28 -28.40 -21.15
C CYS A 174 18.43 -28.09 -22.06
N GLY A 175 19.63 -28.25 -21.55
CA GLY A 175 20.79 -27.91 -22.33
C GLY A 175 21.39 -29.06 -23.09
N GLY A 176 20.59 -30.08 -23.36
CA GLY A 176 21.13 -31.21 -24.11
C GLY A 176 22.14 -32.04 -23.34
N GLU A 177 22.93 -32.80 -24.10
CA GLU A 177 23.91 -33.72 -23.51
C GLU A 177 25.23 -33.12 -23.11
N GLY A 178 25.81 -33.79 -22.12
CA GLY A 178 27.09 -33.40 -21.59
C GLY A 178 27.06 -31.99 -21.05
N GLN A 179 26.34 -31.85 -19.95
CA GLN A 179 26.24 -30.58 -19.30
C GLN A 179 26.47 -31.09 -17.89
N PRO A 180 27.54 -30.67 -17.24
CA PRO A 180 27.85 -31.11 -15.87
C PRO A 180 26.89 -30.42 -14.94
N ALA A 181 25.73 -31.02 -14.72
CA ALA A 181 24.67 -30.40 -13.92
C ALA A 181 25.02 -29.84 -12.55
N ASP A 182 25.82 -30.54 -11.76
CA ASP A 182 26.18 -29.98 -10.46
C ASP A 182 27.07 -28.75 -10.60
N SER A 183 27.95 -28.78 -11.60
CA SER A 183 28.83 -27.67 -11.83
C SER A 183 28.10 -26.42 -12.36
N VAL A 184 27.17 -26.54 -13.30
CA VAL A 184 26.48 -25.35 -13.79
C VAL A 184 25.79 -24.66 -12.60
N ARG A 185 25.23 -25.47 -11.72
CA ARG A 185 24.58 -25.02 -10.53
C ARG A 185 25.57 -24.39 -9.56
N GLU A 186 26.73 -25.01 -9.30
CA GLU A 186 27.65 -24.33 -8.36
C GLU A 186 28.06 -22.94 -8.90
N PHE A 187 28.17 -22.80 -10.22
CA PHE A 187 28.53 -21.52 -10.79
C PHE A 187 27.37 -20.58 -10.53
N ALA A 188 26.17 -21.07 -10.83
CA ALA A 188 24.98 -20.28 -10.67
C ALA A 188 24.87 -19.69 -9.26
N GLU A 189 25.05 -20.53 -8.24
CA GLU A 189 24.92 -20.04 -6.87
C GLU A 189 26.03 -19.11 -6.44
N ALA A 190 27.25 -19.37 -6.89
CA ALA A 190 28.33 -18.49 -6.46
C ALA A 190 28.18 -17.14 -7.19
N PHE A 191 28.04 -17.19 -8.50
CA PHE A 191 27.94 -15.98 -9.25
C PHE A 191 26.73 -15.14 -8.76
N ALA A 192 25.62 -15.82 -8.54
CA ALA A 192 24.46 -15.13 -8.07
C ALA A 192 24.77 -14.31 -6.83
N MET A 193 25.52 -14.88 -5.88
CA MET A 193 25.84 -14.14 -4.66
C MET A 193 26.74 -12.94 -4.90
N THR A 194 27.68 -13.05 -5.84
CA THR A 194 28.57 -11.94 -6.16
C THR A 194 27.70 -10.76 -6.70
N ILE A 195 26.79 -11.05 -7.65
CA ILE A 195 25.98 -9.99 -8.20
C ILE A 195 24.88 -9.55 -7.24
N THR A 196 24.51 -10.40 -6.31
CA THR A 196 23.51 -9.99 -5.34
C THR A 196 24.14 -8.98 -4.42
N MET A 197 25.43 -9.09 -4.15
CA MET A 197 26.10 -8.15 -3.27
C MET A 197 26.21 -6.87 -4.01
N ALA A 198 26.54 -7.01 -5.29
CA ALA A 198 26.76 -5.88 -6.15
C ALA A 198 25.53 -4.99 -6.17
N ASP A 199 24.38 -5.62 -6.21
CA ASP A 199 23.15 -4.87 -6.25
C ASP A 199 22.81 -4.24 -4.89
N ASP A 200 23.08 -5.00 -3.86
CA ASP A 200 22.83 -4.55 -2.51
C ASP A 200 23.71 -3.32 -2.26
N LEU A 201 24.91 -3.30 -2.85
CA LEU A 201 25.81 -2.17 -2.63
C LEU A 201 25.60 -1.06 -3.63
N THR A 202 24.79 -1.31 -4.68
CA THR A 202 24.49 -0.29 -5.71
C THR A 202 23.19 0.43 -5.36
N ASP A 203 23.29 1.74 -5.20
CA ASP A 203 22.16 2.61 -4.90
C ASP A 203 21.75 3.33 -6.20
N TYR A 204 20.45 3.40 -6.45
CA TYR A 204 19.98 4.05 -7.66
C TYR A 204 19.12 5.27 -7.35
N ASP A 205 18.79 5.53 -6.08
CA ASP A 205 17.98 6.70 -5.72
C ASP A 205 16.50 6.56 -6.18
N ARG A 206 16.08 5.42 -6.72
CA ARG A 206 14.71 5.29 -7.21
C ARG A 206 13.61 5.14 -6.14
N ASN A 207 12.98 6.30 -5.85
CA ASN A 207 11.92 6.50 -4.86
C ASN A 207 12.20 6.11 -3.40
N GLY A 208 11.37 5.22 -2.85
CA GLY A 208 11.57 4.81 -1.46
C GLY A 208 12.52 3.64 -1.34
N GLU A 209 13.61 3.69 -2.09
CA GLU A 209 14.60 2.62 -2.07
C GLU A 209 15.57 2.86 -0.92
N ARG A 210 15.47 2.07 0.15
CA ARG A 210 16.36 2.26 1.30
C ARG A 210 17.72 1.56 1.13
N ASP A 211 18.73 2.11 1.80
CA ASP A 211 20.10 1.59 1.75
C ASP A 211 20.05 0.07 1.64
N GLY A 212 21.02 -0.51 0.94
CA GLY A 212 21.07 -1.96 0.85
C GLY A 212 21.59 -2.47 2.19
N ASN A 213 20.87 -3.40 2.79
CA ASN A 213 21.25 -4.00 4.07
C ASN A 213 22.79 -4.11 4.26
N LEU A 214 23.46 -4.89 3.42
CA LEU A 214 24.89 -5.02 3.56
C LEU A 214 25.61 -3.69 3.53
N ALA A 215 25.23 -2.80 2.63
CA ALA A 215 25.85 -1.47 2.52
C ALA A 215 25.70 -0.73 3.86
N HIS A 216 24.53 -0.91 4.47
CA HIS A 216 24.25 -0.29 5.75
C HIS A 216 25.16 -0.93 6.77
N LEU A 217 25.16 -2.26 6.85
CA LEU A 217 26.05 -2.91 7.79
C LEU A 217 27.52 -2.45 7.59
N MET A 218 27.93 -2.17 6.36
CA MET A 218 29.31 -1.74 6.17
C MET A 218 29.55 -0.31 6.74
N ARG A 219 28.69 0.64 6.35
CA ARG A 219 28.77 2.02 6.82
C ARG A 219 28.61 2.10 8.37
N THR A 220 27.76 1.25 8.97
CA THR A 220 27.58 1.19 10.43
C THR A 220 28.85 0.68 11.14
N GLY A 221 29.54 -0.28 10.52
CA GLY A 221 30.74 -0.85 11.09
C GLY A 221 30.44 -2.22 11.63
N ALA A 222 29.17 -2.60 11.55
CA ALA A 222 28.73 -3.91 11.99
C ALA A 222 29.36 -4.99 11.06
N VAL A 223 29.68 -4.62 9.83
CA VAL A 223 30.33 -5.57 8.96
C VAL A 223 31.68 -5.02 8.59
N ALA A 224 32.67 -5.90 8.81
CA ALA A 224 34.08 -5.63 8.53
C ALA A 224 34.42 -5.54 7.05
N GLY A 225 35.07 -4.46 6.64
CA GLY A 225 35.45 -4.34 5.25
C GLY A 225 36.20 -5.55 4.71
N GLN A 226 37.28 -5.95 5.37
CA GLN A 226 38.08 -7.08 4.88
C GLN A 226 37.26 -8.34 4.77
N ASP A 227 36.30 -8.44 5.68
CA ASP A 227 35.47 -9.61 5.68
C ASP A 227 34.62 -9.75 4.46
N VAL A 228 34.28 -8.62 3.84
CA VAL A 228 33.45 -8.63 2.67
C VAL A 228 34.36 -9.05 1.53
N VAL A 229 35.56 -8.46 1.53
CA VAL A 229 36.56 -8.77 0.55
C VAL A 229 36.82 -10.26 0.53
N ASP A 230 36.91 -10.86 1.71
CA ASP A 230 37.18 -12.29 1.76
C ASP A 230 36.09 -13.15 1.16
N LEU A 231 34.84 -12.81 1.48
CA LEU A 231 33.67 -13.49 0.94
C LEU A 231 33.69 -13.37 -0.61
N LEU A 232 33.96 -12.18 -1.10
CA LEU A 232 34.00 -11.93 -2.52
C LEU A 232 34.98 -12.85 -3.19
N GLU A 233 36.10 -13.01 -2.53
CA GLU A 233 37.14 -13.85 -3.04
C GLU A 233 36.75 -15.32 -2.96
N GLU A 234 36.06 -15.69 -1.88
CA GLU A 234 35.63 -17.07 -1.75
C GLU A 234 34.65 -17.38 -2.88
N LEU A 235 33.80 -16.42 -3.21
CA LEU A 235 32.83 -16.60 -4.27
C LEU A 235 33.46 -16.63 -5.66
N ARG A 236 34.61 -15.95 -5.82
CA ARG A 236 35.26 -15.93 -7.11
C ARG A 236 35.87 -17.30 -7.29
N GLY A 237 36.54 -17.80 -6.25
CA GLY A 237 37.13 -19.11 -6.33
C GLY A 237 36.10 -20.20 -6.54
N ARG A 238 34.98 -20.09 -5.84
CA ARG A 238 33.97 -21.11 -5.99
C ARG A 238 33.48 -21.19 -7.43
N ALA A 239 33.30 -20.03 -8.04
CA ALA A 239 32.81 -20.03 -9.41
C ALA A 239 33.84 -20.43 -10.44
N LEU A 240 35.09 -19.99 -10.26
CA LEU A 240 36.14 -20.37 -11.18
C LEU A 240 36.27 -21.90 -11.14
N ALA A 241 36.20 -22.45 -9.93
CA ALA A 241 36.27 -23.91 -9.78
C ALA A 241 35.11 -24.54 -10.51
N ALA A 242 33.93 -23.97 -10.38
CA ALA A 242 32.81 -24.55 -11.05
C ALA A 242 33.01 -24.58 -12.57
N VAL A 243 33.51 -23.51 -13.16
CA VAL A 243 33.69 -23.51 -14.62
C VAL A 243 34.95 -24.17 -15.16
N ALA A 244 35.76 -24.70 -14.25
CA ALA A 244 36.98 -25.41 -14.63
C ALA A 244 36.66 -26.92 -14.73
N ALA A 245 35.68 -27.36 -13.95
CA ALA A 245 35.27 -28.74 -13.96
C ALA A 245 34.88 -29.14 -15.39
N PRO A 246 35.42 -30.27 -15.89
CA PRO A 246 35.10 -30.70 -17.25
C PRO A 246 33.65 -30.97 -17.48
N PRO A 247 33.19 -30.74 -18.70
CA PRO A 247 33.90 -30.26 -19.89
C PRO A 247 34.40 -28.82 -19.82
N GLY A 248 33.91 -28.05 -18.86
CA GLY A 248 34.39 -26.69 -18.75
C GLY A 248 33.68 -25.64 -19.59
N ALA A 249 33.70 -24.41 -19.07
CA ALA A 249 33.10 -23.26 -19.72
C ALA A 249 34.14 -22.13 -19.54
N PRO A 250 35.34 -22.32 -20.11
CA PRO A 250 36.40 -21.32 -19.99
C PRO A 250 35.93 -19.90 -20.32
N GLY A 251 34.95 -19.80 -21.19
CA GLY A 251 34.39 -18.51 -21.52
C GLY A 251 33.79 -17.70 -20.36
N LEU A 252 33.42 -18.35 -19.27
CA LEU A 252 32.89 -17.61 -18.11
C LEU A 252 34.02 -17.08 -17.23
N VAL A 253 35.25 -17.48 -17.52
CA VAL A 253 36.32 -17.09 -16.60
C VAL A 253 36.41 -15.60 -16.46
N PRO A 254 36.64 -14.86 -17.55
CA PRO A 254 36.71 -13.39 -17.48
C PRO A 254 35.41 -12.74 -16.91
N VAL A 255 34.26 -13.41 -17.12
CA VAL A 255 33.01 -12.89 -16.60
C VAL A 255 33.02 -12.87 -15.07
N VAL A 256 33.46 -13.99 -14.49
CA VAL A 256 33.55 -14.10 -13.04
C VAL A 256 34.45 -12.97 -12.54
N HIS A 257 35.55 -12.74 -13.25
CA HIS A 257 36.49 -11.69 -12.87
C HIS A 257 35.92 -10.25 -13.04
N LEU A 258 35.21 -10.02 -14.15
CA LEU A 258 34.60 -8.74 -14.42
C LEU A 258 33.72 -8.32 -13.26
N TYR A 259 32.84 -9.22 -12.86
CA TYR A 259 31.92 -8.90 -11.81
C TYR A 259 32.53 -8.92 -10.44
N THR A 260 33.39 -9.88 -10.13
CA THR A 260 33.97 -9.84 -8.81
C THR A 260 34.87 -8.61 -8.70
N ASP A 261 35.70 -8.33 -9.71
CA ASP A 261 36.56 -7.15 -9.62
C ASP A 261 35.81 -5.81 -9.64
N ASP A 262 34.58 -5.80 -10.18
CA ASP A 262 33.79 -4.57 -10.19
C ASP A 262 33.41 -4.20 -8.75
N VAL A 263 32.86 -5.16 -8.02
CA VAL A 263 32.50 -4.92 -6.64
C VAL A 263 33.72 -4.55 -5.77
N LEU A 264 34.87 -5.21 -5.98
CA LEU A 264 36.05 -4.88 -5.19
C LEU A 264 36.52 -3.48 -5.50
N VAL A 265 36.73 -3.15 -6.77
CA VAL A 265 37.25 -1.82 -7.18
C VAL A 265 36.29 -0.61 -7.10
N ARG A 266 35.09 -0.76 -7.63
CA ARG A 266 34.13 0.34 -7.63
C ARG A 266 33.08 0.33 -6.49
N LEU A 267 32.45 -0.79 -6.18
CA LEU A 267 31.44 -0.74 -5.12
C LEU A 267 31.95 -0.66 -3.66
N LEU A 268 32.93 -1.43 -3.24
CA LEU A 268 33.33 -1.31 -1.85
C LEU A 268 33.75 0.10 -1.45
N PRO A 269 34.59 0.75 -2.24
CA PRO A 269 34.97 2.09 -1.79
C PRO A 269 33.82 3.02 -1.51
N ARG A 270 32.65 2.75 -2.07
CA ARG A 270 31.51 3.63 -1.81
C ARG A 270 30.96 3.43 -0.38
N HIS A 271 31.40 2.37 0.32
CA HIS A 271 30.83 2.10 1.63
C HIS A 271 31.80 1.96 2.73
N LEU A 272 33.07 2.32 2.55
CA LEU A 272 33.98 2.19 3.68
C LEU A 272 33.44 3.19 4.80
N GLY A 273 32.80 2.65 5.87
CA GLY A 273 32.22 3.45 6.97
C GLY A 273 33.19 3.90 8.05
N VAL B 9 -26.32 -37.97 1.77
CA VAL B 9 -25.98 -38.47 3.14
C VAL B 9 -24.79 -39.46 3.11
N ASP B 10 -24.33 -39.77 1.90
CA ASP B 10 -23.19 -40.66 1.69
C ASP B 10 -22.20 -40.00 0.73
N ASP B 11 -22.74 -39.33 -0.27
CA ASP B 11 -21.91 -38.62 -1.20
C ASP B 11 -21.49 -37.38 -0.46
N ASP B 12 -22.44 -36.79 0.27
CA ASP B 12 -22.19 -35.60 1.05
C ASP B 12 -21.02 -35.89 1.98
N ASP B 13 -20.83 -37.17 2.26
CA ASP B 13 -19.73 -37.60 3.10
C ASP B 13 -18.41 -37.57 2.35
N LYS B 14 -18.43 -38.05 1.11
CA LYS B 14 -17.24 -38.08 0.31
C LYS B 14 -16.72 -36.68 0.11
N MET B 15 -17.66 -35.76 -0.15
CA MET B 15 -17.37 -34.32 -0.33
C MET B 15 -16.76 -33.74 0.97
N LEU B 16 -17.45 -33.95 2.09
CA LEU B 16 -16.94 -33.45 3.34
C LEU B 16 -15.53 -33.99 3.56
N ALA B 17 -15.27 -35.22 3.15
CA ALA B 17 -13.93 -35.79 3.37
C ALA B 17 -12.88 -35.12 2.47
N ALA B 18 -13.19 -35.00 1.18
CA ALA B 18 -12.27 -34.41 0.22
C ALA B 18 -12.02 -33.02 0.70
N GLU B 19 -13.06 -32.35 1.17
CA GLU B 19 -12.84 -30.96 1.59
C GLU B 19 -11.88 -30.78 2.78
N ALA B 20 -11.88 -31.73 3.70
CA ALA B 20 -11.01 -31.63 4.85
C ALA B 20 -9.62 -32.03 4.41
N ALA B 21 -9.57 -33.02 3.52
CA ALA B 21 -8.31 -33.52 3.00
C ALA B 21 -7.58 -32.39 2.28
N ASN B 22 -8.32 -31.74 1.40
CA ASN B 22 -7.76 -30.67 0.63
C ASN B 22 -7.33 -29.56 1.54
N ARG B 23 -8.13 -29.26 2.54
CA ARG B 23 -7.80 -28.20 3.49
C ARG B 23 -6.52 -28.51 4.21
N ASP B 24 -6.42 -29.72 4.74
CA ASP B 24 -5.25 -30.07 5.52
C ASP B 24 -4.02 -30.07 4.73
N HIS B 25 -4.14 -30.46 3.47
CA HIS B 25 -3.00 -30.51 2.57
C HIS B 25 -2.41 -29.09 2.34
N VAL B 26 -3.32 -28.14 2.04
CA VAL B 26 -3.04 -26.75 1.79
C VAL B 26 -2.50 -26.08 3.02
N THR B 27 -3.18 -26.25 4.17
CA THR B 27 -2.67 -25.56 5.36
C THR B 27 -1.30 -26.08 5.84
N ARG B 28 -1.11 -27.40 5.73
CA ARG B 28 0.14 -28.03 6.13
C ARG B 28 1.31 -27.42 5.30
N CYS B 29 0.99 -27.21 4.04
CA CYS B 29 1.88 -26.68 3.07
C CYS B 29 2.19 -25.24 3.31
N VAL B 30 1.16 -24.44 3.59
CA VAL B 30 1.36 -23.04 3.83
C VAL B 30 2.18 -22.84 5.09
N ALA B 31 2.02 -23.75 6.04
CA ALA B 31 2.77 -23.59 7.27
C ALA B 31 4.24 -23.98 7.07
N GLN B 32 4.50 -25.11 6.41
CA GLN B 32 5.87 -25.56 6.23
C GLN B 32 6.69 -24.50 5.55
N THR B 33 6.03 -23.76 4.67
CA THR B 33 6.73 -22.76 3.92
C THR B 33 6.95 -21.48 4.63
N GLY B 34 6.40 -21.36 5.81
CA GLY B 34 6.59 -20.15 6.59
C GLY B 34 5.45 -19.16 6.79
N GLY B 35 4.28 -19.42 6.23
CA GLY B 35 3.20 -18.45 6.44
C GLY B 35 2.72 -18.34 7.87
N SER B 36 2.46 -17.13 8.31
CA SER B 36 1.96 -16.82 9.67
C SER B 36 0.59 -17.43 9.93
N PRO B 37 0.26 -17.69 11.21
CA PRO B 37 -1.05 -18.28 11.57
C PRO B 37 -2.26 -17.61 10.92
N ASP B 38 -2.09 -16.36 10.60
CA ASP B 38 -3.08 -15.52 9.91
C ASP B 38 -3.40 -16.06 8.50
N LEU B 39 -2.34 -16.27 7.74
CA LEU B 39 -2.45 -16.75 6.39
C LEU B 39 -2.85 -18.22 6.39
N VAL B 40 -2.45 -18.98 7.40
CA VAL B 40 -2.88 -20.35 7.42
C VAL B 40 -4.39 -20.40 7.69
N ALA B 41 -4.87 -19.41 8.44
CA ALA B 41 -6.31 -19.35 8.71
C ALA B 41 -7.07 -18.94 7.43
N HIS B 42 -6.56 -17.93 6.75
CA HIS B 42 -7.14 -17.41 5.55
C HIS B 42 -7.33 -18.46 4.48
N THR B 43 -6.29 -19.27 4.20
CA THR B 43 -6.43 -20.31 3.18
C THR B 43 -7.47 -21.31 3.64
N ALA B 44 -7.53 -21.52 4.95
CA ALA B 44 -8.51 -22.45 5.50
C ALA B 44 -9.93 -21.90 5.28
N ALA B 45 -10.04 -20.59 5.27
CA ALA B 45 -11.33 -19.99 5.06
C ALA B 45 -11.79 -20.05 3.61
N LEU B 46 -10.98 -20.61 2.73
CA LEU B 46 -11.42 -20.67 1.34
C LEU B 46 -12.26 -21.95 1.05
N ARG B 47 -13.41 -22.03 1.70
CA ARG B 47 -14.27 -23.21 1.62
C ARG B 47 -14.57 -23.81 0.29
N LEU B 48 -15.27 -23.02 -0.52
CA LEU B 48 -15.70 -23.36 -1.88
C LEU B 48 -14.50 -23.73 -2.76
N TYR B 49 -13.43 -22.97 -2.58
CA TYR B 49 -12.20 -23.13 -3.31
C TYR B 49 -11.62 -24.51 -3.00
N LEU B 50 -11.65 -24.90 -1.74
CA LEU B 50 -11.08 -26.17 -1.38
C LEU B 50 -11.97 -27.37 -1.75
N ARG B 51 -13.27 -27.09 -1.81
CA ARG B 51 -14.30 -28.07 -2.08
C ARG B 51 -14.48 -28.40 -3.54
N VAL B 52 -14.39 -27.38 -4.38
CA VAL B 52 -14.64 -27.57 -5.80
C VAL B 52 -13.76 -28.58 -6.52
N PRO B 53 -12.52 -28.81 -6.04
CA PRO B 53 -11.65 -29.77 -6.69
C PRO B 53 -12.31 -31.17 -6.57
N HIS B 54 -13.21 -31.32 -5.59
CA HIS B 54 -13.91 -32.58 -5.46
C HIS B 54 -14.87 -32.75 -6.66
N PHE B 55 -15.71 -31.74 -6.94
CA PHE B 55 -16.65 -31.88 -8.05
C PHE B 55 -15.95 -32.02 -9.38
N LEU B 56 -14.76 -31.46 -9.53
CA LEU B 56 -14.04 -31.56 -10.81
C LEU B 56 -13.45 -32.97 -11.00
N THR B 57 -13.15 -33.64 -9.89
CA THR B 57 -12.59 -34.96 -9.91
C THR B 57 -13.64 -36.11 -9.92
N GLU B 58 -14.91 -35.73 -9.98
CA GLU B 58 -16.01 -36.69 -9.99
C GLU B 58 -16.01 -37.78 -11.11
N TRP B 59 -15.22 -37.67 -12.16
CA TRP B 59 -15.27 -38.71 -13.18
C TRP B 59 -14.12 -39.67 -12.95
N THR B 60 -13.41 -39.47 -11.89
CA THR B 60 -12.25 -40.29 -11.65
C THR B 60 -12.59 -41.55 -10.96
N THR B 61 -12.61 -42.65 -11.73
CA THR B 61 -13.00 -43.95 -11.18
C THR B 61 -12.14 -44.46 -10.02
N ASP B 62 -10.82 -44.26 -10.07
CA ASP B 62 -9.95 -44.71 -8.96
C ASP B 62 -9.81 -43.72 -7.77
N PRO B 63 -10.42 -44.04 -6.62
CA PRO B 63 -10.40 -43.22 -5.40
C PRO B 63 -9.10 -42.60 -4.90
N ASP B 64 -7.95 -43.24 -5.16
CA ASP B 64 -6.69 -42.67 -4.68
C ASP B 64 -6.14 -41.67 -5.65
N ARG B 65 -6.37 -41.92 -6.94
CA ARG B 65 -5.94 -40.99 -7.94
C ARG B 65 -6.82 -39.77 -7.63
N ARG B 66 -8.11 -39.99 -7.43
CA ARG B 66 -9.01 -38.89 -7.12
C ARG B 66 -8.57 -38.01 -5.93
N ALA B 67 -8.19 -38.64 -4.82
CA ALA B 67 -7.79 -37.86 -3.66
C ALA B 67 -6.60 -37.04 -4.02
N ALA B 68 -5.69 -37.64 -4.79
CA ALA B 68 -4.46 -36.96 -5.18
C ALA B 68 -4.69 -35.76 -6.11
N VAL B 69 -5.54 -35.96 -7.12
CA VAL B 69 -5.82 -34.91 -8.07
C VAL B 69 -6.57 -33.79 -7.42
N SER B 70 -7.54 -34.14 -6.59
CA SER B 70 -8.33 -33.15 -5.90
C SER B 70 -7.44 -32.20 -5.06
N ARG B 71 -6.46 -32.74 -4.39
CA ARG B 71 -5.66 -31.89 -3.58
C ARG B 71 -4.68 -31.09 -4.39
N ALA B 72 -4.10 -31.65 -5.45
CA ALA B 72 -3.17 -30.87 -6.29
C ALA B 72 -3.94 -29.66 -6.78
N LEU B 73 -5.10 -29.93 -7.36
CA LEU B 73 -5.93 -28.86 -7.84
C LEU B 73 -6.20 -27.85 -6.71
N ALA B 74 -6.40 -28.34 -5.49
CA ALA B 74 -6.66 -27.42 -4.38
C ALA B 74 -5.50 -26.46 -4.16
N LEU B 75 -4.29 -27.00 -4.24
CA LEU B 75 -3.09 -26.24 -4.04
C LEU B 75 -3.01 -25.10 -5.04
N ASP B 76 -3.27 -25.37 -6.32
CA ASP B 76 -3.16 -24.29 -7.31
C ASP B 76 -4.27 -23.26 -7.24
N ILE B 77 -5.49 -23.70 -6.96
CA ILE B 77 -6.60 -22.78 -6.89
C ILE B 77 -6.33 -21.76 -5.77
N VAL B 78 -5.88 -22.26 -4.63
CA VAL B 78 -5.59 -21.39 -3.50
C VAL B 78 -4.42 -20.47 -3.87
N SER B 79 -3.41 -21.06 -4.50
CA SER B 79 -2.31 -20.25 -4.94
C SER B 79 -2.83 -19.10 -5.81
N MET B 80 -3.71 -19.40 -6.75
CA MET B 80 -4.20 -18.34 -7.61
C MET B 80 -5.03 -17.35 -6.85
N LYS B 81 -5.76 -17.82 -5.85
CA LYS B 81 -6.56 -16.87 -5.09
C LYS B 81 -5.61 -15.95 -4.35
N LEU B 82 -4.51 -16.52 -3.85
CA LEU B 82 -3.53 -15.72 -3.10
C LEU B 82 -2.90 -14.64 -3.98
N LEU B 83 -2.65 -14.96 -5.23
CA LEU B 83 -2.07 -13.98 -6.12
C LEU B 83 -3.10 -12.87 -6.36
N ASP B 84 -4.38 -13.25 -6.46
CA ASP B 84 -5.44 -12.25 -6.62
C ASP B 84 -5.49 -11.33 -5.38
N ASP B 85 -5.48 -11.94 -4.18
CA ASP B 85 -5.49 -11.16 -2.96
C ASP B 85 -4.26 -10.29 -2.96
N LEU B 86 -3.14 -10.84 -3.45
CA LEU B 86 -1.92 -10.05 -3.49
C LEU B 86 -2.07 -8.84 -4.43
N MET B 87 -2.79 -8.95 -5.55
CA MET B 87 -2.96 -7.78 -6.42
C MET B 87 -3.95 -6.74 -5.86
N ASP B 88 -4.90 -7.21 -5.05
CA ASP B 88 -5.85 -6.31 -4.40
C ASP B 88 -5.29 -5.69 -3.11
N ASP B 89 -4.45 -6.42 -2.37
CA ASP B 89 -3.86 -5.83 -1.18
C ASP B 89 -4.91 -5.32 -0.18
N ASP B 90 -6.09 -5.93 -0.21
CA ASP B 90 -7.18 -5.54 0.69
C ASP B 90 -7.40 -6.50 1.85
N THR B 91 -6.61 -7.54 1.90
CA THR B 91 -6.73 -8.57 2.91
C THR B 91 -6.16 -8.27 4.31
N GLY B 92 -5.26 -7.31 4.43
CA GLY B 92 -4.64 -7.09 5.72
C GLY B 92 -3.45 -8.04 5.93
N LEU B 93 -3.36 -9.08 5.11
CA LEU B 93 -2.28 -10.07 5.16
C LEU B 93 -0.97 -9.52 4.70
N ASP B 94 0.14 -10.07 5.19
CA ASP B 94 1.48 -9.60 4.80
C ASP B 94 1.79 -9.98 3.33
N ARG B 95 2.13 -8.98 2.50
CA ARG B 95 2.39 -9.21 1.08
C ARG B 95 3.51 -10.19 0.83
N VAL B 96 4.56 -10.12 1.62
CA VAL B 96 5.64 -11.07 1.41
C VAL B 96 5.13 -12.47 1.55
N GLU B 97 4.49 -12.78 2.67
CA GLU B 97 3.99 -14.14 2.90
C GLU B 97 3.03 -14.60 1.84
N LEU B 98 2.17 -13.68 1.41
CA LEU B 98 1.18 -14.00 0.37
C LEU B 98 1.91 -14.44 -0.88
N ALA B 99 2.84 -13.60 -1.35
CA ALA B 99 3.64 -13.86 -2.55
C ALA B 99 4.38 -15.21 -2.42
N CYS B 100 5.15 -15.35 -1.36
CA CYS B 100 5.92 -16.56 -1.14
C CYS B 100 5.12 -17.81 -1.00
N VAL B 101 4.04 -17.73 -0.23
CA VAL B 101 3.27 -18.94 -0.06
C VAL B 101 2.57 -19.26 -1.37
N CYS B 102 2.25 -18.21 -2.11
CA CYS B 102 1.61 -18.30 -3.41
C CYS B 102 2.52 -19.12 -4.34
N LEU B 103 3.75 -18.66 -4.55
CA LEU B 103 4.62 -19.39 -5.41
C LEU B 103 4.81 -20.84 -4.95
N ARG B 104 5.07 -21.02 -3.66
CA ARG B 104 5.35 -22.36 -3.13
C ARG B 104 4.26 -23.32 -3.46
N LEU B 105 3.04 -22.92 -3.18
CA LEU B 105 1.89 -23.75 -3.46
C LEU B 105 1.77 -24.15 -4.93
N HIS B 106 1.93 -23.16 -5.80
CA HIS B 106 1.85 -23.38 -7.24
C HIS B 106 2.92 -24.43 -7.70
N LEU B 107 4.14 -24.29 -7.16
CA LEU B 107 5.17 -25.20 -7.54
C LEU B 107 4.74 -26.56 -7.06
N ARG B 108 4.32 -26.66 -5.81
CA ARG B 108 3.93 -27.99 -5.36
C ARG B 108 2.78 -28.49 -6.23
N ALA B 109 1.82 -27.64 -6.53
CA ALA B 109 0.73 -28.04 -7.39
C ALA B 109 1.26 -28.64 -8.70
N LEU B 110 2.17 -27.92 -9.39
CA LEU B 110 2.72 -28.38 -10.67
C LEU B 110 3.29 -29.79 -10.58
N HIS B 111 4.18 -29.99 -9.62
CA HIS B 111 4.78 -31.29 -9.42
C HIS B 111 3.76 -32.39 -9.19
N GLU B 112 2.80 -32.18 -8.30
CA GLU B 112 1.84 -33.25 -8.04
C GLU B 112 0.96 -33.54 -9.25
N LEU B 113 0.51 -32.53 -9.96
CA LEU B 113 -0.34 -32.77 -11.12
C LEU B 113 0.40 -33.49 -12.24
N GLU B 114 1.66 -33.15 -12.46
CA GLU B 114 2.42 -33.76 -13.53
C GLU B 114 2.72 -35.19 -13.24
N SER B 115 2.64 -35.57 -11.99
CA SER B 115 2.94 -36.94 -11.62
C SER B 115 1.83 -37.86 -11.95
N LEU B 116 0.63 -37.29 -12.09
CA LEU B 116 -0.56 -38.09 -12.35
C LEU B 116 -1.10 -37.88 -13.74
N ALA B 117 -0.45 -36.99 -14.46
CA ALA B 117 -0.87 -36.66 -15.81
C ALA B 117 -0.70 -37.77 -16.84
N ARG B 118 -1.63 -37.83 -17.81
CA ARG B 118 -1.59 -38.84 -18.87
C ARG B 118 -0.36 -38.68 -19.77
N ASP B 119 0.07 -37.43 -19.98
CA ASP B 119 1.22 -37.16 -20.82
C ASP B 119 2.09 -36.08 -20.17
N PRO B 120 3.40 -36.26 -20.21
CA PRO B 120 4.30 -35.27 -19.60
C PRO B 120 4.07 -33.78 -19.90
N LYS B 121 3.56 -33.43 -21.07
CA LYS B 121 3.39 -32.02 -21.32
C LYS B 121 1.97 -31.48 -21.18
N ALA B 122 0.99 -32.33 -20.90
CA ALA B 122 -0.40 -31.88 -20.75
C ALA B 122 -0.63 -30.70 -19.82
N VAL B 123 -0.09 -30.82 -18.61
CA VAL B 123 -0.25 -29.80 -17.62
C VAL B 123 0.25 -28.42 -18.09
N THR B 124 1.51 -28.29 -18.49
CA THR B 124 1.98 -26.98 -18.94
C THR B 124 1.28 -26.47 -20.17
N ASP B 125 0.75 -27.41 -20.98
CA ASP B 125 0.00 -27.17 -22.22
C ASP B 125 -1.33 -26.49 -21.95
N ILE B 126 -2.04 -27.03 -20.96
CA ILE B 126 -3.33 -26.53 -20.54
C ILE B 126 -3.16 -25.14 -19.94
N LEU B 127 -2.18 -25.04 -19.05
CA LEU B 127 -1.89 -23.81 -18.36
C LEU B 127 -1.43 -22.69 -19.30
N GLU B 128 -0.91 -23.08 -20.45
CA GLU B 128 -0.43 -22.11 -21.45
C GLU B 128 -1.45 -21.85 -22.52
N GLN B 129 -2.35 -22.81 -22.82
CA GLN B 129 -3.32 -22.59 -23.88
C GLN B 129 -4.02 -21.26 -23.80
N ASP B 130 -4.47 -20.89 -22.64
CA ASP B 130 -5.20 -19.65 -22.59
C ASP B 130 -4.72 -18.72 -21.52
N ALA B 131 -3.41 -18.68 -21.35
CA ALA B 131 -2.81 -17.82 -20.33
C ALA B 131 -3.08 -16.37 -20.72
N VAL B 132 -2.85 -16.04 -21.96
CA VAL B 132 -3.09 -14.68 -22.31
C VAL B 132 -4.57 -14.34 -22.15
N HIS B 133 -5.45 -15.24 -22.58
CA HIS B 133 -6.85 -14.92 -22.38
C HIS B 133 -7.17 -14.66 -20.86
N LEU B 134 -6.75 -15.54 -19.96
CA LEU B 134 -6.98 -15.37 -18.52
C LEU B 134 -6.26 -14.19 -17.94
N CYS B 135 -4.96 -14.08 -18.20
CA CYS B 135 -4.17 -12.97 -17.69
C CYS B 135 -4.49 -11.59 -18.24
N GLY B 136 -4.71 -11.49 -19.54
CA GLY B 136 -5.05 -10.19 -20.12
C GLY B 136 -6.47 -9.87 -19.72
N GLY B 137 -7.26 -10.93 -19.53
CA GLY B 137 -8.64 -10.77 -19.14
C GLY B 137 -8.76 -10.21 -17.74
N GLN B 138 -7.91 -10.70 -16.87
CA GLN B 138 -7.91 -10.25 -15.54
C GLN B 138 -7.62 -8.76 -15.49
N ILE B 139 -6.68 -8.30 -16.33
CA ILE B 139 -6.34 -6.89 -16.33
C ILE B 139 -7.51 -6.00 -16.76
N ARG B 140 -8.30 -6.46 -17.74
CA ARG B 140 -9.45 -5.68 -18.20
C ARG B 140 -10.56 -5.67 -17.16
N THR B 141 -10.88 -6.85 -16.65
CA THR B 141 -11.83 -7.03 -15.59
C THR B 141 -11.62 -5.95 -14.56
N LYS B 142 -10.41 -5.86 -14.05
CA LYS B 142 -10.16 -4.90 -12.99
C LYS B 142 -9.96 -3.45 -13.38
N ARG B 143 -9.70 -3.16 -14.65
CA ARG B 143 -9.51 -1.74 -14.99
C ARG B 143 -10.87 -1.07 -15.12
N SER B 144 -11.85 -1.79 -15.66
CA SER B 144 -13.21 -1.28 -15.88
C SER B 144 -14.38 -2.02 -15.19
N ARG B 145 -15.14 -1.33 -14.36
CA ARG B 145 -16.30 -1.95 -13.71
C ARG B 145 -17.40 -2.24 -14.77
N ALA B 146 -18.11 -3.36 -14.69
CA ALA B 146 -19.15 -3.67 -15.67
C ALA B 146 -20.36 -2.77 -15.44
N THR B 147 -21.23 -2.64 -16.44
CA THR B 147 -22.39 -1.75 -16.27
C THR B 147 -23.71 -2.27 -16.78
N ASN B 148 -23.70 -3.53 -17.20
CA ASN B 148 -24.88 -4.19 -17.72
C ASN B 148 -24.57 -5.67 -17.75
N LEU B 149 -25.60 -6.51 -17.64
CA LEU B 149 -25.43 -7.97 -17.59
C LEU B 149 -24.44 -8.47 -18.60
N ARG B 150 -24.51 -7.92 -19.80
CA ARG B 150 -23.61 -8.32 -20.89
C ARG B 150 -22.13 -8.16 -20.53
N GLU B 151 -21.80 -7.01 -19.96
CA GLU B 151 -20.43 -6.73 -19.54
C GLU B 151 -20.02 -7.49 -18.30
N TRP B 152 -20.98 -7.96 -17.51
CA TRP B 152 -20.66 -8.68 -16.31
C TRP B 152 -20.31 -10.08 -16.71
N ARG B 153 -21.15 -10.63 -17.57
CA ARG B 153 -20.99 -11.99 -18.03
C ARG B 153 -19.65 -12.24 -18.82
N ALA B 154 -19.12 -11.18 -19.41
CA ALA B 154 -17.90 -11.26 -20.19
C ALA B 154 -16.67 -11.22 -19.30
N HIS B 155 -16.77 -10.39 -18.26
CA HIS B 155 -15.72 -10.28 -17.27
C HIS B 155 -15.70 -11.64 -16.58
N ALA B 156 -16.86 -12.05 -16.09
CA ALA B 156 -16.94 -13.30 -15.38
C ALA B 156 -16.51 -14.51 -16.16
N SER B 157 -16.60 -14.45 -17.49
CA SER B 157 -16.21 -15.59 -18.31
C SER B 157 -14.71 -15.86 -18.24
N THR B 158 -13.93 -14.84 -17.88
CA THR B 158 -12.50 -15.03 -17.73
C THR B 158 -12.10 -15.29 -16.25
N TYR B 159 -12.39 -14.41 -15.30
CA TYR B 159 -11.93 -14.74 -13.96
C TYR B 159 -12.73 -15.81 -13.23
N GLY B 160 -13.80 -16.30 -13.86
CA GLY B 160 -14.60 -17.37 -13.31
C GLY B 160 -14.55 -18.60 -14.21
N SER B 161 -15.18 -18.50 -15.38
CA SER B 161 -15.25 -19.64 -16.31
C SER B 161 -13.91 -20.14 -16.79
N THR B 162 -13.13 -19.26 -17.40
CA THR B 162 -11.82 -19.61 -17.90
C THR B 162 -10.95 -20.19 -16.75
N PHE B 163 -10.89 -19.46 -15.65
CA PHE B 163 -10.15 -19.83 -14.46
C PHE B 163 -10.41 -21.28 -14.03
N LEU B 164 -11.65 -21.57 -13.70
CA LEU B 164 -12.05 -22.92 -13.32
C LEU B 164 -12.04 -23.97 -14.49
N GLY B 165 -12.20 -23.49 -15.75
CA GLY B 165 -12.19 -24.36 -16.92
C GLY B 165 -10.86 -25.08 -17.00
N ARG B 166 -9.79 -24.32 -16.76
CA ARG B 166 -8.45 -24.89 -16.75
C ARG B 166 -8.33 -25.98 -15.68
N TYR B 167 -8.92 -25.73 -14.52
CA TYR B 167 -8.80 -26.77 -13.53
C TYR B 167 -9.63 -27.97 -13.98
N GLY B 168 -10.71 -27.73 -14.71
CA GLY B 168 -11.49 -28.86 -15.20
C GLY B 168 -10.61 -29.66 -16.19
N ALA B 169 -10.04 -28.93 -17.16
CA ALA B 169 -9.17 -29.49 -18.17
C ALA B 169 -8.05 -30.31 -17.52
N LEU B 170 -7.52 -29.76 -16.43
CA LEU B 170 -6.45 -30.43 -15.71
C LEU B 170 -7.02 -31.67 -14.97
N ALA B 171 -8.26 -31.60 -14.48
CA ALA B 171 -8.82 -32.75 -13.80
C ALA B 171 -8.92 -33.98 -14.75
N ALA B 172 -9.44 -33.73 -15.95
CA ALA B 172 -9.58 -34.74 -16.95
C ALA B 172 -8.17 -35.25 -17.29
N ALA B 173 -7.21 -34.37 -17.41
CA ALA B 173 -5.87 -34.79 -17.79
C ALA B 173 -5.11 -35.64 -16.79
N CYS B 174 -5.34 -35.42 -15.51
CA CYS B 174 -4.61 -36.20 -14.55
C CYS B 174 -5.51 -37.24 -13.92
N GLY B 175 -6.76 -37.32 -14.39
CA GLY B 175 -7.72 -38.25 -13.85
C GLY B 175 -7.87 -39.69 -14.39
N GLY B 176 -6.79 -40.28 -14.91
CA GLY B 176 -6.89 -41.63 -15.42
C GLY B 176 -7.84 -41.79 -16.59
N GLU B 177 -8.42 -42.97 -16.76
CA GLU B 177 -9.32 -43.18 -17.88
C GLU B 177 -10.74 -42.85 -17.49
N GLY B 178 -11.59 -42.81 -18.50
CA GLY B 178 -13.00 -42.52 -18.28
C GLY B 178 -13.34 -41.05 -18.00
N GLN B 179 -12.60 -40.14 -18.66
CA GLN B 179 -12.78 -38.71 -18.50
C GLN B 179 -13.13 -38.15 -19.85
N PRO B 180 -14.27 -37.45 -19.95
CA PRO B 180 -14.70 -36.82 -21.23
C PRO B 180 -14.17 -35.41 -21.09
N ALA B 181 -12.93 -35.22 -21.49
CA ALA B 181 -12.32 -33.91 -21.33
C ALA B 181 -13.30 -32.76 -21.47
N ASP B 182 -13.68 -32.49 -22.70
CA ASP B 182 -14.58 -31.39 -23.01
C ASP B 182 -15.79 -31.23 -22.09
N SER B 183 -16.41 -32.32 -21.75
CA SER B 183 -17.53 -32.19 -20.85
C SER B 183 -17.06 -31.68 -19.48
N VAL B 184 -16.05 -32.34 -18.89
CA VAL B 184 -15.54 -31.91 -17.58
C VAL B 184 -15.33 -30.39 -17.53
N ARG B 185 -14.71 -29.88 -18.57
CA ARG B 185 -14.44 -28.47 -18.70
C ARG B 185 -15.68 -27.66 -18.85
N GLU B 186 -16.63 -28.09 -19.67
CA GLU B 186 -17.82 -27.29 -19.86
C GLU B 186 -18.59 -27.23 -18.52
N PHE B 187 -18.48 -28.27 -17.70
CA PHE B 187 -19.15 -28.27 -16.39
C PHE B 187 -18.51 -27.13 -15.58
N ALA B 188 -17.19 -27.25 -15.51
CA ALA B 188 -16.37 -26.30 -14.78
C ALA B 188 -16.70 -24.88 -15.22
N GLU B 189 -16.71 -24.58 -16.51
CA GLU B 189 -17.03 -23.23 -16.92
C GLU B 189 -18.47 -22.77 -16.55
N ALA B 190 -19.43 -23.67 -16.62
CA ALA B 190 -20.80 -23.30 -16.29
C ALA B 190 -21.02 -23.16 -14.79
N PHE B 191 -20.58 -24.17 -14.03
CA PHE B 191 -20.73 -24.15 -12.58
C PHE B 191 -20.00 -22.93 -11.95
N ALA B 192 -18.83 -22.61 -12.53
CA ALA B 192 -17.97 -21.51 -12.11
C ALA B 192 -18.69 -20.18 -12.19
N MET B 193 -19.41 -19.95 -13.28
CA MET B 193 -20.10 -18.71 -13.40
C MET B 193 -21.23 -18.69 -12.38
N THR B 194 -21.82 -19.84 -12.11
CA THR B 194 -22.88 -19.89 -11.12
C THR B 194 -22.39 -19.44 -9.72
N ILE B 195 -21.34 -20.07 -9.18
CA ILE B 195 -20.86 -19.67 -7.87
C ILE B 195 -20.26 -18.30 -7.85
N THR B 196 -19.78 -17.86 -9.03
CA THR B 196 -19.23 -16.52 -9.13
C THR B 196 -20.36 -15.51 -8.98
N MET B 197 -21.55 -15.84 -9.44
CA MET B 197 -22.65 -14.89 -9.23
C MET B 197 -22.99 -14.91 -7.75
N ALA B 198 -22.96 -16.12 -7.20
CA ALA B 198 -23.26 -16.32 -5.82
C ALA B 198 -22.28 -15.51 -4.99
N ASP B 199 -20.98 -15.58 -5.29
CA ASP B 199 -20.03 -14.81 -4.52
C ASP B 199 -20.34 -13.36 -4.62
N ASP B 200 -20.56 -12.90 -5.86
CA ASP B 200 -20.90 -11.51 -6.15
C ASP B 200 -22.12 -10.94 -5.37
N LEU B 201 -23.18 -11.72 -5.20
CA LEU B 201 -24.38 -11.28 -4.50
C LEU B 201 -24.32 -11.53 -3.01
N THR B 202 -23.20 -12.09 -2.56
CA THR B 202 -22.98 -12.37 -1.13
C THR B 202 -22.16 -11.29 -0.46
N ASP B 203 -22.68 -10.69 0.56
CA ASP B 203 -21.89 -9.66 1.18
C ASP B 203 -21.37 -10.17 2.50
N TYR B 204 -20.16 -9.74 2.86
CA TYR B 204 -19.51 -10.15 4.10
C TYR B 204 -19.09 -9.01 5.06
N ASP B 205 -19.05 -7.77 4.56
CA ASP B 205 -18.66 -6.62 5.38
C ASP B 205 -17.21 -6.58 5.84
N ARG B 206 -16.39 -7.54 5.40
CA ARG B 206 -14.97 -7.55 5.82
C ARG B 206 -14.25 -6.40 5.09
N ASN B 207 -13.69 -5.47 5.89
CA ASN B 207 -12.91 -4.28 5.44
C ASN B 207 -13.73 -3.30 4.60
N GLY B 208 -13.08 -2.85 3.53
CA GLY B 208 -13.69 -1.94 2.57
C GLY B 208 -14.06 -2.80 1.36
N GLU B 209 -14.75 -3.89 1.66
CA GLU B 209 -15.22 -4.82 0.64
C GLU B 209 -16.42 -4.23 -0.11
N ARG B 210 -16.26 -4.10 -1.44
CA ARG B 210 -17.31 -3.57 -2.33
C ARG B 210 -18.55 -4.45 -2.43
N ASP B 211 -19.71 -3.80 -2.61
CA ASP B 211 -20.96 -4.54 -2.81
C ASP B 211 -20.52 -5.20 -4.14
N GLY B 212 -21.01 -6.40 -4.43
CA GLY B 212 -20.62 -7.05 -5.67
C GLY B 212 -21.06 -6.27 -6.88
N ASN B 213 -20.20 -6.20 -7.87
CA ASN B 213 -20.52 -5.51 -9.12
C ASN B 213 -21.97 -5.81 -9.56
N LEU B 214 -22.32 -7.08 -9.71
CA LEU B 214 -23.65 -7.46 -10.15
C LEU B 214 -24.80 -7.07 -9.21
N ALA B 215 -24.56 -7.22 -7.92
CA ALA B 215 -25.57 -6.88 -6.95
C ALA B 215 -25.80 -5.39 -7.02
N HIS B 216 -24.72 -4.66 -7.23
CA HIS B 216 -24.83 -3.22 -7.34
C HIS B 216 -25.71 -2.89 -8.58
N LEU B 217 -25.23 -3.25 -9.77
CA LEU B 217 -25.98 -3.02 -10.99
C LEU B 217 -27.40 -3.58 -10.86
N MET B 218 -27.63 -4.51 -9.93
CA MET B 218 -28.95 -5.07 -9.80
C MET B 218 -29.82 -4.13 -8.99
N ARG B 219 -29.22 -3.57 -7.92
CA ARG B 219 -29.93 -2.65 -7.00
C ARG B 219 -30.12 -1.28 -7.65
N THR B 220 -29.37 -1.06 -8.72
CA THR B 220 -29.42 0.20 -9.47
C THR B 220 -30.40 0.11 -10.64
N GLY B 221 -30.89 -1.08 -10.92
CA GLY B 221 -31.81 -1.24 -12.03
C GLY B 221 -31.06 -1.32 -13.35
N ALA B 222 -29.74 -1.40 -13.32
CA ALA B 222 -28.93 -1.54 -14.55
C ALA B 222 -29.08 -2.98 -15.16
N VAL B 223 -29.43 -3.93 -14.28
CA VAL B 223 -29.60 -5.32 -14.64
C VAL B 223 -30.96 -5.75 -14.14
N ALA B 224 -31.68 -6.55 -14.93
CA ALA B 224 -33.04 -7.05 -14.64
C ALA B 224 -33.10 -8.37 -13.90
N GLY B 225 -33.83 -8.35 -12.80
CA GLY B 225 -33.96 -9.58 -12.06
C GLY B 225 -34.29 -10.75 -12.99
N GLN B 226 -35.20 -10.60 -13.95
CA GLN B 226 -35.49 -11.78 -14.76
C GLN B 226 -34.34 -12.25 -15.61
N ASP B 227 -33.50 -11.31 -16.00
CA ASP B 227 -32.34 -11.62 -16.82
C ASP B 227 -31.34 -12.44 -16.01
N VAL B 228 -31.19 -12.07 -14.73
CA VAL B 228 -30.29 -12.77 -13.84
C VAL B 228 -30.82 -14.22 -13.74
N VAL B 229 -32.14 -14.32 -13.50
CA VAL B 229 -32.77 -15.62 -13.39
C VAL B 229 -32.55 -16.42 -14.66
N ASP B 230 -32.70 -15.79 -15.81
CA ASP B 230 -32.52 -16.52 -17.05
C ASP B 230 -31.12 -17.07 -17.19
N LEU B 231 -30.16 -16.22 -16.88
CA LEU B 231 -28.77 -16.57 -16.96
C LEU B 231 -28.49 -17.74 -16.00
N LEU B 232 -29.03 -17.70 -14.79
CA LEU B 232 -28.81 -18.85 -13.89
C LEU B 232 -29.37 -20.14 -14.50
N GLU B 233 -30.55 -20.02 -15.11
CA GLU B 233 -31.16 -21.17 -15.70
C GLU B 233 -30.35 -21.71 -16.87
N GLU B 234 -29.68 -20.79 -17.56
CA GLU B 234 -28.86 -21.18 -18.70
C GLU B 234 -27.69 -21.97 -18.19
N LEU B 235 -27.03 -21.45 -17.14
CA LEU B 235 -25.89 -22.10 -16.52
C LEU B 235 -26.28 -23.46 -15.87
N ARG B 236 -27.45 -23.58 -15.26
CA ARG B 236 -27.92 -24.86 -14.68
C ARG B 236 -28.05 -25.89 -15.83
N GLY B 237 -28.63 -25.44 -16.95
CA GLY B 237 -28.74 -26.34 -18.09
C GLY B 237 -27.40 -26.71 -18.72
N ARG B 238 -26.57 -25.69 -18.98
CA ARG B 238 -25.28 -25.97 -19.56
C ARG B 238 -24.61 -27.01 -18.70
N ALA B 239 -24.67 -26.84 -17.38
CA ALA B 239 -24.02 -27.80 -16.46
C ALA B 239 -24.62 -29.19 -16.53
N LEU B 240 -25.92 -29.26 -16.28
CA LEU B 240 -26.65 -30.52 -16.29
C LEU B 240 -26.28 -31.38 -17.50
N ALA B 241 -26.16 -30.71 -18.64
CA ALA B 241 -25.82 -31.36 -19.88
C ALA B 241 -24.40 -31.92 -19.83
N ALA B 242 -23.44 -31.09 -19.44
CA ALA B 242 -22.07 -31.55 -19.37
C ALA B 242 -21.95 -32.80 -18.50
N VAL B 243 -22.75 -32.90 -17.44
CA VAL B 243 -22.68 -34.09 -16.57
C VAL B 243 -23.49 -35.27 -17.09
N ALA B 244 -24.20 -35.04 -18.18
CA ALA B 244 -25.01 -36.08 -18.84
C ALA B 244 -24.16 -36.80 -19.92
N ALA B 245 -23.18 -36.06 -20.46
CA ALA B 245 -22.29 -36.57 -21.47
C ALA B 245 -21.67 -37.86 -21.02
N PRO B 246 -21.84 -38.93 -21.79
CA PRO B 246 -21.24 -40.21 -21.39
C PRO B 246 -19.73 -40.07 -21.18
N PRO B 247 -19.17 -40.81 -20.22
CA PRO B 247 -19.76 -41.79 -19.28
C PRO B 247 -20.66 -41.18 -18.19
N GLY B 248 -20.62 -39.86 -18.09
CA GLY B 248 -21.46 -39.16 -17.13
C GLY B 248 -21.04 -39.10 -15.66
N ALA B 249 -21.52 -38.06 -14.99
CA ALA B 249 -21.21 -37.89 -13.58
C ALA B 249 -22.50 -37.56 -12.88
N PRO B 250 -23.44 -38.53 -12.86
CA PRO B 250 -24.76 -38.36 -12.22
C PRO B 250 -24.71 -37.66 -10.83
N GLY B 251 -23.58 -37.85 -10.15
CA GLY B 251 -23.38 -37.27 -8.84
C GLY B 251 -23.36 -35.77 -8.74
N LEU B 252 -23.08 -35.09 -9.85
CA LEU B 252 -23.02 -33.62 -9.78
C LEU B 252 -24.35 -33.02 -10.11
N VAL B 253 -25.32 -33.87 -10.38
CA VAL B 253 -26.62 -33.30 -10.65
C VAL B 253 -27.21 -32.62 -9.41
N PRO B 254 -27.29 -33.35 -8.29
CA PRO B 254 -27.88 -32.65 -7.15
C PRO B 254 -27.07 -31.45 -6.74
N VAL B 255 -25.76 -31.49 -7.01
CA VAL B 255 -24.85 -30.41 -6.68
C VAL B 255 -25.14 -29.17 -7.49
N VAL B 256 -25.51 -29.39 -8.73
CA VAL B 256 -25.78 -28.30 -9.63
C VAL B 256 -27.03 -27.58 -9.17
N HIS B 257 -28.03 -28.35 -8.78
CA HIS B 257 -29.26 -27.73 -8.34
C HIS B 257 -29.05 -27.05 -7.00
N LEU B 258 -28.24 -27.67 -6.16
CA LEU B 258 -28.01 -27.11 -4.86
C LEU B 258 -27.56 -25.65 -4.98
N TYR B 259 -26.50 -25.40 -5.71
CA TYR B 259 -25.96 -24.06 -5.82
C TYR B 259 -26.79 -23.12 -6.62
N THR B 260 -27.36 -23.59 -7.72
CA THR B 260 -28.21 -22.72 -8.52
C THR B 260 -29.41 -22.23 -7.71
N ASP B 261 -30.14 -23.20 -7.14
CA ASP B 261 -31.33 -22.88 -6.38
C ASP B 261 -31.02 -21.99 -5.17
N ASP B 262 -29.76 -22.09 -4.68
CA ASP B 262 -29.34 -21.26 -3.58
C ASP B 262 -29.30 -19.79 -3.99
N VAL B 263 -28.79 -19.53 -5.19
CA VAL B 263 -28.71 -18.17 -5.67
C VAL B 263 -30.12 -17.65 -5.87
N LEU B 264 -30.99 -18.51 -6.44
CA LEU B 264 -32.39 -18.15 -6.71
C LEU B 264 -33.21 -17.86 -5.47
N VAL B 265 -33.16 -18.79 -4.52
CA VAL B 265 -33.94 -18.67 -3.30
C VAL B 265 -33.46 -17.70 -2.28
N ARG B 266 -32.21 -17.84 -1.87
CA ARG B 266 -31.64 -17.00 -0.81
C ARG B 266 -31.00 -15.71 -1.25
N LEU B 267 -30.09 -15.76 -2.20
CA LEU B 267 -29.39 -14.59 -2.66
C LEU B 267 -30.16 -13.61 -3.50
N LEU B 268 -30.69 -14.03 -4.64
CA LEU B 268 -31.41 -13.12 -5.48
C LEU B 268 -32.32 -12.19 -4.76
N PRO B 269 -33.14 -12.70 -3.81
CA PRO B 269 -34.06 -11.85 -3.06
C PRO B 269 -33.44 -10.73 -2.26
N ARG B 270 -32.20 -10.90 -1.78
CA ARG B 270 -31.56 -9.85 -0.96
C ARG B 270 -31.33 -8.60 -1.79
N HIS B 271 -31.45 -8.73 -3.12
CA HIS B 271 -31.22 -7.60 -4.03
C HIS B 271 -32.41 -7.15 -4.90
N LEU B 272 -33.48 -7.93 -4.96
CA LEU B 272 -34.62 -7.55 -5.76
C LEU B 272 -35.71 -7.05 -4.83
N GLY B 273 -36.67 -7.87 -4.49
CA GLY B 273 -37.66 -7.33 -3.60
C GLY B 273 -38.81 -8.25 -3.27
N GLU B 274 -39.97 -7.62 -3.05
CA GLU B 274 -41.23 -8.29 -2.73
C GLU B 274 -41.62 -9.03 -4.01
N ALA B 275 -41.25 -8.42 -5.13
CA ALA B 275 -41.51 -8.95 -6.46
C ALA B 275 -40.19 -9.53 -7.01
N GLY B 276 -40.07 -10.86 -6.99
CA GLY B 276 -38.86 -11.51 -7.48
C GLY B 276 -38.44 -11.00 -8.84
N ALA B 277 -38.59 -11.85 -9.85
CA ALA B 277 -38.23 -11.48 -11.22
C ALA B 277 -39.50 -11.43 -12.09
N GLY B 278 -39.33 -11.54 -13.41
CA GLY B 278 -40.46 -11.51 -14.34
C GLY B 278 -41.55 -10.51 -13.97
N ALA B 279 -42.75 -10.72 -14.53
CA ALA B 279 -43.85 -9.82 -14.22
C ALA B 279 -44.65 -10.37 -13.02
N MET B 280 -45.59 -9.58 -12.53
CA MET B 280 -46.45 -9.97 -11.41
C MET B 280 -47.38 -11.10 -11.88
N ALA B 281 -47.89 -11.90 -10.95
CA ALA B 281 -48.78 -13.00 -11.32
C ALA B 281 -50.24 -12.56 -11.48
N THR B 282 -50.87 -13.01 -12.55
CA THR B 282 -52.27 -12.64 -12.77
C THR B 282 -53.20 -13.86 -12.97
N VAL B 283 -54.49 -13.65 -12.71
CA VAL B 283 -55.48 -14.70 -12.90
C VAL B 283 -56.30 -14.17 -14.06
N LYS B 284 -56.62 -15.04 -15.00
CA LYS B 284 -57.42 -14.63 -16.14
C LYS B 284 -58.66 -15.45 -16.05
N PHE B 285 -59.80 -14.79 -16.06
CA PHE B 285 -61.07 -15.49 -16.01
C PHE B 285 -62.08 -14.71 -16.82
N LYS B 286 -63.29 -15.24 -16.93
CA LYS B 286 -64.32 -14.53 -17.65
C LYS B 286 -65.46 -14.34 -16.66
N TYR B 287 -65.78 -13.08 -16.34
CA TYR B 287 -66.85 -12.82 -15.40
C TYR B 287 -67.93 -11.90 -15.94
N LYS B 288 -69.17 -12.35 -15.83
CA LYS B 288 -70.34 -11.61 -16.32
C LYS B 288 -70.14 -11.11 -17.75
N GLY B 289 -69.90 -12.06 -18.68
CA GLY B 289 -69.71 -11.76 -20.09
C GLY B 289 -68.38 -11.11 -20.39
N GLU B 290 -67.75 -10.64 -19.31
CA GLU B 290 -66.47 -9.95 -19.35
C GLU B 290 -65.25 -10.83 -19.54
N GLU B 291 -64.11 -10.15 -19.49
CA GLU B 291 -62.78 -10.73 -19.59
C GLU B 291 -62.05 -10.03 -18.47
N LYS B 292 -61.64 -10.77 -17.45
CA LYS B 292 -60.94 -10.12 -16.38
C LYS B 292 -59.53 -10.65 -16.16
N GLU B 293 -58.68 -9.82 -15.56
CA GLU B 293 -57.31 -10.21 -15.25
C GLU B 293 -56.93 -9.56 -13.92
N VAL B 294 -56.70 -10.37 -12.90
CA VAL B 294 -56.36 -9.83 -11.58
C VAL B 294 -54.97 -10.23 -11.09
N ASP B 295 -54.29 -9.29 -10.44
CA ASP B 295 -52.97 -9.52 -9.87
C ASP B 295 -53.17 -10.31 -8.56
N ILE B 296 -52.50 -11.45 -8.44
CA ILE B 296 -52.67 -12.25 -7.23
C ILE B 296 -52.48 -11.37 -6.01
N SER B 297 -51.88 -10.21 -6.23
CA SER B 297 -51.62 -9.28 -5.13
C SER B 297 -52.91 -8.66 -4.61
N LYS B 298 -53.96 -8.76 -5.43
CA LYS B 298 -55.27 -8.20 -5.11
C LYS B 298 -56.32 -9.25 -4.62
N ILE B 299 -56.02 -10.52 -4.88
CA ILE B 299 -56.88 -11.65 -4.48
C ILE B 299 -56.97 -11.82 -2.98
N LYS B 300 -58.17 -11.63 -2.45
CA LYS B 300 -58.37 -11.77 -1.04
C LYS B 300 -58.61 -13.24 -0.66
N LYS B 301 -59.88 -13.65 -0.53
CA LYS B 301 -60.26 -15.04 -0.17
C LYS B 301 -60.13 -16.00 -1.38
N VAL B 302 -59.66 -17.22 -1.16
CA VAL B 302 -59.56 -18.18 -2.27
C VAL B 302 -59.79 -19.60 -1.77
N TRP B 303 -60.71 -20.31 -2.44
CA TRP B 303 -61.05 -21.69 -2.05
C TRP B 303 -61.32 -22.64 -3.23
N ARG B 304 -61.37 -23.93 -2.89
CA ARG B 304 -61.55 -24.96 -3.87
C ARG B 304 -62.89 -25.66 -3.76
N VAL B 305 -63.46 -25.89 -4.94
CA VAL B 305 -64.72 -26.59 -5.11
C VAL B 305 -64.46 -27.47 -6.29
N GLY B 306 -64.29 -28.78 -6.06
CA GLY B 306 -64.02 -29.72 -7.13
C GLY B 306 -62.66 -29.47 -7.79
N LYS B 307 -62.65 -29.14 -9.09
CA LYS B 307 -61.40 -28.81 -9.76
C LYS B 307 -61.48 -27.34 -10.16
N MET B 308 -62.35 -26.60 -9.48
CA MET B 308 -62.54 -25.17 -9.66
C MET B 308 -61.97 -24.41 -8.46
N ILE B 309 -61.31 -23.31 -8.73
CA ILE B 309 -60.75 -22.51 -7.68
C ILE B 309 -61.60 -21.27 -7.67
N SER B 310 -62.32 -21.05 -6.58
CA SER B 310 -63.16 -19.89 -6.51
C SER B 310 -62.44 -18.85 -5.62
N PHE B 311 -62.63 -17.57 -5.93
CA PHE B 311 -61.98 -16.48 -5.21
C PHE B 311 -62.74 -15.14 -5.24
N THR B 312 -62.20 -14.22 -4.45
CA THR B 312 -62.70 -12.86 -4.30
C THR B 312 -61.45 -11.94 -4.36
N TYR B 313 -61.63 -10.69 -4.75
CA TYR B 313 -60.49 -9.80 -4.86
C TYR B 313 -60.90 -8.33 -4.70
N ASP B 314 -59.88 -7.46 -4.63
CA ASP B 314 -60.04 -6.02 -4.50
C ASP B 314 -60.13 -5.41 -5.90
N GLU B 315 -61.32 -4.91 -6.27
CA GLU B 315 -61.55 -4.37 -7.60
C GLU B 315 -61.66 -2.84 -7.69
N GLY B 316 -61.12 -2.12 -6.71
CA GLY B 316 -61.20 -0.66 -6.79
C GLY B 316 -62.17 -0.01 -5.83
N GLY B 317 -61.63 0.52 -4.73
CA GLY B 317 -62.43 1.13 -3.71
C GLY B 317 -62.71 -0.01 -2.75
N GLY B 318 -63.91 -0.01 -2.15
CA GLY B 318 -64.29 -1.08 -1.24
C GLY B 318 -65.05 -2.13 -2.04
N LYS B 319 -64.89 -2.05 -3.36
CA LYS B 319 -65.54 -2.96 -4.33
C LYS B 319 -64.87 -4.35 -4.38
N THR B 320 -65.62 -5.37 -3.95
CA THR B 320 -65.18 -6.77 -3.91
C THR B 320 -65.58 -7.58 -5.16
N GLY B 321 -64.59 -8.04 -5.93
CA GLY B 321 -64.89 -8.82 -7.12
C GLY B 321 -64.71 -10.34 -6.95
N ARG B 322 -65.46 -11.15 -7.68
CA ARG B 322 -65.32 -12.60 -7.54
C ARG B 322 -64.95 -13.30 -8.82
N GLY B 323 -64.49 -14.52 -8.69
CA GLY B 323 -64.14 -15.29 -9.86
C GLY B 323 -64.00 -16.76 -9.53
N ALA B 324 -63.85 -17.54 -10.59
CA ALA B 324 -63.68 -18.98 -10.45
C ALA B 324 -63.03 -19.46 -11.73
N VAL B 325 -61.99 -20.28 -11.60
CA VAL B 325 -61.32 -20.83 -12.77
C VAL B 325 -61.03 -22.29 -12.51
N SER B 326 -60.72 -23.00 -13.57
CA SER B 326 -60.35 -24.40 -13.49
C SER B 326 -59.00 -24.32 -12.79
N GLU B 327 -58.57 -25.36 -12.09
CA GLU B 327 -57.28 -25.24 -11.43
C GLU B 327 -56.24 -25.15 -12.50
N LYS B 328 -56.53 -25.76 -13.64
CA LYS B 328 -55.66 -25.71 -14.79
C LYS B 328 -55.24 -24.30 -15.23
N ASP B 329 -56.14 -23.34 -15.14
CA ASP B 329 -55.84 -21.98 -15.58
C ASP B 329 -55.57 -21.07 -14.42
N ALA B 330 -55.08 -21.66 -13.35
CA ALA B 330 -54.77 -20.91 -12.16
C ALA B 330 -53.24 -20.79 -11.98
N PRO B 331 -52.74 -19.56 -11.86
CA PRO B 331 -51.30 -19.39 -11.67
C PRO B 331 -50.83 -20.03 -10.35
N LYS B 332 -49.57 -20.50 -10.33
CA LYS B 332 -48.99 -21.12 -9.14
C LYS B 332 -49.12 -20.26 -7.88
N GLU B 333 -49.10 -18.94 -8.06
CA GLU B 333 -49.21 -18.01 -6.93
C GLU B 333 -50.59 -18.12 -6.25
N LEU B 334 -51.64 -18.25 -7.06
CA LEU B 334 -53.00 -18.40 -6.54
C LEU B 334 -53.15 -19.78 -5.91
N LEU B 335 -52.79 -20.81 -6.67
CA LEU B 335 -52.89 -22.17 -6.17
C LEU B 335 -52.25 -22.41 -4.84
N GLN B 336 -51.38 -21.51 -4.43
CA GLN B 336 -50.68 -21.62 -3.16
C GLN B 336 -51.52 -20.99 -2.05
N MET B 337 -52.11 -19.82 -2.34
CA MET B 337 -52.96 -19.14 -1.38
C MET B 337 -54.02 -20.09 -0.90
N LEU B 338 -54.24 -21.18 -1.65
CA LEU B 338 -55.22 -22.18 -1.24
C LEU B 338 -54.67 -22.83 0.00
N GLU B 339 -53.42 -23.32 -0.07
CA GLU B 339 -52.78 -24.02 1.06
C GLU B 339 -52.51 -23.15 2.28
N LYS B 340 -52.28 -21.86 2.06
CA LYS B 340 -52.04 -20.96 3.21
C LYS B 340 -53.36 -20.97 4.00
N GLN B 341 -54.46 -20.68 3.31
CA GLN B 341 -55.80 -20.60 3.88
C GLN B 341 -56.51 -21.86 4.35
N LYS B 342 -56.35 -22.98 3.65
CA LYS B 342 -57.08 -24.18 4.05
C LYS B 342 -56.33 -25.26 4.83
N VAL C 9 -22.14 6.42 39.69
CA VAL C 9 -23.63 6.19 39.68
C VAL C 9 -24.35 7.28 38.84
N ASP C 10 -24.43 8.50 39.38
CA ASP C 10 -25.04 9.62 38.65
C ASP C 10 -23.89 10.25 37.86
N ASP C 11 -22.70 10.14 38.42
CA ASP C 11 -21.51 10.65 37.80
C ASP C 11 -21.28 9.85 36.54
N ASP C 12 -21.63 8.56 36.61
CA ASP C 12 -21.51 7.64 35.47
C ASP C 12 -22.56 8.00 34.44
N ASP C 13 -23.65 8.64 34.88
CA ASP C 13 -24.70 9.07 33.97
C ASP C 13 -24.22 10.27 33.22
N LYS C 14 -23.56 11.17 33.92
CA LYS C 14 -23.03 12.34 33.26
C LYS C 14 -22.06 11.84 32.19
N MET C 15 -21.10 11.01 32.59
CA MET C 15 -20.12 10.43 31.67
C MET C 15 -20.81 9.77 30.45
N LEU C 16 -21.81 8.92 30.70
CA LEU C 16 -22.46 8.28 29.59
C LEU C 16 -23.12 9.32 28.70
N ALA C 17 -23.72 10.33 29.27
CA ALA C 17 -24.35 11.35 28.44
C ALA C 17 -23.32 12.14 27.57
N ALA C 18 -22.19 12.46 28.19
CA ALA C 18 -21.09 13.21 27.60
C ALA C 18 -20.55 12.46 26.37
N GLU C 19 -20.33 11.16 26.57
CA GLU C 19 -19.79 10.32 25.54
C GLU C 19 -20.71 10.21 24.36
N ALA C 20 -21.99 10.01 24.66
CA ALA C 20 -22.98 9.92 23.62
C ALA C 20 -23.06 11.29 22.90
N ALA C 21 -23.03 12.41 23.65
CA ALA C 21 -23.12 13.70 22.99
C ALA C 21 -21.89 13.92 22.15
N ASN C 22 -20.75 13.48 22.65
CA ASN C 22 -19.53 13.64 21.90
C ASN C 22 -19.57 12.80 20.63
N ARG C 23 -19.96 11.54 20.75
CA ARG C 23 -20.06 10.66 19.59
C ARG C 23 -21.02 11.22 18.52
N ASP C 24 -22.13 11.81 18.94
CA ASP C 24 -23.07 12.34 17.96
C ASP C 24 -22.52 13.60 17.29
N HIS C 25 -21.80 14.44 18.06
CA HIS C 25 -21.21 15.65 17.48
C HIS C 25 -20.20 15.21 16.42
N VAL C 26 -19.36 14.22 16.73
CA VAL C 26 -18.37 13.74 15.79
C VAL C 26 -19.00 13.01 14.57
N THR C 27 -19.94 12.09 14.81
CA THR C 27 -20.52 11.35 13.67
C THR C 27 -21.36 12.19 12.71
N ARG C 28 -22.04 13.20 13.21
CA ARG C 28 -22.81 14.04 12.32
C ARG C 28 -21.80 14.77 11.43
N CYS C 29 -20.83 15.39 12.09
CA CYS C 29 -19.80 16.11 11.38
C CYS C 29 -19.10 15.24 10.33
N VAL C 30 -18.75 14.00 10.69
CA VAL C 30 -18.12 13.12 9.74
C VAL C 30 -19.09 12.87 8.60
N ALA C 31 -20.34 12.61 8.91
CA ALA C 31 -21.26 12.32 7.84
C ALA C 31 -21.51 13.47 6.84
N GLN C 32 -21.74 14.67 7.33
CA GLN C 32 -21.99 15.82 6.46
C GLN C 32 -20.79 16.27 5.57
N THR C 33 -19.61 15.75 5.83
CA THR C 33 -18.51 16.22 5.06
C THR C 33 -18.22 15.19 3.99
N GLY C 34 -19.07 14.19 3.88
CA GLY C 34 -18.87 13.24 2.84
C GLY C 34 -18.35 11.91 3.25
N GLY C 35 -18.12 11.70 4.55
CA GLY C 35 -17.63 10.39 5.01
C GLY C 35 -18.66 9.28 4.77
N SER C 36 -18.20 8.10 4.40
CA SER C 36 -19.11 6.99 4.13
C SER C 36 -19.52 6.24 5.41
N PRO C 37 -20.58 5.41 5.31
CA PRO C 37 -21.01 4.66 6.50
C PRO C 37 -19.87 3.98 7.29
N ASP C 38 -18.92 3.43 6.57
CA ASP C 38 -17.77 2.75 7.16
C ASP C 38 -16.95 3.68 8.05
N LEU C 39 -16.65 4.89 7.55
CA LEU C 39 -15.91 5.81 8.38
C LEU C 39 -16.79 6.39 9.54
N VAL C 40 -18.07 6.59 9.29
CA VAL C 40 -18.88 7.09 10.37
C VAL C 40 -18.89 6.03 11.46
N ALA C 41 -18.93 4.77 11.08
CA ALA C 41 -18.97 3.75 12.13
C ALA C 41 -17.68 3.66 12.90
N HIS C 42 -16.59 3.86 12.17
CA HIS C 42 -15.26 3.81 12.70
C HIS C 42 -15.06 4.83 13.80
N THR C 43 -15.41 6.07 13.51
CA THR C 43 -15.25 7.15 14.47
C THR C 43 -16.07 6.88 15.73
N ALA C 44 -17.27 6.36 15.57
CA ALA C 44 -18.11 6.06 16.71
C ALA C 44 -17.60 4.94 17.62
N ALA C 45 -16.68 4.12 17.09
CA ALA C 45 -16.12 3.00 17.82
C ALA C 45 -14.84 3.45 18.57
N LEU C 46 -14.48 4.72 18.44
CA LEU C 46 -13.33 5.22 19.14
C LEU C 46 -13.86 5.67 20.49
N ARG C 47 -14.36 4.69 21.24
CA ARG C 47 -14.96 4.89 22.56
C ARG C 47 -14.19 5.65 23.59
N LEU C 48 -12.99 5.22 23.92
CA LEU C 48 -12.28 5.93 24.93
C LEU C 48 -12.00 7.35 24.50
N TYR C 49 -11.57 7.50 23.24
CA TYR C 49 -11.25 8.79 22.62
C TYR C 49 -12.42 9.75 22.76
N LEU C 50 -13.66 9.28 22.74
CA LEU C 50 -14.82 10.19 22.81
C LEU C 50 -15.23 10.43 24.23
N ARG C 51 -14.66 9.65 25.14
CA ARG C 51 -14.93 9.70 26.56
C ARG C 51 -13.90 10.50 27.32
N VAL C 52 -12.67 10.52 26.86
CA VAL C 52 -11.65 11.20 27.61
C VAL C 52 -11.89 12.74 27.71
N PRO C 53 -12.51 13.34 26.69
CA PRO C 53 -12.71 14.78 26.84
C PRO C 53 -13.61 15.11 28.04
N HIS C 54 -14.44 14.16 28.49
CA HIS C 54 -15.34 14.38 29.64
C HIS C 54 -14.46 14.49 30.89
N PHE C 55 -13.53 13.55 31.01
CA PHE C 55 -12.62 13.58 32.14
C PHE C 55 -11.85 14.88 32.12
N LEU C 56 -11.42 15.28 30.93
CA LEU C 56 -10.66 16.48 30.78
C LEU C 56 -11.34 17.78 31.16
N THR C 57 -12.66 17.81 31.03
CA THR C 57 -13.42 19.03 31.32
C THR C 57 -14.03 19.02 32.71
N GLU C 58 -13.58 18.11 33.55
CA GLU C 58 -14.09 17.95 34.90
C GLU C 58 -13.90 19.20 35.76
N TRP C 59 -13.01 20.12 35.39
CA TRP C 59 -12.83 21.27 36.23
C TRP C 59 -13.71 22.43 35.78
N THR C 60 -14.56 22.14 34.81
CA THR C 60 -15.44 23.16 34.26
C THR C 60 -16.79 23.13 34.94
N THR C 61 -17.10 24.22 35.65
CA THR C 61 -18.33 24.23 36.43
C THR C 61 -19.64 24.51 35.74
N ASP C 62 -19.63 25.35 34.71
CA ASP C 62 -20.85 25.61 33.92
C ASP C 62 -21.09 24.43 32.94
N PRO C 63 -22.18 23.70 33.11
CA PRO C 63 -22.62 22.54 32.32
C PRO C 63 -22.53 22.69 30.82
N ASP C 64 -23.03 23.83 30.35
CA ASP C 64 -23.04 24.17 28.94
C ASP C 64 -21.66 24.46 28.39
N ARG C 65 -20.88 25.26 29.12
CA ARG C 65 -19.55 25.52 28.64
C ARG C 65 -18.93 24.12 28.59
N ARG C 66 -19.13 23.33 29.63
CA ARG C 66 -18.52 22.03 29.62
C ARG C 66 -18.81 21.16 28.44
N ALA C 67 -20.08 20.99 28.08
CA ALA C 67 -20.33 20.10 26.95
C ALA C 67 -19.83 20.70 25.63
N ALA C 68 -19.70 22.02 25.58
CA ALA C 68 -19.22 22.67 24.36
C ALA C 68 -17.76 22.33 24.16
N VAL C 69 -17.00 22.45 25.25
CA VAL C 69 -15.56 22.19 25.26
C VAL C 69 -15.20 20.75 25.02
N SER C 70 -15.96 19.89 25.68
CA SER C 70 -15.77 18.46 25.63
C SER C 70 -15.98 17.95 24.17
N ARG C 71 -17.02 18.41 23.48
CA ARG C 71 -17.21 17.93 22.13
C ARG C 71 -16.24 18.62 21.14
N ALA C 72 -15.73 19.80 21.49
CA ALA C 72 -14.77 20.46 20.61
C ALA C 72 -13.44 19.66 20.71
N LEU C 73 -13.07 19.28 21.93
CA LEU C 73 -11.89 18.44 22.15
C LEU C 73 -12.14 17.09 21.47
N ALA C 74 -13.36 16.58 21.57
CA ALA C 74 -13.66 15.32 20.96
C ALA C 74 -13.34 15.36 19.47
N LEU C 75 -13.71 16.46 18.80
CA LEU C 75 -13.48 16.56 17.38
C LEU C 75 -11.98 16.51 17.03
N ASP C 76 -11.13 17.18 17.81
CA ASP C 76 -9.71 17.13 17.47
C ASP C 76 -9.05 15.81 17.87
N ILE C 77 -9.46 15.19 18.98
CA ILE C 77 -8.89 13.93 19.34
C ILE C 77 -9.18 12.88 18.26
N VAL C 78 -10.42 12.80 17.78
CA VAL C 78 -10.80 11.88 16.71
C VAL C 78 -10.06 12.21 15.43
N SER C 79 -9.95 13.50 15.15
CA SER C 79 -9.25 13.94 13.96
C SER C 79 -7.83 13.39 13.92
N MET C 80 -7.08 13.63 14.99
CA MET C 80 -5.71 13.15 15.07
C MET C 80 -5.64 11.64 15.02
N LYS C 81 -6.66 10.98 15.58
CA LYS C 81 -6.68 9.55 15.54
C LYS C 81 -6.84 9.13 14.08
N LEU C 82 -7.61 9.91 13.33
CA LEU C 82 -7.78 9.54 11.95
C LEU C 82 -6.44 9.78 11.27
N LEU C 83 -5.72 10.83 11.62
CA LEU C 83 -4.43 11.03 10.96
C LEU C 83 -3.52 9.84 11.21
N ASP C 84 -3.54 9.31 12.43
CA ASP C 84 -2.72 8.14 12.76
C ASP C 84 -3.17 6.91 11.97
N ASP C 85 -4.46 6.63 11.86
CA ASP C 85 -4.88 5.48 11.05
C ASP C 85 -4.44 5.70 9.59
N LEU C 86 -4.43 6.95 9.16
CA LEU C 86 -4.03 7.29 7.81
C LEU C 86 -2.56 7.00 7.61
N MET C 87 -1.73 7.32 8.58
CA MET C 87 -0.33 7.02 8.36
C MET C 87 -0.02 5.51 8.48
N ASP C 88 -0.84 4.75 9.20
CA ASP C 88 -0.60 3.31 9.32
C ASP C 88 -1.16 2.57 8.13
N ASP C 89 -2.21 3.13 7.55
CA ASP C 89 -2.89 2.55 6.40
C ASP C 89 -3.23 1.05 6.60
N ASP C 90 -3.60 0.69 7.83
CA ASP C 90 -3.96 -0.69 8.19
C ASP C 90 -5.48 -0.97 8.44
N THR C 91 -6.27 0.08 8.55
CA THR C 91 -7.69 -0.08 8.76
C THR C 91 -8.56 -0.53 7.57
N GLY C 92 -8.04 -0.63 6.36
CA GLY C 92 -8.98 -1.00 5.36
C GLY C 92 -9.94 0.12 4.99
N LEU C 93 -9.91 1.29 5.63
CA LEU C 93 -10.81 2.43 5.26
C LEU C 93 -10.23 3.22 4.09
N ASP C 94 -11.06 3.95 3.33
CA ASP C 94 -10.58 4.70 2.14
C ASP C 94 -9.63 5.82 2.59
N ARG C 95 -8.44 5.92 1.98
CA ARG C 95 -7.45 6.90 2.41
C ARG C 95 -7.90 8.27 2.07
N VAL C 96 -8.72 8.40 1.06
CA VAL C 96 -9.12 9.74 0.75
C VAL C 96 -10.04 10.30 1.80
N GLU C 97 -11.11 9.56 2.11
CA GLU C 97 -12.05 10.01 3.15
C GLU C 97 -11.31 10.29 4.44
N LEU C 98 -10.45 9.36 4.83
CA LEU C 98 -9.70 9.51 6.03
C LEU C 98 -9.02 10.87 6.06
N ALA C 99 -8.27 11.20 5.01
CA ALA C 99 -7.58 12.44 5.02
C ALA C 99 -8.55 13.62 5.08
N CYS C 100 -9.47 13.67 4.14
CA CYS C 100 -10.43 14.73 4.07
C CYS C 100 -11.27 14.84 5.33
N VAL C 101 -11.84 13.73 5.81
CA VAL C 101 -12.63 13.85 7.03
C VAL C 101 -11.70 14.32 8.18
N CYS C 102 -10.49 13.78 8.24
CA CYS C 102 -9.53 14.18 9.23
C CYS C 102 -9.30 15.71 9.24
N LEU C 103 -8.99 16.31 8.09
CA LEU C 103 -8.78 17.76 8.07
C LEU C 103 -10.05 18.53 8.49
N ARG C 104 -11.20 18.09 8.00
CA ARG C 104 -12.46 18.75 8.26
C ARG C 104 -12.74 18.80 9.73
N LEU C 105 -12.52 17.71 10.44
CA LEU C 105 -12.77 17.74 11.89
C LEU C 105 -11.79 18.64 12.65
N HIS C 106 -10.57 18.70 12.17
CA HIS C 106 -9.57 19.46 12.83
C HIS C 106 -9.88 20.94 12.75
N LEU C 107 -10.33 21.39 11.57
CA LEU C 107 -10.73 22.80 11.36
C LEU C 107 -12.01 23.17 12.15
N ARG C 108 -12.91 22.19 12.30
CA ARG C 108 -14.12 22.50 13.01
C ARG C 108 -13.75 22.63 14.46
N ALA C 109 -12.91 21.74 14.93
CA ALA C 109 -12.51 21.82 16.31
C ALA C 109 -11.77 23.12 16.62
N LEU C 110 -10.91 23.58 15.69
CA LEU C 110 -10.15 24.79 15.96
C LEU C 110 -11.11 25.93 16.12
N HIS C 111 -12.09 25.93 15.22
CA HIS C 111 -13.12 26.94 15.21
C HIS C 111 -13.89 26.96 16.52
N GLU C 112 -14.36 25.81 16.97
CA GLU C 112 -15.11 25.74 18.21
C GLU C 112 -14.28 26.12 19.44
N LEU C 113 -13.07 25.57 19.55
CA LEU C 113 -12.22 25.86 20.67
C LEU C 113 -11.89 27.35 20.71
N GLU C 114 -11.64 27.94 19.53
CA GLU C 114 -11.29 29.35 19.53
C GLU C 114 -12.38 30.26 19.99
N SER C 115 -13.61 29.83 19.76
CA SER C 115 -14.77 30.63 20.13
C SER C 115 -15.22 30.37 21.57
N LEU C 116 -14.49 29.53 22.27
CA LEU C 116 -14.82 29.20 23.63
C LEU C 116 -13.70 29.66 24.57
N ALA C 117 -12.55 29.98 24.01
CA ALA C 117 -11.41 30.38 24.81
C ALA C 117 -11.41 31.83 25.26
N ARG C 118 -10.87 32.08 26.44
CA ARG C 118 -10.77 33.41 26.98
C ARG C 118 -10.02 34.10 25.87
N ASP C 119 -8.86 33.57 25.50
CA ASP C 119 -8.08 34.18 24.43
C ASP C 119 -7.97 33.23 23.25
N PRO C 120 -8.49 33.61 22.08
CA PRO C 120 -8.36 32.67 20.94
C PRO C 120 -6.90 32.24 20.59
N LYS C 121 -5.99 33.21 20.63
CA LYS C 121 -4.58 32.94 20.35
C LYS C 121 -4.05 31.83 21.27
N ALA C 122 -4.66 31.65 22.44
CA ALA C 122 -4.18 30.59 23.32
C ALA C 122 -4.36 29.18 22.71
N VAL C 123 -5.35 28.95 21.84
CA VAL C 123 -5.49 27.60 21.26
C VAL C 123 -4.27 27.24 20.44
N THR C 124 -3.96 28.08 19.47
CA THR C 124 -2.81 27.85 18.65
C THR C 124 -1.50 27.96 19.43
N ASP C 125 -1.44 28.70 20.53
CA ASP C 125 -0.18 28.78 21.28
C ASP C 125 0.16 27.38 21.84
N ILE C 126 -0.87 26.73 22.39
CA ILE C 126 -0.81 25.39 22.97
C ILE C 126 -0.48 24.33 21.90
N LEU C 127 -1.13 24.43 20.75
CA LEU C 127 -0.88 23.48 19.72
C LEU C 127 0.52 23.51 19.17
N GLU C 128 1.07 24.72 19.01
CA GLU C 128 2.41 24.99 18.44
C GLU C 128 3.52 24.75 19.43
N GLN C 129 3.25 25.03 20.69
CA GLN C 129 4.16 24.90 21.83
C GLN C 129 5.00 23.61 21.80
N ASP C 130 4.38 22.45 21.82
CA ASP C 130 5.21 21.27 21.73
C ASP C 130 4.92 20.51 20.46
N ALA C 131 4.71 21.22 19.35
CA ALA C 131 4.37 20.54 18.11
C ALA C 131 5.52 19.62 17.63
N VAL C 132 6.70 20.22 17.63
CA VAL C 132 7.88 19.50 17.24
C VAL C 132 8.08 18.32 18.17
N HIS C 133 7.86 18.54 19.46
CA HIS C 133 8.08 17.44 20.39
C HIS C 133 7.22 16.23 20.10
N LEU C 134 5.96 16.50 19.83
CA LEU C 134 4.96 15.49 19.55
C LEU C 134 5.09 14.88 18.19
N CYS C 135 5.41 15.68 17.19
CA CYS C 135 5.49 15.14 15.84
C CYS C 135 6.77 14.38 15.58
N GLY C 136 7.88 14.95 16.02
CA GLY C 136 9.15 14.27 15.85
C GLY C 136 9.14 13.04 16.74
N GLY C 137 8.38 13.10 17.82
CA GLY C 137 8.34 11.97 18.69
C GLY C 137 7.61 10.84 18.00
N GLN C 138 6.55 11.19 17.27
CA GLN C 138 5.74 10.21 16.59
C GLN C 138 6.58 9.61 15.49
N ILE C 139 7.52 10.37 14.94
CA ILE C 139 8.35 9.85 13.87
C ILE C 139 9.35 8.86 14.45
N ARG C 140 9.88 9.18 15.63
CA ARG C 140 10.86 8.34 16.30
C ARG C 140 10.24 7.08 16.79
N THR C 141 9.10 7.22 17.43
CA THR C 141 8.40 6.07 17.96
C THR C 141 8.21 5.00 16.93
N LYS C 142 7.71 5.38 15.78
CA LYS C 142 7.42 4.40 14.77
C LYS C 142 8.62 4.00 13.96
N ARG C 143 9.73 4.67 14.15
CA ARG C 143 10.90 4.31 13.38
C ARG C 143 11.58 3.09 14.02
N SER C 144 11.72 3.17 15.34
CA SER C 144 12.39 2.16 16.14
C SER C 144 11.58 1.63 17.32
N ARG C 145 11.16 0.37 17.23
CA ARG C 145 10.44 -0.27 18.31
C ARG C 145 11.31 -0.09 19.61
N ALA C 146 10.66 0.03 20.77
CA ALA C 146 11.34 0.17 22.07
C ALA C 146 11.87 -1.22 22.44
N THR C 147 12.94 -1.29 23.25
CA THR C 147 13.46 -2.61 23.60
C THR C 147 13.42 -2.93 25.08
N ASN C 148 12.88 -2.03 25.89
CA ASN C 148 12.74 -2.19 27.34
C ASN C 148 11.78 -1.13 27.87
N LEU C 149 11.43 -1.22 29.15
CA LEU C 149 10.49 -0.28 29.75
C LEU C 149 10.92 1.19 29.66
N ARG C 150 12.21 1.44 29.86
CA ARG C 150 12.68 2.81 29.76
C ARG C 150 12.31 3.42 28.40
N GLU C 151 12.73 2.78 27.32
CA GLU C 151 12.44 3.23 25.96
C GLU C 151 10.93 3.25 25.70
N TRP C 152 10.23 2.25 26.20
CA TRP C 152 8.81 2.24 26.01
C TRP C 152 8.19 3.49 26.56
N ARG C 153 8.47 3.79 27.82
CA ARG C 153 7.80 4.95 28.37
C ARG C 153 8.27 6.29 27.82
N ALA C 154 9.47 6.34 27.31
CA ALA C 154 9.88 7.59 26.72
C ALA C 154 9.06 7.78 25.45
N HIS C 155 8.87 6.74 24.62
CA HIS C 155 8.07 6.89 23.40
C HIS C 155 6.64 7.30 23.83
N ALA C 156 6.10 6.56 24.78
CA ALA C 156 4.75 6.82 25.25
C ALA C 156 4.47 8.25 25.72
N SER C 157 5.43 8.86 26.38
CA SER C 157 5.17 10.19 26.86
C SER C 157 5.01 11.18 25.72
N THR C 158 5.27 10.77 24.47
CA THR C 158 4.98 11.71 23.42
C THR C 158 3.69 11.37 22.74
N TYR C 159 3.50 10.17 22.19
CA TYR C 159 2.20 9.93 21.54
C TYR C 159 1.05 9.75 22.55
N GLY C 160 1.41 9.58 23.82
CA GLY C 160 0.41 9.42 24.84
C GLY C 160 0.22 10.65 25.70
N SER C 161 1.24 10.96 26.49
CA SER C 161 1.17 12.07 27.42
C SER C 161 1.14 13.42 26.76
N THR C 162 2.15 13.76 25.98
CA THR C 162 2.13 15.05 25.33
C THR C 162 0.85 15.18 24.44
N PHE C 163 0.47 14.12 23.73
CA PHE C 163 -0.71 14.16 22.90
C PHE C 163 -1.96 14.59 23.74
N LEU C 164 -2.26 13.86 24.80
CA LEU C 164 -3.40 14.20 25.64
C LEU C 164 -3.18 15.47 26.47
N GLY C 165 -1.92 15.74 26.82
CA GLY C 165 -1.59 16.92 27.60
C GLY C 165 -2.02 18.21 26.93
N ARG C 166 -1.82 18.32 25.62
CA ARG C 166 -2.25 19.46 24.85
C ARG C 166 -3.76 19.60 25.03
N TYR C 167 -4.50 18.51 24.91
CA TYR C 167 -5.95 18.64 25.10
C TYR C 167 -6.29 19.02 26.52
N GLY C 168 -5.40 18.73 27.45
CA GLY C 168 -5.65 19.09 28.83
C GLY C 168 -5.43 20.59 29.02
N ALA C 169 -4.35 21.05 28.41
CA ALA C 169 -4.03 22.45 28.45
C ALA C 169 -5.19 23.26 27.83
N LEU C 170 -5.75 22.70 26.78
CA LEU C 170 -6.82 23.28 26.01
C LEU C 170 -8.11 23.29 26.80
N ALA C 171 -8.37 22.20 27.54
CA ALA C 171 -9.60 22.08 28.35
C ALA C 171 -9.60 23.21 29.38
N ALA C 172 -8.40 23.49 29.89
CA ALA C 172 -8.17 24.54 30.86
C ALA C 172 -8.36 25.93 30.23
N ALA C 173 -7.83 26.12 29.01
CA ALA C 173 -7.91 27.41 28.32
C ALA C 173 -9.32 27.79 27.89
N CYS C 174 -10.14 26.80 27.58
CA CYS C 174 -11.51 27.07 27.11
C CYS C 174 -12.53 26.81 28.22
N GLY C 175 -12.05 26.40 29.39
CA GLY C 175 -12.95 26.09 30.49
C GLY C 175 -13.29 27.26 31.39
N GLY C 176 -12.97 28.47 30.97
CA GLY C 176 -13.30 29.58 31.85
C GLY C 176 -12.35 29.60 33.05
N GLU C 177 -12.82 30.23 34.13
CA GLU C 177 -11.97 30.44 35.30
C GLU C 177 -11.85 29.44 36.44
N GLY C 178 -10.65 29.48 37.02
CA GLY C 178 -10.29 28.60 38.13
C GLY C 178 -10.18 27.20 37.58
N GLN C 179 -9.11 27.00 36.82
CA GLN C 179 -8.84 25.73 36.21
C GLN C 179 -7.39 25.73 36.55
N PRO C 180 -6.94 24.81 37.35
CA PRO C 180 -5.51 24.87 37.62
C PRO C 180 -4.84 24.24 36.41
N ALA C 181 -4.57 25.06 35.40
CA ALA C 181 -3.98 24.61 34.14
C ALA C 181 -2.79 23.65 34.25
N ASP C 182 -1.85 23.89 35.14
CA ASP C 182 -0.78 22.91 35.21
C ASP C 182 -1.27 21.56 35.74
N SER C 183 -2.20 21.57 36.68
CA SER C 183 -2.74 20.36 37.24
C SER C 183 -3.60 19.62 36.25
N VAL C 184 -4.46 20.33 35.50
CA VAL C 184 -5.29 19.68 34.48
C VAL C 184 -4.35 18.94 33.51
N ARG C 185 -3.25 19.58 33.12
CA ARG C 185 -2.30 18.96 32.21
C ARG C 185 -1.60 17.74 32.83
N GLU C 186 -1.06 17.91 34.03
CA GLU C 186 -0.40 16.84 34.80
C GLU C 186 -1.34 15.65 34.80
N PHE C 187 -2.62 15.90 35.11
CA PHE C 187 -3.60 14.82 35.13
C PHE C 187 -3.71 14.16 33.76
N ALA C 188 -3.79 15.00 32.73
CA ALA C 188 -3.88 14.47 31.41
C ALA C 188 -2.66 13.63 31.08
N GLU C 189 -1.45 14.12 31.28
CA GLU C 189 -0.28 13.33 30.93
C GLU C 189 -0.08 12.01 31.65
N ALA C 190 -0.52 11.93 32.90
CA ALA C 190 -0.39 10.71 33.68
C ALA C 190 -1.43 9.68 33.25
N PHE C 191 -2.71 10.11 33.26
CA PHE C 191 -3.84 9.26 32.84
C PHE C 191 -3.62 8.75 31.39
N ALA C 192 -3.12 9.64 30.50
CA ALA C 192 -2.87 9.29 29.10
C ALA C 192 -1.95 8.06 29.01
N MET C 193 -0.88 8.04 29.80
CA MET C 193 0.08 6.94 29.80
C MET C 193 -0.55 5.64 30.32
N THR C 194 -1.42 5.76 31.33
CA THR C 194 -2.12 4.60 31.88
C THR C 194 -2.98 3.95 30.82
N ILE C 195 -3.85 4.73 30.15
CA ILE C 195 -4.69 4.16 29.13
C ILE C 195 -3.87 3.74 27.86
N THR C 196 -2.72 4.39 27.64
CA THR C 196 -1.87 4.03 26.53
C THR C 196 -1.34 2.64 26.78
N MET C 197 -0.96 2.31 28.03
CA MET C 197 -0.47 0.96 28.35
C MET C 197 -1.63 0.00 28.14
N ALA C 198 -2.79 0.40 28.67
CA ALA C 198 -3.97 -0.44 28.56
C ALA C 198 -4.21 -0.84 27.10
N ASP C 199 -4.05 0.11 26.19
CA ASP C 199 -4.31 -0.17 24.82
C ASP C 199 -3.23 -1.01 24.20
N ASP C 200 -2.03 -0.70 24.56
CA ASP C 200 -0.95 -1.44 24.02
C ASP C 200 -1.16 -2.94 24.40
N LEU C 201 -1.56 -3.19 25.64
CA LEU C 201 -1.76 -4.56 26.12
C LEU C 201 -3.08 -5.17 25.68
N THR C 202 -3.87 -4.43 24.95
CA THR C 202 -5.13 -5.00 24.53
C THR C 202 -5.03 -5.39 23.09
N ASP C 203 -5.31 -6.67 22.83
CA ASP C 203 -5.30 -7.28 21.50
C ASP C 203 -6.79 -7.38 20.99
N TYR C 204 -7.07 -6.83 19.82
CA TYR C 204 -8.43 -6.92 19.30
C TYR C 204 -8.52 -7.82 18.08
N ASP C 205 -7.38 -8.35 17.65
CA ASP C 205 -7.28 -9.27 16.49
C ASP C 205 -7.78 -8.66 15.19
N ARG C 206 -7.73 -7.33 15.07
CA ARG C 206 -8.22 -6.64 13.86
C ARG C 206 -7.17 -6.52 12.74
N ASN C 207 -7.27 -7.42 11.76
CA ASN C 207 -6.39 -7.53 10.58
C ASN C 207 -4.93 -7.90 10.90
N GLY C 208 -3.99 -7.10 10.40
CA GLY C 208 -2.59 -7.40 10.67
C GLY C 208 -2.23 -6.60 11.89
N GLU C 209 -3.02 -6.70 12.95
CA GLU C 209 -2.74 -5.96 14.19
C GLU C 209 -1.71 -6.70 15.04
N ARG C 210 -0.47 -6.20 15.02
CA ARG C 210 0.67 -6.77 15.77
C ARG C 210 0.63 -6.61 17.32
N ASP C 211 1.07 -7.66 18.03
CA ASP C 211 1.14 -7.67 19.50
C ASP C 211 1.62 -6.24 19.84
N GLY C 212 1.03 -5.58 20.84
CA GLY C 212 1.44 -4.23 21.23
C GLY C 212 2.88 -4.25 21.71
N ASN C 213 3.66 -3.22 21.41
CA ASN C 213 5.08 -3.20 21.77
C ASN C 213 5.42 -3.62 23.18
N LEU C 214 4.70 -3.07 24.16
CA LEU C 214 4.94 -3.40 25.53
C LEU C 214 4.52 -4.81 25.83
N ALA C 215 3.33 -5.18 25.38
CA ALA C 215 2.80 -6.54 25.56
C ALA C 215 3.89 -7.55 25.13
N HIS C 216 4.56 -7.20 24.05
CA HIS C 216 5.60 -7.99 23.47
C HIS C 216 6.78 -8.13 24.36
N LEU C 217 7.34 -6.99 24.74
CA LEU C 217 8.50 -7.02 25.63
C LEU C 217 8.18 -7.79 26.94
N MET C 218 6.91 -7.82 27.33
CA MET C 218 6.54 -8.54 28.52
C MET C 218 6.60 -10.07 28.32
N ARG C 219 6.02 -10.56 27.22
CA ARG C 219 5.97 -12.00 26.87
C ARG C 219 7.41 -12.53 26.62
N THR C 220 8.21 -11.63 26.07
CA THR C 220 9.61 -11.79 25.76
C THR C 220 10.51 -11.78 27.01
N GLY C 221 9.99 -11.35 28.16
CA GLY C 221 10.79 -11.29 29.38
C GLY C 221 11.72 -10.10 29.31
N ALA C 222 11.67 -9.35 28.22
CA ALA C 222 12.49 -8.16 28.08
C ALA C 222 12.01 -7.05 29.02
N VAL C 223 10.84 -7.22 29.63
CA VAL C 223 10.29 -6.26 30.56
C VAL C 223 9.61 -7.05 31.69
N ALA C 224 10.01 -6.73 32.92
CA ALA C 224 9.55 -7.36 34.14
C ALA C 224 8.18 -6.92 34.59
N GLY C 225 7.41 -7.88 35.07
CA GLY C 225 6.10 -7.53 35.52
C GLY C 225 6.06 -6.53 36.68
N GLN C 226 6.98 -6.61 37.64
CA GLN C 226 6.86 -5.68 38.76
C GLN C 226 7.24 -4.29 38.30
N ASP C 227 8.04 -4.21 37.26
CA ASP C 227 8.39 -2.90 36.79
C ASP C 227 7.17 -2.18 36.24
N VAL C 228 6.33 -2.94 35.53
CA VAL C 228 5.11 -2.44 34.92
C VAL C 228 4.13 -2.05 36.02
N VAL C 229 4.04 -2.88 37.06
CA VAL C 229 3.19 -2.57 38.20
C VAL C 229 3.68 -1.29 38.91
N ASP C 230 4.99 -1.08 38.95
CA ASP C 230 5.47 0.13 39.59
C ASP C 230 5.12 1.41 38.79
N LEU C 231 5.28 1.35 37.47
CA LEU C 231 4.99 2.46 36.61
C LEU C 231 3.53 2.81 36.79
N LEU C 232 2.69 1.78 36.71
CA LEU C 232 1.28 1.93 36.87
C LEU C 232 0.98 2.66 38.18
N GLU C 233 1.56 2.24 39.29
CA GLU C 233 1.26 2.92 40.54
C GLU C 233 1.87 4.31 40.62
N GLU C 234 2.96 4.54 39.90
CA GLU C 234 3.53 5.86 39.84
C GLU C 234 2.50 6.79 39.18
N LEU C 235 1.94 6.35 38.05
CA LEU C 235 0.95 7.15 37.34
C LEU C 235 -0.35 7.28 38.10
N ARG C 236 -0.71 6.32 38.95
CA ARG C 236 -1.96 6.46 39.69
C ARG C 236 -1.71 7.61 40.69
N GLY C 237 -0.53 7.57 41.30
CA GLY C 237 -0.16 8.61 42.24
C GLY C 237 -0.05 9.97 41.59
N ARG C 238 0.56 10.06 40.41
CA ARG C 238 0.73 11.35 39.75
C ARG C 238 -0.63 11.90 39.43
N ALA C 239 -1.53 11.01 39.01
CA ALA C 239 -2.87 11.49 38.63
C ALA C 239 -3.66 11.96 39.83
N LEU C 240 -3.80 11.08 40.83
CA LEU C 240 -4.52 11.45 42.04
C LEU C 240 -4.06 12.80 42.63
N ALA C 241 -2.76 13.07 42.59
CA ALA C 241 -2.23 14.30 43.14
C ALA C 241 -2.73 15.47 42.34
N ALA C 242 -2.70 15.29 41.03
CA ALA C 242 -3.15 16.27 40.08
C ALA C 242 -4.56 16.69 40.38
N VAL C 243 -5.45 15.72 40.57
CA VAL C 243 -6.83 16.07 40.86
C VAL C 243 -7.09 16.55 42.30
N ALA C 244 -6.04 16.54 43.12
CA ALA C 244 -6.14 16.99 44.49
C ALA C 244 -5.66 18.43 44.62
N ALA C 245 -4.95 18.97 43.63
CA ALA C 245 -4.50 20.37 43.71
C ALA C 245 -5.77 21.22 43.66
N PRO C 246 -5.87 22.31 44.49
CA PRO C 246 -7.08 23.15 44.48
C PRO C 246 -7.26 23.96 43.21
N PRO C 247 -8.51 24.12 42.76
CA PRO C 247 -9.79 23.65 43.29
C PRO C 247 -10.00 22.12 43.41
N GLY C 248 -9.45 21.35 42.49
CA GLY C 248 -9.64 19.93 42.71
C GLY C 248 -10.81 19.44 41.91
N ALA C 249 -10.67 18.21 41.41
CA ALA C 249 -11.68 17.57 40.60
C ALA C 249 -11.81 16.18 41.18
N PRO C 250 -12.34 16.12 42.42
CA PRO C 250 -12.53 14.86 43.15
C PRO C 250 -13.22 13.71 42.34
N GLY C 251 -14.02 14.08 41.34
CA GLY C 251 -14.72 13.11 40.53
C GLY C 251 -13.79 12.19 39.75
N LEU C 252 -12.62 12.70 39.38
CA LEU C 252 -11.68 11.89 38.62
C LEU C 252 -11.00 10.84 39.49
N VAL C 253 -11.23 10.89 40.79
CA VAL C 253 -10.51 9.97 41.64
C VAL C 253 -10.90 8.55 41.37
N PRO C 254 -12.21 8.27 41.43
CA PRO C 254 -12.54 6.88 41.17
C PRO C 254 -12.26 6.50 39.70
N VAL C 255 -12.18 7.49 38.80
CA VAL C 255 -11.92 7.26 37.38
C VAL C 255 -10.52 6.70 37.23
N VAL C 256 -9.59 7.40 37.89
CA VAL C 256 -8.21 7.06 37.89
C VAL C 256 -8.10 5.63 38.40
N HIS C 257 -8.78 5.29 39.48
CA HIS C 257 -8.70 3.92 39.98
C HIS C 257 -9.27 2.86 39.05
N LEU C 258 -10.45 3.12 38.48
CA LEU C 258 -11.07 2.19 37.51
C LEU C 258 -10.10 1.75 36.43
N TYR C 259 -9.52 2.71 35.73
CA TYR C 259 -8.59 2.40 34.66
C TYR C 259 -7.30 1.79 35.06
N THR C 260 -6.65 2.38 36.05
CA THR C 260 -5.41 1.87 36.56
C THR C 260 -5.66 0.41 37.12
N ASP C 261 -6.70 0.17 37.92
CA ASP C 261 -6.86 -1.22 38.40
C ASP C 261 -7.18 -2.22 37.30
N ASP C 262 -7.82 -1.77 36.22
CA ASP C 262 -8.16 -2.61 35.07
C ASP C 262 -6.89 -3.21 34.46
N VAL C 263 -5.87 -2.40 34.25
CA VAL C 263 -4.64 -2.92 33.68
C VAL C 263 -3.98 -3.87 34.67
N LEU C 264 -3.94 -3.51 35.95
CA LEU C 264 -3.36 -4.39 36.95
C LEU C 264 -4.09 -5.75 37.05
N VAL C 265 -5.43 -5.75 37.13
CA VAL C 265 -6.21 -6.99 37.28
C VAL C 265 -6.58 -7.78 35.99
N ARG C 266 -6.96 -7.09 34.94
CA ARG C 266 -7.36 -7.79 33.74
C ARG C 266 -6.28 -7.91 32.67
N LEU C 267 -5.48 -6.88 32.44
CA LEU C 267 -4.50 -6.95 31.38
C LEU C 267 -3.13 -7.54 31.70
N LEU C 268 -2.52 -7.19 32.81
CA LEU C 268 -1.23 -7.76 33.06
C LEU C 268 -1.22 -9.29 33.05
N PRO C 269 -2.23 -9.96 33.63
CA PRO C 269 -2.19 -11.42 33.62
C PRO C 269 -2.18 -12.04 32.21
N ARG C 270 -2.66 -11.28 31.25
CA ARG C 270 -2.70 -11.86 29.91
C ARG C 270 -1.29 -11.98 29.38
N HIS C 271 -0.32 -11.40 30.07
CA HIS C 271 1.00 -11.46 29.48
C HIS C 271 2.14 -11.97 30.26
N LEU C 272 1.96 -12.57 31.43
CA LEU C 272 3.18 -13.03 32.09
C LEU C 272 3.98 -13.82 30.99
N GLY C 273 5.32 -13.62 30.94
CA GLY C 273 6.18 -14.26 29.94
C GLY C 273 7.02 -15.43 30.42
N VAL D 9 13.45 43.82 -14.53
CA VAL D 9 13.92 42.61 -13.77
C VAL D 9 13.97 42.82 -12.25
N ASP D 10 13.37 43.88 -11.69
CA ASP D 10 13.44 44.06 -10.23
C ASP D 10 12.33 43.36 -9.41
N ASP D 11 11.22 42.99 -10.06
CA ASP D 11 10.13 42.25 -9.41
C ASP D 11 10.43 40.78 -9.51
N ASP D 12 11.04 40.42 -10.65
CA ASP D 12 11.49 39.07 -10.95
C ASP D 12 12.42 38.78 -9.77
N ASP D 13 13.17 39.79 -9.34
CA ASP D 13 14.10 39.64 -8.23
C ASP D 13 13.37 39.42 -6.90
N LYS D 14 12.38 40.27 -6.63
CA LYS D 14 11.58 40.17 -5.41
C LYS D 14 10.97 38.79 -5.34
N MET D 15 10.35 38.36 -6.44
CA MET D 15 9.74 37.04 -6.50
C MET D 15 10.76 35.94 -6.19
N LEU D 16 11.97 36.04 -6.71
CA LEU D 16 12.96 35.00 -6.47
C LEU D 16 13.45 34.93 -5.05
N ALA D 17 13.38 36.06 -4.38
CA ALA D 17 13.88 36.08 -3.04
C ALA D 17 12.82 35.59 -2.11
N ALA D 18 11.56 35.89 -2.44
CA ALA D 18 10.44 35.43 -1.63
C ALA D 18 10.47 33.91 -1.69
N GLU D 19 10.60 33.40 -2.91
CA GLU D 19 10.58 31.97 -3.15
C GLU D 19 11.68 31.25 -2.39
N ALA D 20 12.83 31.90 -2.30
CA ALA D 20 13.97 31.33 -1.61
C ALA D 20 13.69 31.30 -0.12
N ALA D 21 13.14 32.43 0.39
CA ALA D 21 12.83 32.57 1.80
C ALA D 21 11.80 31.54 2.24
N ASN D 22 10.75 31.42 1.43
CA ASN D 22 9.71 30.48 1.71
C ASN D 22 10.32 29.10 1.71
N ARG D 23 11.12 28.79 0.70
CA ARG D 23 11.74 27.48 0.65
C ARG D 23 12.55 27.19 1.92
N ASP D 24 13.38 28.13 2.36
CA ASP D 24 14.19 27.84 3.55
C ASP D 24 13.37 27.73 4.79
N HIS D 25 12.32 28.52 4.89
CA HIS D 25 11.46 28.43 6.05
C HIS D 25 10.73 27.04 6.10
N VAL D 26 10.31 26.53 4.94
CA VAL D 26 9.66 25.23 4.89
C VAL D 26 10.66 24.07 5.07
N THR D 27 11.83 24.15 4.45
CA THR D 27 12.73 23.03 4.59
C THR D 27 13.32 23.00 5.96
N ARG D 28 13.46 24.17 6.58
CA ARG D 28 14.08 24.20 7.91
C ARG D 28 13.15 23.58 8.94
N CYS D 29 11.89 23.76 8.65
CA CYS D 29 10.85 23.29 9.48
C CYS D 29 10.74 21.77 9.36
N VAL D 30 10.65 21.29 8.12
CA VAL D 30 10.57 19.84 7.88
C VAL D 30 11.76 19.14 8.52
N ALA D 31 12.93 19.76 8.49
CA ALA D 31 14.04 19.07 9.05
C ALA D 31 13.96 19.04 10.59
N GLN D 32 13.74 20.20 11.20
CA GLN D 32 13.69 20.25 12.63
C GLN D 32 12.69 19.29 13.23
N THR D 33 11.66 18.91 12.48
CA THR D 33 10.68 17.98 13.04
C THR D 33 10.99 16.50 12.73
N GLY D 34 12.12 16.24 12.08
CA GLY D 34 12.45 14.86 11.79
C GLY D 34 12.22 14.29 10.39
N GLY D 35 11.83 15.10 9.42
CA GLY D 35 11.69 14.53 8.10
C GLY D 35 13.06 14.14 7.51
N SER D 36 13.14 12.98 6.87
CA SER D 36 14.41 12.56 6.27
C SER D 36 14.77 13.49 5.13
N PRO D 37 16.02 13.40 4.66
CA PRO D 37 16.47 14.29 3.57
C PRO D 37 15.61 14.18 2.33
N ASP D 38 14.93 13.04 2.21
CA ASP D 38 14.06 12.74 1.10
C ASP D 38 12.80 13.56 1.04
N LEU D 39 12.20 13.74 2.22
CA LEU D 39 11.01 14.56 2.38
C LEU D 39 11.41 16.05 2.29
N VAL D 40 12.63 16.39 2.73
CA VAL D 40 13.06 17.76 2.68
C VAL D 40 13.24 18.11 1.21
N ALA D 41 13.78 17.19 0.45
CA ALA D 41 13.96 17.40 -0.98
C ALA D 41 12.61 17.64 -1.69
N HIS D 42 11.67 16.78 -1.40
CA HIS D 42 10.33 16.85 -1.93
C HIS D 42 9.69 18.18 -1.65
N THR D 43 9.73 18.66 -0.41
CA THR D 43 9.09 19.93 -0.18
C THR D 43 9.80 21.07 -0.90
N ALA D 44 11.14 21.02 -0.94
CA ALA D 44 11.83 22.07 -1.65
C ALA D 44 11.46 22.06 -3.15
N ALA D 45 11.13 20.91 -3.73
CA ALA D 45 10.74 20.88 -5.12
C ALA D 45 9.31 21.39 -5.45
N LEU D 46 8.56 21.94 -4.50
CA LEU D 46 7.23 22.45 -4.84
C LEU D 46 7.34 23.94 -5.13
N ARG D 47 8.00 24.21 -6.24
CA ARG D 47 8.28 25.57 -6.69
C ARG D 47 7.10 26.56 -6.74
N LEU D 48 6.06 26.18 -7.47
CA LEU D 48 4.91 27.06 -7.58
C LEU D 48 4.20 27.27 -6.22
N TYR D 49 4.13 26.20 -5.45
CA TYR D 49 3.51 26.20 -4.12
C TYR D 49 4.31 27.13 -3.22
N LEU D 50 5.62 27.21 -3.43
CA LEU D 50 6.43 28.05 -2.58
C LEU D 50 6.41 29.49 -3.06
N ARG D 51 6.10 29.66 -4.35
CA ARG D 51 6.12 30.95 -4.99
C ARG D 51 4.82 31.71 -4.89
N VAL D 52 3.73 31.00 -5.07
CA VAL D 52 2.42 31.61 -5.04
C VAL D 52 2.16 32.50 -3.81
N PRO D 53 2.63 32.10 -2.63
CA PRO D 53 2.37 32.99 -1.50
C PRO D 53 2.83 34.41 -1.83
N HIS D 54 3.82 34.52 -2.70
CA HIS D 54 4.33 35.82 -3.09
C HIS D 54 3.28 36.63 -3.83
N PHE D 55 2.66 36.01 -4.82
CA PHE D 55 1.62 36.71 -5.55
C PHE D 55 0.42 36.99 -4.66
N LEU D 56 0.14 36.10 -3.72
CA LEU D 56 -1.01 36.33 -2.87
C LEU D 56 -0.80 37.50 -1.93
N THR D 57 0.45 37.89 -1.68
CA THR D 57 0.72 38.98 -0.74
C THR D 57 1.17 40.32 -1.36
N GLU D 58 0.98 40.43 -2.67
CA GLU D 58 1.38 41.60 -3.43
C GLU D 58 0.64 42.88 -3.02
N TRP D 59 -0.38 42.76 -2.19
CA TRP D 59 -1.10 43.95 -1.77
C TRP D 59 -0.53 44.39 -0.43
N THR D 60 0.49 43.68 0.05
CA THR D 60 0.99 44.08 1.33
C THR D 60 2.04 45.16 1.24
N THR D 61 1.74 46.30 1.87
CA THR D 61 2.67 47.41 1.85
C THR D 61 3.88 47.21 2.73
N ASP D 62 3.71 46.83 4.01
CA ASP D 62 4.91 46.66 4.85
C ASP D 62 5.68 45.39 4.45
N PRO D 63 6.88 45.58 3.93
CA PRO D 63 7.69 44.44 3.50
C PRO D 63 8.01 43.37 4.54
N ASP D 64 8.09 43.73 5.82
CA ASP D 64 8.39 42.70 6.82
C ASP D 64 7.13 41.89 7.03
N ARG D 65 6.01 42.55 7.25
CA ARG D 65 4.78 41.80 7.39
C ARG D 65 4.62 40.91 6.11
N ARG D 66 4.91 41.47 4.93
CA ARG D 66 4.79 40.72 3.69
C ARG D 66 5.61 39.44 3.67
N ALA D 67 6.88 39.49 4.11
CA ALA D 67 7.72 38.30 4.14
C ALA D 67 7.11 37.35 5.14
N ALA D 68 6.69 37.88 6.28
CA ALA D 68 6.12 37.00 7.30
C ALA D 68 4.92 36.22 6.87
N VAL D 69 3.98 36.90 6.21
CA VAL D 69 2.77 36.24 5.75
C VAL D 69 3.03 35.25 4.61
N SER D 70 3.97 35.59 3.73
CA SER D 70 4.28 34.74 2.59
C SER D 70 4.83 33.38 3.05
N ARG D 71 5.71 33.41 4.05
CA ARG D 71 6.29 32.19 4.52
C ARG D 71 5.32 31.35 5.33
N ALA D 72 4.40 31.98 6.07
CA ALA D 72 3.40 31.21 6.84
C ALA D 72 2.45 30.53 5.85
N LEU D 73 2.04 31.24 4.81
CA LEU D 73 1.19 30.64 3.81
C LEU D 73 1.96 29.48 3.21
N ALA D 74 3.24 29.67 2.93
CA ALA D 74 4.02 28.56 2.36
C ALA D 74 3.94 27.30 3.28
N LEU D 75 4.15 27.46 4.56
CA LEU D 75 4.08 26.35 5.46
C LEU D 75 2.81 25.60 5.23
N ASP D 76 1.67 26.29 5.30
CA ASP D 76 0.35 25.63 5.15
C ASP D 76 0.01 25.10 3.77
N ILE D 77 0.41 25.78 2.70
CA ILE D 77 0.13 25.26 1.40
C ILE D 77 0.91 23.95 1.25
N VAL D 78 2.15 23.92 1.69
CA VAL D 78 2.92 22.70 1.64
C VAL D 78 2.34 21.62 2.55
N SER D 79 1.99 22.01 3.76
CA SER D 79 1.36 21.06 4.66
C SER D 79 0.23 20.33 3.91
N MET D 80 -0.68 21.12 3.34
CA MET D 80 -1.79 20.61 2.61
C MET D 80 -1.37 19.74 1.43
N LYS D 81 -0.32 20.11 0.71
CA LYS D 81 0.03 19.25 -0.39
C LYS D 81 0.54 17.94 0.16
N LEU D 82 1.27 18.02 1.26
CA LEU D 82 1.77 16.79 1.84
C LEU D 82 0.61 15.88 2.20
N LEU D 83 -0.47 16.47 2.71
CA LEU D 83 -1.63 15.68 3.11
C LEU D 83 -2.25 15.03 1.85
N ASP D 84 -2.09 15.70 0.68
CA ASP D 84 -2.59 15.12 -0.57
C ASP D 84 -1.67 13.96 -0.95
N ASP D 85 -0.38 14.11 -0.74
CA ASP D 85 0.50 13.04 -1.04
C ASP D 85 0.26 11.87 -0.11
N LEU D 86 -0.24 12.16 1.07
CA LEU D 86 -0.54 11.12 2.04
C LEU D 86 -1.74 10.30 1.57
N MET D 87 -2.74 10.93 0.94
CA MET D 87 -3.88 10.14 0.49
C MET D 87 -3.61 9.36 -0.81
N ASP D 88 -2.73 9.90 -1.62
CA ASP D 88 -2.38 9.20 -2.84
C ASP D 88 -1.42 8.06 -2.56
N ASP D 89 -0.52 8.24 -1.60
CA ASP D 89 0.44 7.19 -1.25
C ASP D 89 1.21 6.78 -2.49
N ASP D 90 1.55 7.71 -3.34
CA ASP D 90 2.22 7.32 -4.56
C ASP D 90 3.55 7.99 -4.73
N THR D 91 4.00 8.64 -3.68
CA THR D 91 5.26 9.38 -3.63
C THR D 91 6.50 8.56 -3.30
N GLY D 92 6.30 7.38 -2.74
CA GLY D 92 7.42 6.59 -2.35
C GLY D 92 7.88 7.05 -0.97
N LEU D 93 7.47 8.26 -0.57
CA LEU D 93 7.85 8.78 0.74
C LEU D 93 7.20 8.01 1.90
N ASP D 94 7.85 8.10 3.06
CA ASP D 94 7.40 7.40 4.25
C ASP D 94 6.13 8.02 4.82
N ARG D 95 5.11 7.18 4.91
CA ARG D 95 3.82 7.64 5.41
C ARG D 95 3.88 8.26 6.78
N VAL D 96 4.79 7.84 7.63
CA VAL D 96 4.76 8.45 8.95
C VAL D 96 5.32 9.86 8.90
N GLU D 97 6.47 9.99 8.25
CA GLU D 97 7.11 11.29 8.09
C GLU D 97 6.17 12.34 7.50
N LEU D 98 5.52 11.98 6.39
CA LEU D 98 4.55 12.83 5.72
C LEU D 98 3.51 13.33 6.70
N ALA D 99 2.86 12.39 7.39
CA ALA D 99 1.80 12.76 8.28
C ALA D 99 2.23 13.73 9.33
N CYS D 100 3.33 13.39 10.00
CA CYS D 100 3.86 14.21 11.09
C CYS D 100 4.39 15.51 10.63
N VAL D 101 5.00 15.53 9.47
CA VAL D 101 5.50 16.79 9.00
C VAL D 101 4.35 17.67 8.62
N CYS D 102 3.36 17.04 8.01
CA CYS D 102 2.18 17.75 7.60
C CYS D 102 1.53 18.43 8.80
N LEU D 103 1.32 17.66 9.87
CA LEU D 103 0.70 18.28 11.00
C LEU D 103 1.55 19.43 11.55
N ARG D 104 2.86 19.18 11.71
CA ARG D 104 3.73 20.17 12.27
C ARG D 104 3.76 21.45 11.45
N LEU D 105 3.80 21.35 10.13
CA LEU D 105 3.90 22.57 9.35
C LEU D 105 2.62 23.37 9.53
N HIS D 106 1.51 22.65 9.45
CA HIS D 106 0.21 23.25 9.57
C HIS D 106 0.04 23.93 10.94
N LEU D 107 0.55 23.33 12.00
CA LEU D 107 0.34 23.99 13.28
C LEU D 107 1.15 25.26 13.30
N ARG D 108 2.36 25.25 12.77
CA ARG D 108 3.15 26.49 12.76
C ARG D 108 2.45 27.55 11.90
N ALA D 109 1.97 27.13 10.74
CA ALA D 109 1.29 28.06 9.87
C ALA D 109 0.19 28.81 10.64
N LEU D 110 -0.62 28.10 11.44
CA LEU D 110 -1.72 28.70 12.20
C LEU D 110 -1.16 29.69 13.21
N HIS D 111 -0.14 29.27 13.94
CA HIS D 111 0.47 30.14 14.91
C HIS D 111 1.01 31.42 14.28
N GLU D 112 1.71 31.27 13.17
CA GLU D 112 2.29 32.43 12.51
C GLU D 112 1.22 33.33 11.92
N LEU D 113 0.18 32.74 11.35
CA LEU D 113 -0.88 33.52 10.74
C LEU D 113 -1.69 34.29 11.74
N GLU D 114 -1.99 33.64 12.84
CA GLU D 114 -2.77 34.26 13.85
C GLU D 114 -2.00 35.38 14.46
N SER D 115 -0.69 35.40 14.29
CA SER D 115 0.11 36.46 14.89
C SER D 115 0.05 37.71 14.08
N LEU D 116 -0.40 37.59 12.86
CA LEU D 116 -0.43 38.71 11.97
C LEU D 116 -1.85 39.10 11.64
N ALA D 117 -2.80 38.33 12.11
CA ALA D 117 -4.18 38.61 11.77
C ALA D 117 -4.80 39.85 12.40
N ARG D 118 -5.71 40.43 11.62
CA ARG D 118 -6.45 41.64 12.00
C ARG D 118 -7.29 41.34 13.20
N ASP D 119 -7.74 40.09 13.29
CA ASP D 119 -8.61 39.69 14.36
C ASP D 119 -8.35 38.25 14.74
N PRO D 120 -8.30 37.96 16.06
CA PRO D 120 -8.05 36.59 16.55
C PRO D 120 -8.74 35.44 15.78
N LYS D 121 -10.06 35.56 15.57
CA LYS D 121 -10.80 34.49 14.87
C LYS D 121 -10.76 34.49 13.33
N ALA D 122 -10.12 35.47 12.73
CA ALA D 122 -10.11 35.50 11.29
C ALA D 122 -9.47 34.27 10.62
N VAL D 123 -8.39 33.75 11.18
CA VAL D 123 -7.78 32.61 10.54
C VAL D 123 -8.69 31.39 10.60
N THR D 124 -9.19 31.03 11.79
CA THR D 124 -10.05 29.84 11.85
C THR D 124 -11.35 30.04 11.14
N ASP D 125 -11.84 31.28 11.10
CA ASP D 125 -13.10 31.54 10.39
C ASP D 125 -12.99 31.19 8.93
N ILE D 126 -11.95 31.71 8.27
CA ILE D 126 -11.66 31.45 6.87
C ILE D 126 -11.41 29.95 6.62
N LEU D 127 -10.63 29.33 7.48
CA LEU D 127 -10.31 27.92 7.33
C LEU D 127 -11.56 27.07 7.50
N GLU D 128 -12.48 27.54 8.33
CA GLU D 128 -13.71 26.79 8.60
C GLU D 128 -14.89 27.02 7.67
N GLN D 129 -15.04 28.23 7.16
CA GLN D 129 -16.21 28.47 6.36
C GLN D 129 -16.44 27.68 5.09
N ASP D 130 -15.41 27.21 4.44
CA ASP D 130 -15.65 26.38 3.26
C ASP D 130 -14.91 25.05 3.36
N ALA D 131 -14.67 24.62 4.60
CA ALA D 131 -13.98 23.35 4.89
C ALA D 131 -14.78 22.21 4.34
N VAL D 132 -16.07 22.23 4.59
CA VAL D 132 -16.88 21.16 4.06
C VAL D 132 -16.87 21.17 2.55
N HIS D 133 -16.89 22.35 1.96
CA HIS D 133 -16.85 22.47 0.52
C HIS D 133 -15.49 21.93 0.01
N LEU D 134 -14.40 22.35 0.62
CA LEU D 134 -13.09 21.88 0.19
C LEU D 134 -12.86 20.39 0.46
N CYS D 135 -13.30 19.91 1.60
CA CYS D 135 -13.10 18.53 2.02
C CYS D 135 -14.01 17.52 1.39
N GLY D 136 -15.27 17.88 1.22
CA GLY D 136 -16.19 16.95 0.58
C GLY D 136 -15.94 16.96 -0.92
N GLY D 137 -15.48 18.11 -1.43
CA GLY D 137 -15.17 18.28 -2.83
C GLY D 137 -13.98 17.40 -3.14
N GLN D 138 -12.99 17.40 -2.26
CA GLN D 138 -11.83 16.58 -2.51
C GLN D 138 -12.25 15.10 -2.60
N ILE D 139 -13.18 14.71 -1.72
CA ILE D 139 -13.61 13.33 -1.74
C ILE D 139 -14.24 12.92 -3.06
N ARG D 140 -14.99 13.84 -3.67
CA ARG D 140 -15.66 13.55 -4.95
C ARG D 140 -14.67 13.57 -6.11
N THR D 141 -13.84 14.59 -6.15
CA THR D 141 -12.84 14.69 -7.19
C THR D 141 -12.06 13.41 -7.37
N LYS D 142 -11.77 12.73 -6.29
CA LYS D 142 -10.97 11.56 -6.45
C LYS D 142 -11.75 10.30 -6.64
N ARG D 143 -13.07 10.40 -6.46
CA ARG D 143 -13.87 9.20 -6.60
C ARG D 143 -14.36 8.98 -8.02
N SER D 144 -14.40 10.04 -8.80
CA SER D 144 -14.88 9.96 -10.17
C SER D 144 -14.07 10.89 -11.08
N ARG D 145 -13.43 10.35 -12.11
CA ARG D 145 -12.66 11.21 -13.00
C ARG D 145 -13.64 11.98 -13.90
N ALA D 146 -13.32 13.24 -14.21
CA ALA D 146 -14.16 14.07 -15.07
C ALA D 146 -14.13 13.47 -16.47
N THR D 147 -15.14 13.78 -17.27
CA THR D 147 -15.23 13.24 -18.61
C THR D 147 -15.47 14.32 -19.62
N ASN D 148 -15.78 15.52 -19.14
CA ASN D 148 -15.94 16.63 -20.06
C ASN D 148 -15.52 17.91 -19.39
N LEU D 149 -15.21 18.92 -20.18
CA LEU D 149 -14.76 20.20 -19.66
C LEU D 149 -15.55 20.67 -18.46
N ARG D 150 -16.87 20.65 -18.58
CA ARG D 150 -17.76 21.05 -17.48
C ARG D 150 -17.34 20.25 -16.22
N GLU D 151 -17.41 18.93 -16.29
CA GLU D 151 -17.03 18.12 -15.17
C GLU D 151 -15.67 18.51 -14.62
N TRP D 152 -14.68 18.62 -15.50
CA TRP D 152 -13.33 18.96 -15.09
C TRP D 152 -13.31 20.25 -14.31
N ARG D 153 -13.87 21.30 -14.90
CA ARG D 153 -13.85 22.58 -14.21
C ARG D 153 -14.43 22.58 -12.80
N ALA D 154 -15.52 21.84 -12.57
CA ALA D 154 -16.14 21.82 -11.27
C ALA D 154 -15.22 21.22 -10.21
N HIS D 155 -14.51 20.15 -10.60
CA HIS D 155 -13.55 19.45 -9.73
C HIS D 155 -12.46 20.47 -9.37
N ALA D 156 -11.85 21.01 -10.41
CA ALA D 156 -10.80 21.98 -10.28
C ALA D 156 -11.24 23.17 -9.44
N SER D 157 -12.54 23.35 -9.30
CA SER D 157 -13.06 24.47 -8.54
C SER D 157 -12.84 24.28 -7.05
N THR D 158 -12.78 23.02 -6.63
CA THR D 158 -12.55 22.75 -5.21
C THR D 158 -11.06 22.57 -4.90
N TYR D 159 -10.40 21.59 -5.51
CA TYR D 159 -9.00 21.35 -5.18
C TYR D 159 -7.95 22.37 -5.72
N GLY D 160 -8.44 23.36 -6.49
CA GLY D 160 -7.61 24.40 -7.06
C GLY D 160 -8.09 25.76 -6.56
N SER D 161 -9.25 26.19 -7.06
CA SER D 161 -9.80 27.51 -6.73
C SER D 161 -10.21 27.72 -5.28
N THR D 162 -10.90 26.76 -4.69
CA THR D 162 -11.28 26.92 -3.31
C THR D 162 -10.05 26.74 -2.44
N PHE D 163 -9.17 25.83 -2.83
CA PHE D 163 -7.96 25.58 -2.08
C PHE D 163 -7.15 26.88 -1.96
N LEU D 164 -6.63 27.32 -3.10
CA LEU D 164 -5.86 28.55 -3.15
C LEU D 164 -6.60 29.82 -2.70
N GLY D 165 -7.92 29.84 -2.92
CA GLY D 165 -8.75 30.98 -2.53
C GLY D 165 -8.73 31.31 -1.05
N ARG D 166 -8.69 30.27 -0.21
CA ARG D 166 -8.62 30.40 1.25
C ARG D 166 -7.29 31.08 1.56
N TYR D 167 -6.26 30.71 0.80
CA TYR D 167 -4.96 31.33 1.04
C TYR D 167 -4.96 32.77 0.63
N GLY D 168 -5.78 33.08 -0.36
CA GLY D 168 -5.88 34.47 -0.77
C GLY D 168 -6.61 35.21 0.36
N ALA D 169 -7.69 34.60 0.83
CA ALA D 169 -8.48 35.15 1.90
C ALA D 169 -7.60 35.37 3.14
N LEU D 170 -6.66 34.46 3.38
CA LEU D 170 -5.80 34.59 4.54
C LEU D 170 -4.81 35.73 4.33
N ALA D 171 -4.28 35.83 3.12
CA ALA D 171 -3.33 36.87 2.76
C ALA D 171 -3.97 38.21 3.11
N ALA D 172 -5.19 38.41 2.67
CA ALA D 172 -5.91 39.63 2.92
C ALA D 172 -6.09 39.86 4.42
N ALA D 173 -6.32 38.78 5.17
CA ALA D 173 -6.55 38.92 6.61
C ALA D 173 -5.34 39.21 7.45
N CYS D 174 -4.18 38.73 7.03
CA CYS D 174 -2.97 38.95 7.81
C CYS D 174 -2.11 40.05 7.17
N GLY D 175 -2.61 40.62 6.06
CA GLY D 175 -1.88 41.64 5.32
C GLY D 175 -2.02 43.11 5.67
N GLY D 176 -2.19 43.41 6.97
CA GLY D 176 -2.34 44.78 7.40
C GLY D 176 -3.40 45.57 6.61
N GLU D 177 -3.17 46.89 6.55
CA GLU D 177 -4.07 47.82 5.87
C GLU D 177 -4.00 47.79 4.33
N GLY D 178 -5.09 48.18 3.67
CA GLY D 178 -5.09 48.24 2.21
C GLY D 178 -5.34 46.98 1.40
N GLN D 179 -6.02 46.01 2.04
CA GLN D 179 -6.30 44.73 1.39
C GLN D 179 -7.72 44.62 0.89
N PRO D 180 -7.92 44.60 -0.43
CA PRO D 180 -9.30 44.46 -0.94
C PRO D 180 -9.70 43.00 -0.86
N ALA D 181 -9.99 42.53 0.36
CA ALA D 181 -10.37 41.14 0.64
C ALA D 181 -10.86 40.31 -0.53
N ASP D 182 -12.00 40.71 -1.08
CA ASP D 182 -12.61 40.00 -2.19
C ASP D 182 -11.73 39.86 -3.42
N SER D 183 -11.10 40.94 -3.84
CA SER D 183 -10.30 40.81 -5.00
C SER D 183 -9.12 39.86 -4.79
N VAL D 184 -8.40 39.97 -3.67
CA VAL D 184 -7.28 39.05 -3.45
C VAL D 184 -7.75 37.63 -3.69
N ARG D 185 -8.94 37.32 -3.17
CA ARG D 185 -9.48 36.00 -3.35
C ARG D 185 -9.88 35.64 -4.75
N GLU D 186 -10.47 36.60 -5.46
CA GLU D 186 -10.90 36.32 -6.82
C GLU D 186 -9.67 36.05 -7.62
N PHE D 187 -8.58 36.78 -7.34
CA PHE D 187 -7.33 36.56 -8.07
C PHE D 187 -6.86 35.14 -7.76
N ALA D 188 -6.72 34.86 -6.47
CA ALA D 188 -6.28 33.55 -6.09
C ALA D 188 -7.13 32.48 -6.79
N GLU D 189 -8.46 32.61 -6.72
CA GLU D 189 -9.31 31.60 -7.34
C GLU D 189 -9.13 31.47 -8.85
N ALA D 190 -8.95 32.59 -9.52
CA ALA D 190 -8.81 32.56 -10.96
C ALA D 190 -7.45 32.02 -11.39
N PHE D 191 -6.42 32.62 -10.81
CA PHE D 191 -5.07 32.25 -11.09
C PHE D 191 -4.94 30.76 -10.75
N ALA D 192 -5.45 30.36 -9.58
CA ALA D 192 -5.39 28.94 -9.20
C ALA D 192 -5.88 28.01 -10.31
N MET D 193 -7.00 28.32 -10.92
CA MET D 193 -7.51 27.46 -11.97
C MET D 193 -6.50 27.37 -13.12
N THR D 194 -5.92 28.51 -13.51
CA THR D 194 -4.93 28.53 -14.58
C THR D 194 -3.70 27.63 -14.32
N ILE D 195 -3.00 27.80 -13.19
CA ILE D 195 -1.86 26.91 -12.97
C ILE D 195 -2.29 25.44 -12.84
N THR D 196 -3.50 25.22 -12.36
CA THR D 196 -4.01 23.89 -12.28
C THR D 196 -4.17 23.28 -13.67
N MET D 197 -4.57 24.08 -14.67
CA MET D 197 -4.71 23.53 -16.03
C MET D 197 -3.35 23.23 -16.54
N ALA D 198 -2.42 24.13 -16.22
CA ALA D 198 -1.03 24.00 -16.67
C ALA D 198 -0.43 22.73 -16.15
N ASP D 199 -0.64 22.48 -14.87
CA ASP D 199 -0.09 21.31 -14.24
C ASP D 199 -0.72 20.05 -14.80
N ASP D 200 -2.01 20.14 -15.06
CA ASP D 200 -2.75 19.03 -15.57
C ASP D 200 -2.20 18.63 -16.92
N LEU D 201 -1.81 19.61 -17.72
CA LEU D 201 -1.29 19.36 -19.05
C LEU D 201 0.20 19.17 -19.05
N THR D 202 0.83 19.20 -17.87
CA THR D 202 2.27 19.04 -17.81
C THR D 202 2.52 17.63 -17.33
N ASP D 203 3.23 16.91 -18.19
CA ASP D 203 3.57 15.52 -17.94
C ASP D 203 5.00 15.36 -17.47
N TYR D 204 5.20 14.73 -16.31
CA TYR D 204 6.55 14.57 -15.76
C TYR D 204 7.17 13.15 -15.77
N ASP D 205 6.41 12.14 -16.20
CA ASP D 205 6.91 10.75 -16.27
C ASP D 205 7.08 10.05 -14.93
N ARG D 206 7.06 10.82 -13.84
CA ARG D 206 7.27 10.27 -12.52
C ARG D 206 6.31 9.12 -12.10
N ASN D 207 6.88 7.91 -11.94
CA ASN D 207 6.20 6.68 -11.48
C ASN D 207 4.99 6.14 -12.23
N GLY D 208 3.92 5.98 -11.45
CA GLY D 208 2.66 5.52 -11.98
C GLY D 208 1.77 6.75 -12.07
N GLU D 209 2.36 7.85 -12.52
CA GLU D 209 1.71 9.15 -12.71
C GLU D 209 0.89 9.04 -14.01
N ARG D 210 -0.43 9.21 -13.91
CA ARG D 210 -1.27 9.10 -15.10
C ARG D 210 -1.47 10.40 -15.87
N ASP D 211 -1.96 10.23 -17.11
CA ASP D 211 -2.30 11.32 -18.01
C ASP D 211 -3.02 12.32 -17.12
N GLY D 212 -2.79 13.61 -17.34
CA GLY D 212 -3.50 14.59 -16.57
C GLY D 212 -4.88 14.48 -17.16
N ASN D 213 -5.89 14.46 -16.32
CA ASN D 213 -7.26 14.34 -16.79
C ASN D 213 -7.60 15.23 -17.99
N LEU D 214 -7.40 16.54 -17.88
CA LEU D 214 -7.73 17.42 -18.99
C LEU D 214 -7.02 17.07 -20.27
N ALA D 215 -5.78 16.69 -20.11
CA ALA D 215 -4.99 16.37 -21.27
C ALA D 215 -5.49 15.11 -21.92
N HIS D 216 -5.89 14.17 -21.10
CA HIS D 216 -6.39 12.92 -21.61
C HIS D 216 -7.62 13.25 -22.42
N LEU D 217 -8.60 13.91 -21.78
CA LEU D 217 -9.83 14.32 -22.45
C LEU D 217 -9.52 15.11 -23.70
N MET D 218 -8.40 15.82 -23.69
CA MET D 218 -8.11 16.53 -24.89
C MET D 218 -7.74 15.49 -25.94
N ARG D 219 -6.66 14.75 -25.72
CA ARG D 219 -6.23 13.77 -26.72
C ARG D 219 -7.30 12.75 -27.16
N THR D 220 -8.40 12.70 -26.40
CA THR D 220 -9.51 11.80 -26.65
C THR D 220 -10.58 12.40 -27.55
N GLY D 221 -10.64 13.72 -27.56
CA GLY D 221 -11.65 14.40 -28.36
C GLY D 221 -12.85 14.72 -27.49
N ALA D 222 -12.80 14.29 -26.23
CA ALA D 222 -13.87 14.54 -25.27
C ALA D 222 -14.00 16.05 -24.96
N VAL D 223 -12.87 16.74 -24.84
CA VAL D 223 -12.83 18.19 -24.57
C VAL D 223 -12.17 18.85 -25.78
N ALA D 224 -12.85 19.87 -26.33
CA ALA D 224 -12.37 20.53 -27.54
C ALA D 224 -11.37 21.64 -27.35
N GLY D 225 -10.32 21.59 -28.15
CA GLY D 225 -9.27 22.56 -28.06
C GLY D 225 -9.74 23.97 -27.81
N GLN D 226 -10.62 24.45 -28.66
CA GLN D 226 -11.03 25.82 -28.50
C GLN D 226 -11.64 26.15 -27.16
N ASP D 227 -12.24 25.16 -26.54
CA ASP D 227 -12.88 25.41 -25.25
C ASP D 227 -11.89 25.64 -24.15
N VAL D 228 -10.75 24.96 -24.26
CA VAL D 228 -9.69 25.07 -23.29
C VAL D 228 -9.27 26.51 -23.47
N VAL D 229 -9.00 26.90 -24.71
CA VAL D 229 -8.58 28.29 -25.00
C VAL D 229 -9.47 29.40 -24.41
N ASP D 230 -10.77 29.17 -24.40
CA ASP D 230 -11.70 30.14 -23.87
C ASP D 230 -11.61 30.19 -22.36
N LEU D 231 -11.65 29.03 -21.71
CA LEU D 231 -11.54 29.02 -20.26
C LEU D 231 -10.26 29.78 -19.83
N LEU D 232 -9.16 29.50 -20.52
CA LEU D 232 -7.91 30.17 -20.24
C LEU D 232 -8.12 31.65 -20.43
N GLU D 233 -8.85 32.06 -21.45
CA GLU D 233 -9.07 33.49 -21.61
C GLU D 233 -10.02 33.98 -20.55
N GLU D 234 -11.02 33.16 -20.25
CA GLU D 234 -11.94 33.59 -19.23
C GLU D 234 -11.18 33.88 -17.92
N LEU D 235 -10.32 32.93 -17.52
CA LEU D 235 -9.53 33.02 -16.30
C LEU D 235 -8.54 34.16 -16.25
N ARG D 236 -7.94 34.48 -17.41
CA ARG D 236 -6.97 35.59 -17.48
C ARG D 236 -7.76 36.88 -17.22
N GLY D 237 -8.96 36.93 -17.80
CA GLY D 237 -9.82 38.08 -17.64
C GLY D 237 -10.20 38.33 -16.20
N ARG D 238 -10.76 37.27 -15.59
CA ARG D 238 -11.17 37.26 -14.19
C ARG D 238 -10.00 37.70 -13.34
N ALA D 239 -8.82 37.16 -13.61
CA ALA D 239 -7.65 37.49 -12.80
C ALA D 239 -7.22 38.96 -12.95
N LEU D 240 -7.04 39.39 -14.21
CA LEU D 240 -6.66 40.77 -14.52
C LEU D 240 -7.59 41.76 -13.78
N ALA D 241 -8.89 41.54 -13.97
CA ALA D 241 -9.91 42.34 -13.35
C ALA D 241 -9.69 42.44 -11.81
N ALA D 242 -9.51 41.31 -11.13
CA ALA D 242 -9.33 41.39 -9.69
C ALA D 242 -8.10 42.15 -9.26
N VAL D 243 -7.07 42.04 -10.06
CA VAL D 243 -5.82 42.69 -9.76
C VAL D 243 -5.87 44.23 -10.06
N ALA D 244 -6.89 44.66 -10.82
CA ALA D 244 -7.08 46.07 -11.16
C ALA D 244 -8.09 46.77 -10.20
N ALA D 245 -8.77 45.97 -9.40
CA ALA D 245 -9.69 46.51 -8.44
C ALA D 245 -8.87 47.30 -7.42
N PRO D 246 -9.16 48.59 -7.29
CA PRO D 246 -8.46 49.46 -6.35
C PRO D 246 -8.44 48.93 -4.92
N PRO D 247 -7.32 49.17 -4.19
CA PRO D 247 -6.11 49.90 -4.61
C PRO D 247 -5.34 49.26 -5.77
N GLY D 248 -5.64 47.99 -6.05
CA GLY D 248 -4.98 47.27 -7.13
C GLY D 248 -3.54 46.79 -6.92
N ALA D 249 -3.16 45.79 -7.72
CA ALA D 249 -1.82 45.20 -7.65
C ALA D 249 -1.25 45.11 -9.04
N PRO D 250 -0.92 46.25 -9.65
CA PRO D 250 -0.36 46.35 -11.02
C PRO D 250 0.67 45.26 -11.34
N GLY D 251 1.46 44.95 -10.30
CA GLY D 251 2.51 43.95 -10.37
C GLY D 251 2.07 42.54 -10.80
N LEU D 252 0.86 42.11 -10.48
CA LEU D 252 0.50 40.78 -10.86
C LEU D 252 0.08 40.70 -12.31
N VAL D 253 0.00 41.83 -13.00
CA VAL D 253 -0.48 41.80 -14.39
C VAL D 253 0.43 40.97 -15.27
N PRO D 254 1.72 41.29 -15.30
CA PRO D 254 2.66 40.51 -16.14
C PRO D 254 2.67 39.02 -15.70
N VAL D 255 2.45 38.81 -14.40
CA VAL D 255 2.42 37.48 -13.85
C VAL D 255 1.26 36.69 -14.48
N VAL D 256 0.09 37.27 -14.48
CA VAL D 256 -1.09 36.63 -15.04
C VAL D 256 -0.89 36.16 -16.50
N HIS D 257 -0.28 37.06 -17.26
CA HIS D 257 -0.01 36.84 -18.67
C HIS D 257 1.05 35.79 -18.86
N LEU D 258 2.10 35.87 -18.03
CA LEU D 258 3.18 34.92 -18.14
C LEU D 258 2.58 33.52 -18.08
N TYR D 259 1.81 33.23 -17.03
CA TYR D 259 1.26 31.90 -16.90
C TYR D 259 0.12 31.59 -17.89
N THR D 260 -0.80 32.53 -18.10
CA THR D 260 -1.87 32.17 -19.00
C THR D 260 -1.26 31.90 -20.39
N ASP D 261 -0.28 32.71 -20.76
CA ASP D 261 0.30 32.53 -22.06
C ASP D 261 1.15 31.24 -22.19
N ASP D 262 1.78 30.86 -21.09
CA ASP D 262 2.59 29.66 -21.07
C ASP D 262 1.75 28.45 -21.48
N VAL D 263 0.50 28.38 -21.01
CA VAL D 263 -0.31 27.25 -21.37
C VAL D 263 -0.68 27.31 -22.83
N LEU D 264 -0.99 28.51 -23.31
CA LEU D 264 -1.40 28.68 -24.70
C LEU D 264 -0.30 28.33 -25.71
N VAL D 265 0.85 28.92 -25.52
CA VAL D 265 1.98 28.66 -26.40
C VAL D 265 2.74 27.32 -26.22
N ARG D 266 3.22 27.07 -25.00
CA ARG D 266 3.99 25.85 -24.72
C ARG D 266 3.18 24.56 -24.58
N LEU D 267 2.22 24.57 -23.64
CA LEU D 267 1.39 23.43 -23.30
C LEU D 267 0.28 22.95 -24.24
N LEU D 268 -0.67 23.82 -24.61
CA LEU D 268 -1.75 23.35 -25.50
C LEU D 268 -1.25 22.65 -26.80
N PRO D 269 -0.19 23.15 -27.42
CA PRO D 269 0.19 22.39 -28.61
C PRO D 269 0.65 20.93 -28.31
N ARG D 270 1.05 20.62 -27.08
CA ARG D 270 1.50 19.26 -26.79
C ARG D 270 0.35 18.26 -26.87
N HIS D 271 -0.89 18.78 -26.79
CA HIS D 271 -2.06 17.91 -26.77
C HIS D 271 -3.01 18.13 -27.89
N LEU D 272 -3.02 19.32 -28.46
CA LEU D 272 -3.93 19.50 -29.57
C LEU D 272 -3.15 18.89 -30.70
N GLY D 273 -2.41 19.71 -31.43
CA GLY D 273 -1.64 19.17 -32.51
C GLY D 273 -1.05 20.33 -33.29
N GLU D 274 -0.82 20.08 -34.59
CA GLU D 274 -0.27 21.12 -35.46
C GLU D 274 -1.37 22.11 -35.88
N ALA D 275 -2.63 21.71 -35.68
CA ALA D 275 -3.79 22.56 -35.94
C ALA D 275 -4.31 22.87 -34.51
N GLY D 276 -4.06 24.09 -34.05
CA GLY D 276 -4.46 24.49 -32.70
C GLY D 276 -5.91 24.29 -32.33
N ALA D 277 -6.53 25.39 -31.95
CA ALA D 277 -7.93 25.35 -31.59
C ALA D 277 -8.69 25.72 -32.85
N GLY D 278 -10.01 25.88 -32.71
CA GLY D 278 -10.89 26.27 -33.81
C GLY D 278 -10.65 25.65 -35.18
N ALA D 279 -11.31 26.23 -36.19
CA ALA D 279 -11.21 25.76 -37.57
C ALA D 279 -10.00 26.34 -38.34
N MET D 280 -9.38 25.50 -39.17
CA MET D 280 -8.23 25.89 -40.01
C MET D 280 -8.45 27.30 -40.64
N ALA D 281 -7.35 28.01 -40.92
CA ALA D 281 -7.40 29.36 -41.49
C ALA D 281 -7.61 29.41 -43.00
N THR D 282 -8.46 30.33 -43.46
CA THR D 282 -8.74 30.48 -44.89
C THR D 282 -8.53 31.90 -45.40
N VAL D 283 -8.37 32.00 -46.71
CA VAL D 283 -8.20 33.27 -47.40
C VAL D 283 -9.49 33.41 -48.23
N LYS D 284 -10.12 34.57 -48.17
CA LYS D 284 -11.34 34.82 -48.92
C LYS D 284 -11.05 35.87 -49.99
N PHE D 285 -11.40 35.55 -51.22
CA PHE D 285 -11.18 36.46 -52.32
C PHE D 285 -12.18 36.20 -53.45
N LYS D 286 -12.21 37.10 -54.42
CA LYS D 286 -13.13 36.92 -55.52
C LYS D 286 -12.25 36.83 -56.75
N TYR D 287 -12.23 35.66 -57.39
CA TYR D 287 -11.38 35.46 -58.56
C TYR D 287 -12.13 35.08 -59.83
N LYS D 288 -12.05 35.96 -60.83
CA LYS D 288 -12.71 35.74 -62.10
C LYS D 288 -14.24 35.65 -61.94
N GLY D 289 -14.85 36.73 -61.43
CA GLY D 289 -16.29 36.79 -61.22
C GLY D 289 -16.77 35.93 -60.07
N GLU D 290 -15.90 34.99 -59.70
CA GLU D 290 -16.14 34.01 -58.66
C GLU D 290 -16.06 34.49 -57.23
N GLU D 291 -16.08 33.47 -56.37
CA GLU D 291 -16.00 33.56 -54.92
C GLU D 291 -15.16 32.35 -54.52
N LYS D 292 -14.02 32.61 -53.91
CA LYS D 292 -13.18 31.52 -53.51
C LYS D 292 -12.85 31.64 -52.03
N GLU D 293 -12.35 30.54 -51.47
CA GLU D 293 -11.93 30.45 -50.07
C GLU D 293 -10.92 29.31 -50.08
N VAL D 294 -9.64 29.58 -49.80
CA VAL D 294 -8.67 28.49 -49.81
C VAL D 294 -8.04 28.41 -48.46
N ASP D 295 -7.45 27.25 -48.18
CA ASP D 295 -6.82 26.98 -46.90
C ASP D 295 -5.36 27.35 -46.91
N ILE D 296 -4.94 28.14 -45.94
CA ILE D 296 -3.56 28.57 -45.85
C ILE D 296 -2.64 27.37 -46.05
N SER D 297 -3.22 26.19 -45.92
CA SER D 297 -2.51 24.94 -46.08
C SER D 297 -2.32 24.61 -47.55
N LYS D 298 -3.11 25.25 -48.40
CA LYS D 298 -3.04 25.03 -49.84
C LYS D 298 -2.17 26.08 -50.56
N ILE D 299 -2.03 27.25 -49.93
CA ILE D 299 -1.23 28.34 -50.47
C ILE D 299 0.23 27.94 -50.62
N LYS D 300 0.77 28.20 -51.80
CA LYS D 300 2.16 27.90 -52.08
C LYS D 300 2.93 29.22 -51.99
N LYS D 301 3.06 29.94 -53.11
CA LYS D 301 3.81 31.21 -53.20
C LYS D 301 2.95 32.42 -52.82
N VAL D 302 3.54 33.35 -52.09
CA VAL D 302 2.82 34.56 -51.68
C VAL D 302 3.75 35.77 -51.51
N TRP D 303 3.32 36.92 -52.04
CA TRP D 303 4.15 38.11 -51.99
C TRP D 303 3.35 39.40 -51.86
N ARG D 304 4.06 40.51 -51.67
CA ARG D 304 3.38 41.79 -51.49
C ARG D 304 3.56 42.77 -52.61
N VAL D 305 2.48 43.49 -52.91
CA VAL D 305 2.51 44.54 -53.89
C VAL D 305 1.75 45.66 -53.24
N GLY D 306 2.49 46.57 -52.62
CA GLY D 306 1.88 47.70 -51.93
C GLY D 306 1.16 47.19 -50.71
N LYS D 307 -0.14 47.40 -50.64
CA LYS D 307 -0.91 46.90 -49.53
C LYS D 307 -1.76 45.72 -50.00
N MET D 308 -1.39 45.10 -51.12
CA MET D 308 -2.10 43.95 -51.63
C MET D 308 -1.18 42.77 -51.38
N ILE D 309 -1.75 41.59 -51.20
CA ILE D 309 -0.93 40.40 -50.99
C ILE D 309 -1.33 39.51 -52.16
N SER D 310 -0.40 39.14 -53.01
CA SER D 310 -0.72 38.28 -54.18
C SER D 310 -0.22 36.87 -53.89
N PHE D 311 -0.95 35.86 -54.34
CA PHE D 311 -0.56 34.48 -54.06
C PHE D 311 -1.01 33.47 -55.09
N THR D 312 -0.47 32.25 -54.97
CA THR D 312 -0.82 31.10 -55.82
C THR D 312 -1.17 29.96 -54.87
N TYR D 313 -1.85 28.93 -55.36
CA TYR D 313 -2.20 27.86 -54.46
C TYR D 313 -2.47 26.55 -55.17
N ASP D 314 -2.75 25.52 -54.37
CA ASP D 314 -3.06 24.21 -54.91
C ASP D 314 -4.58 24.11 -54.99
N GLU D 315 -5.09 24.05 -56.22
CA GLU D 315 -6.53 24.03 -56.50
C GLU D 315 -7.12 22.68 -56.98
N GLY D 316 -6.33 21.61 -56.94
CA GLY D 316 -6.84 20.33 -57.37
C GLY D 316 -6.08 19.78 -58.57
N GLY D 317 -5.33 18.70 -58.35
CA GLY D 317 -4.51 18.09 -59.40
C GLY D 317 -3.24 18.91 -59.44
N GLY D 318 -2.78 19.23 -60.65
CA GLY D 318 -1.59 20.05 -60.77
C GLY D 318 -2.04 21.47 -61.03
N LYS D 319 -3.34 21.71 -60.85
CA LYS D 319 -3.98 23.01 -61.08
C LYS D 319 -3.55 24.13 -60.13
N THR D 320 -2.81 25.10 -60.67
CA THR D 320 -2.35 26.21 -59.87
C THR D 320 -3.35 27.36 -59.94
N GLY D 321 -3.84 27.76 -58.78
CA GLY D 321 -4.79 28.86 -58.68
C GLY D 321 -4.10 30.11 -58.15
N ARG D 322 -4.60 31.29 -58.52
CA ARG D 322 -4.02 32.56 -58.08
C ARG D 322 -5.04 33.49 -57.48
N GLY D 323 -4.56 34.44 -56.69
CA GLY D 323 -5.43 35.41 -56.06
C GLY D 323 -4.62 36.53 -55.44
N ALA D 324 -5.34 37.50 -54.91
CA ALA D 324 -4.73 38.66 -54.28
C ALA D 324 -5.78 39.31 -53.42
N VAL D 325 -5.43 39.72 -52.20
CA VAL D 325 -6.35 40.38 -51.27
C VAL D 325 -5.64 41.55 -50.61
N SER D 326 -6.44 42.48 -50.07
CA SER D 326 -5.91 43.62 -49.34
C SER D 326 -5.21 42.93 -48.17
N GLU D 327 -4.26 43.59 -47.50
CA GLU D 327 -3.62 42.91 -46.38
C GLU D 327 -4.59 42.87 -45.21
N LYS D 328 -5.63 43.71 -45.28
CA LYS D 328 -6.69 43.80 -44.28
C LYS D 328 -7.57 42.53 -44.20
N ASP D 329 -7.79 41.92 -45.35
CA ASP D 329 -8.63 40.73 -45.46
C ASP D 329 -7.71 39.50 -45.56
N ALA D 330 -6.48 39.70 -45.13
CA ALA D 330 -5.49 38.64 -45.16
C ALA D 330 -5.32 38.01 -43.78
N PRO D 331 -5.46 36.68 -43.69
CA PRO D 331 -5.30 36.00 -42.41
C PRO D 331 -3.86 36.13 -41.84
N LYS D 332 -3.72 36.10 -40.50
CA LYS D 332 -2.40 36.19 -39.85
C LYS D 332 -1.51 35.03 -40.33
N GLU D 333 -2.15 33.94 -40.75
CA GLU D 333 -1.45 32.75 -41.23
C GLU D 333 -0.83 33.02 -42.60
N LEU D 334 -1.55 33.74 -43.46
CA LEU D 334 -1.04 34.09 -44.79
C LEU D 334 0.01 35.18 -44.64
N LEU D 335 -0.29 36.20 -43.84
CA LEU D 335 0.63 37.32 -43.61
C LEU D 335 1.96 36.88 -43.06
N GLN D 336 1.98 35.71 -42.43
CA GLN D 336 3.22 35.17 -41.89
C GLN D 336 4.03 34.53 -42.99
N MET D 337 3.36 33.88 -43.94
CA MET D 337 4.04 33.22 -45.05
C MET D 337 4.87 34.21 -45.85
N LEU D 338 4.47 35.48 -45.79
CA LEU D 338 5.20 36.56 -46.48
C LEU D 338 6.60 36.66 -45.89
N GLU D 339 6.63 36.78 -44.55
CA GLU D 339 7.88 36.92 -43.82
C GLU D 339 8.81 35.72 -43.90
N LYS D 340 8.25 34.51 -44.03
CA LYS D 340 9.07 33.30 -44.17
C LYS D 340 9.70 33.46 -45.58
N GLN D 341 8.87 33.93 -46.51
CA GLN D 341 9.23 34.18 -47.91
C GLN D 341 9.76 35.61 -48.08
N HIS E 5 14.47 -14.67 -40.94
CA HIS E 5 13.53 -13.83 -41.76
C HIS E 5 14.27 -12.64 -42.39
N HIS E 6 15.59 -12.71 -42.25
CA HIS E 6 16.57 -11.72 -42.76
C HIS E 6 17.23 -12.12 -44.10
N HIS E 7 17.34 -11.17 -45.01
CA HIS E 7 17.94 -11.41 -46.32
C HIS E 7 18.59 -10.10 -46.72
N HIS E 8 18.82 -9.30 -45.69
CA HIS E 8 19.40 -7.98 -45.81
C HIS E 8 20.40 -7.65 -44.68
N VAL E 9 20.95 -8.69 -44.06
CA VAL E 9 21.91 -8.49 -43.01
C VAL E 9 23.03 -7.62 -43.62
N ASP E 10 23.58 -6.72 -42.80
CA ASP E 10 24.69 -5.88 -43.22
C ASP E 10 25.98 -6.50 -42.62
N ASP E 11 26.85 -7.03 -43.50
CA ASP E 11 28.10 -7.67 -43.08
C ASP E 11 29.37 -7.30 -43.86
N ASP E 12 29.45 -6.08 -44.36
CA ASP E 12 30.68 -5.67 -45.02
C ASP E 12 31.63 -5.81 -43.84
N ASP E 13 32.79 -6.38 -44.09
CA ASP E 13 33.71 -6.59 -42.99
C ASP E 13 34.55 -5.37 -42.67
N LYS E 14 34.65 -4.42 -43.60
CA LYS E 14 35.40 -3.19 -43.36
C LYS E 14 34.53 -2.50 -42.31
N MET E 15 33.22 -2.56 -42.55
CA MET E 15 32.19 -1.98 -41.69
C MET E 15 32.19 -2.58 -40.30
N LEU E 16 31.99 -3.88 -40.23
CA LEU E 16 31.93 -4.54 -38.94
C LEU E 16 33.17 -4.25 -38.13
N ALA E 17 34.31 -4.12 -38.77
CA ALA E 17 35.48 -3.88 -37.99
C ALA E 17 35.54 -2.45 -37.43
N ALA E 18 34.92 -1.52 -38.15
CA ALA E 18 34.91 -0.13 -37.68
C ALA E 18 33.97 -0.04 -36.47
N GLU E 19 32.86 -0.77 -36.56
CA GLU E 19 31.89 -0.77 -35.51
C GLU E 19 32.56 -1.39 -34.27
N ALA E 20 33.51 -2.30 -34.49
CA ALA E 20 34.18 -2.93 -33.38
C ALA E 20 35.21 -1.96 -32.78
N ALA E 21 35.81 -1.15 -33.66
CA ALA E 21 36.79 -0.16 -33.25
C ALA E 21 36.08 1.00 -32.53
N ASN E 22 34.94 1.44 -33.03
CA ASN E 22 34.20 2.49 -32.37
C ASN E 22 33.78 2.00 -30.98
N ARG E 23 33.14 0.81 -30.95
CA ARG E 23 32.68 0.14 -29.74
C ARG E 23 33.81 0.04 -28.76
N ASP E 24 35.00 -0.22 -29.27
CA ASP E 24 36.14 -0.32 -28.41
C ASP E 24 36.56 0.95 -27.75
N HIS E 25 36.71 1.98 -28.57
CA HIS E 25 37.08 3.31 -28.16
C HIS E 25 36.01 3.78 -27.16
N VAL E 26 34.74 3.67 -27.54
CA VAL E 26 33.68 4.11 -26.66
C VAL E 26 33.60 3.43 -25.31
N THR E 27 33.57 2.10 -25.26
CA THR E 27 33.47 1.35 -24.00
C THR E 27 34.69 1.54 -23.12
N ARG E 28 35.83 1.72 -23.74
CA ARG E 28 37.08 1.94 -23.04
C ARG E 28 36.95 3.26 -22.30
N CYS E 29 36.49 4.26 -23.03
CA CYS E 29 36.24 5.59 -22.50
C CYS E 29 35.29 5.54 -21.26
N VAL E 30 34.22 4.74 -21.36
CA VAL E 30 33.24 4.56 -20.29
C VAL E 30 33.90 3.96 -19.06
N ALA E 31 34.69 2.92 -19.29
CA ALA E 31 35.39 2.23 -18.21
C ALA E 31 36.38 3.11 -17.50
N GLN E 32 37.15 3.92 -18.23
CA GLN E 32 38.12 4.74 -17.54
C GLN E 32 37.42 5.75 -16.66
N THR E 33 36.15 5.97 -16.92
CA THR E 33 35.45 6.93 -16.11
C THR E 33 34.82 6.35 -14.89
N GLY E 34 34.82 5.03 -14.76
CA GLY E 34 34.19 4.46 -13.59
C GLY E 34 32.76 4.00 -13.80
N GLY E 35 32.43 3.84 -15.09
CA GLY E 35 31.12 3.37 -15.47
C GLY E 35 30.96 1.87 -15.16
N SER E 36 29.78 1.50 -14.69
CA SER E 36 29.50 0.11 -14.34
C SER E 36 29.50 -0.90 -15.49
N PRO E 37 29.50 -2.20 -15.13
CA PRO E 37 29.50 -3.26 -16.13
C PRO E 37 28.18 -3.15 -16.88
N ASP E 38 27.14 -2.69 -16.19
CA ASP E 38 25.87 -2.53 -16.85
C ASP E 38 25.99 -1.40 -17.87
N LEU E 39 26.74 -0.34 -17.54
CA LEU E 39 26.87 0.78 -18.48
C LEU E 39 27.79 0.50 -19.62
N VAL E 40 28.81 -0.33 -19.39
CA VAL E 40 29.69 -0.68 -20.50
C VAL E 40 28.91 -1.57 -21.53
N ALA E 41 28.09 -2.51 -21.04
CA ALA E 41 27.31 -3.38 -21.92
C ALA E 41 26.29 -2.56 -22.66
N HIS E 42 25.72 -1.60 -21.97
CA HIS E 42 24.73 -0.74 -22.60
C HIS E 42 25.32 0.03 -23.79
N THR E 43 26.43 0.74 -23.57
CA THR E 43 26.99 1.47 -24.68
C THR E 43 27.46 0.53 -25.79
N ALA E 44 27.98 -0.65 -25.44
CA ALA E 44 28.48 -1.61 -26.47
C ALA E 44 27.39 -2.21 -27.41
N ALA E 45 26.21 -2.29 -26.84
CA ALA E 45 25.09 -2.81 -27.51
C ALA E 45 24.42 -1.77 -28.38
N LEU E 46 24.96 -0.54 -28.44
CA LEU E 46 24.33 0.49 -29.27
C LEU E 46 24.93 0.33 -30.63
N ARG E 47 24.57 -0.77 -31.30
CA ARG E 47 25.12 -1.13 -32.60
C ARG E 47 25.01 -0.12 -33.70
N LEU E 48 23.83 0.44 -33.90
CA LEU E 48 23.73 1.36 -35.00
C LEU E 48 24.46 2.63 -34.81
N TYR E 49 24.38 3.19 -33.60
CA TYR E 49 25.05 4.45 -33.32
C TYR E 49 26.52 4.27 -33.49
N LEU E 50 27.02 3.10 -33.13
CA LEU E 50 28.43 2.83 -33.23
C LEU E 50 28.81 2.59 -34.66
N ARG E 51 27.82 2.25 -35.46
CA ARG E 51 28.08 1.95 -36.85
C ARG E 51 27.92 3.11 -37.82
N VAL E 52 26.89 3.92 -37.59
CA VAL E 52 26.60 5.06 -38.47
C VAL E 52 27.82 5.93 -38.89
N PRO E 53 28.77 6.16 -37.98
CA PRO E 53 29.93 6.98 -38.32
C PRO E 53 30.75 6.39 -39.44
N HIS E 54 30.80 5.07 -39.57
CA HIS E 54 31.57 4.47 -40.64
C HIS E 54 30.95 5.03 -41.89
N PHE E 55 29.62 4.89 -42.04
CA PHE E 55 28.96 5.42 -43.21
C PHE E 55 29.24 6.92 -43.50
N LEU E 56 28.98 7.78 -42.52
CA LEU E 56 29.19 9.23 -42.68
C LEU E 56 30.62 9.65 -42.98
N THR E 57 31.58 8.74 -42.87
CA THR E 57 32.97 9.09 -43.17
C THR E 57 33.50 8.35 -44.42
N GLU E 58 32.56 7.93 -45.26
CA GLU E 58 32.88 7.19 -46.48
C GLU E 58 33.61 8.11 -47.51
N TRP E 59 33.56 9.42 -47.33
CA TRP E 59 34.23 10.34 -48.26
C TRP E 59 35.69 10.56 -47.90
N THR E 60 36.03 10.19 -46.69
CA THR E 60 37.39 10.40 -46.24
C THR E 60 38.31 9.35 -46.82
N THR E 61 39.34 9.80 -47.52
CA THR E 61 40.19 8.82 -48.15
C THR E 61 41.31 8.29 -47.28
N ASP E 62 42.09 9.13 -46.61
CA ASP E 62 43.15 8.55 -45.76
C ASP E 62 42.54 7.62 -44.74
N PRO E 63 42.85 6.32 -44.83
CA PRO E 63 42.27 5.41 -43.85
C PRO E 63 42.48 5.81 -42.36
N ASP E 64 43.64 6.36 -42.01
CA ASP E 64 43.87 6.77 -40.62
C ASP E 64 43.02 7.92 -40.09
N ARG E 65 42.83 8.96 -40.90
CA ARG E 65 41.96 10.05 -40.48
C ARG E 65 40.55 9.43 -40.39
N ARG E 66 40.15 8.71 -41.45
CA ARG E 66 38.84 8.06 -41.53
C ARG E 66 38.52 7.28 -40.25
N ALA E 67 39.47 6.51 -39.77
CA ALA E 67 39.23 5.79 -38.55
C ALA E 67 39.12 6.74 -37.32
N ALA E 68 39.88 7.85 -37.33
CA ALA E 68 39.87 8.78 -36.21
C ALA E 68 38.57 9.56 -36.13
N VAL E 69 38.11 10.06 -37.26
CA VAL E 69 36.86 10.79 -37.29
C VAL E 69 35.70 9.85 -36.86
N SER E 70 35.71 8.63 -37.38
CA SER E 70 34.68 7.65 -37.08
C SER E 70 34.45 7.45 -35.59
N ARG E 71 35.53 7.19 -34.86
CA ARG E 71 35.45 6.93 -33.43
C ARG E 71 35.22 8.21 -32.64
N ALA E 72 35.69 9.34 -33.14
CA ALA E 72 35.41 10.61 -32.44
C ALA E 72 33.89 10.84 -32.47
N LEU E 73 33.30 10.69 -33.65
CA LEU E 73 31.88 10.83 -33.84
C LEU E 73 31.11 9.80 -33.06
N ALA E 74 31.68 8.63 -32.91
CA ALA E 74 30.95 7.61 -32.18
C ALA E 74 30.93 8.10 -30.74
N LEU E 75 32.01 8.77 -30.32
CA LEU E 75 32.03 9.26 -28.94
C LEU E 75 30.89 10.21 -28.68
N ASP E 76 30.61 11.16 -29.58
CA ASP E 76 29.50 12.07 -29.31
C ASP E 76 28.08 11.57 -29.52
N ILE E 77 27.89 10.71 -30.53
CA ILE E 77 26.57 10.12 -30.82
C ILE E 77 26.13 9.23 -29.61
N VAL E 78 27.05 8.47 -29.05
CA VAL E 78 26.74 7.65 -27.88
C VAL E 78 26.43 8.60 -26.74
N SER E 79 27.19 9.69 -26.64
CA SER E 79 26.97 10.67 -25.59
C SER E 79 25.53 11.22 -25.56
N MET E 80 25.09 11.65 -26.73
CA MET E 80 23.77 12.18 -26.83
C MET E 80 22.75 11.06 -26.56
N LYS E 81 23.08 9.82 -26.96
CA LYS E 81 22.17 8.71 -26.75
C LYS E 81 22.02 8.53 -25.25
N LEU E 82 23.10 8.67 -24.51
CA LEU E 82 23.02 8.52 -23.08
C LEU E 82 22.23 9.67 -22.51
N LEU E 83 22.38 10.87 -23.06
CA LEU E 83 21.62 12.00 -22.54
C LEU E 83 20.12 11.72 -22.80
N ASP E 84 19.82 11.01 -23.87
CA ASP E 84 18.42 10.72 -24.11
C ASP E 84 17.95 9.74 -23.04
N ASP E 85 18.76 8.71 -22.73
CA ASP E 85 18.36 7.75 -21.71
C ASP E 85 18.10 8.46 -20.40
N LEU E 86 19.05 9.31 -20.06
CA LEU E 86 18.99 10.13 -18.88
C LEU E 86 17.67 10.91 -18.79
N MET E 87 17.17 11.52 -19.85
CA MET E 87 15.91 12.25 -19.68
C MET E 87 14.68 11.37 -19.63
N ASP E 88 14.78 10.12 -20.07
CA ASP E 88 13.63 9.22 -19.98
C ASP E 88 13.62 8.56 -18.61
N ASP E 89 14.81 8.26 -18.09
CA ASP E 89 14.97 7.62 -16.78
C ASP E 89 14.33 6.19 -16.65
N ASP E 90 14.34 5.40 -17.70
CA ASP E 90 13.76 4.09 -17.58
C ASP E 90 14.74 2.99 -17.97
N THR E 91 16.01 3.33 -18.09
CA THR E 91 16.96 2.32 -18.52
C THR E 91 17.42 1.32 -17.46
N GLY E 92 17.21 1.64 -16.20
CA GLY E 92 17.66 0.75 -15.16
C GLY E 92 19.07 1.09 -14.77
N LEU E 93 19.66 2.08 -15.44
CA LEU E 93 21.02 2.51 -15.15
C LEU E 93 21.04 3.65 -14.13
N ASP E 94 22.06 3.69 -13.28
CA ASP E 94 22.12 4.74 -12.30
C ASP E 94 22.18 6.10 -12.99
N ARG E 95 21.26 7.01 -12.65
CA ARG E 95 21.28 8.36 -13.20
C ARG E 95 22.64 9.08 -13.12
N VAL E 96 23.35 8.95 -11.99
CA VAL E 96 24.63 9.59 -11.77
C VAL E 96 25.64 9.19 -12.84
N GLU E 97 25.83 7.88 -12.97
CA GLU E 97 26.69 7.22 -13.96
C GLU E 97 26.33 7.63 -15.41
N LEU E 98 25.03 7.68 -15.70
CA LEU E 98 24.57 8.08 -17.04
C LEU E 98 24.99 9.52 -17.36
N ALA E 99 24.76 10.39 -16.38
CA ALA E 99 25.04 11.78 -16.52
C ALA E 99 26.52 12.04 -16.54
N CYS E 100 27.29 11.43 -15.65
CA CYS E 100 28.74 11.68 -15.68
C CYS E 100 29.45 11.01 -16.84
N VAL E 101 29.10 9.78 -17.20
CA VAL E 101 29.76 9.19 -18.34
C VAL E 101 29.35 10.02 -19.58
N CYS E 102 28.09 10.45 -19.60
CA CYS E 102 27.61 11.23 -20.72
C CYS E 102 28.56 12.40 -21.04
N LEU E 103 28.72 13.32 -20.07
CA LEU E 103 29.59 14.47 -20.25
C LEU E 103 31.03 14.11 -20.53
N ARG E 104 31.58 13.03 -19.98
CA ARG E 104 32.98 12.71 -20.25
C ARG E 104 33.16 12.40 -21.73
N LEU E 105 32.27 11.54 -22.24
CA LEU E 105 32.30 11.14 -23.62
C LEU E 105 32.20 12.37 -24.51
N HIS E 106 31.25 13.23 -24.20
CA HIS E 106 31.04 14.46 -24.95
C HIS E 106 32.34 15.29 -24.99
N LEU E 107 32.88 15.57 -23.80
CA LEU E 107 34.10 16.33 -23.69
C LEU E 107 35.24 15.70 -24.53
N ARG E 108 35.36 14.36 -24.54
CA ARG E 108 36.38 13.70 -25.32
C ARG E 108 36.09 13.82 -26.82
N ALA E 109 34.82 13.68 -27.22
CA ALA E 109 34.48 13.82 -28.63
C ALA E 109 34.91 15.19 -29.14
N LEU E 110 34.59 16.22 -28.35
CA LEU E 110 34.94 17.59 -28.71
C LEU E 110 36.44 17.74 -28.81
N HIS E 111 37.19 17.07 -27.96
CA HIS E 111 38.65 17.22 -28.10
C HIS E 111 39.16 16.53 -29.39
N GLU E 112 38.69 15.31 -29.65
CA GLU E 112 39.13 14.55 -30.82
C GLU E 112 38.66 15.15 -32.15
N LEU E 113 37.44 15.69 -32.19
CA LEU E 113 36.95 16.29 -33.42
C LEU E 113 37.70 17.58 -33.76
N GLU E 114 37.98 18.42 -32.77
CA GLU E 114 38.66 19.66 -33.06
C GLU E 114 40.13 19.44 -33.35
N SER E 115 40.66 18.35 -32.87
CA SER E 115 42.03 18.11 -33.17
C SER E 115 42.06 17.51 -34.58
N LEU E 116 40.90 17.19 -35.13
CA LEU E 116 40.86 16.63 -36.47
C LEU E 116 40.35 17.62 -37.53
N ALA E 117 39.74 18.71 -37.08
CA ALA E 117 39.16 19.67 -37.99
C ALA E 117 40.13 20.60 -38.66
N ARG E 118 39.85 20.91 -39.93
CA ARG E 118 40.69 21.81 -40.69
C ARG E 118 40.69 23.09 -39.86
N ASP E 119 39.52 23.52 -39.42
CA ASP E 119 39.43 24.70 -38.55
C ASP E 119 38.69 24.25 -37.30
N PRO E 120 39.30 24.39 -36.11
CA PRO E 120 38.50 23.89 -34.98
C PRO E 120 37.17 24.56 -34.77
N LYS E 121 37.07 25.87 -35.04
CA LYS E 121 35.81 26.59 -34.88
C LYS E 121 34.61 25.90 -35.56
N ALA E 122 34.86 25.28 -36.70
CA ALA E 122 33.82 24.54 -37.40
C ALA E 122 32.97 23.59 -36.48
N VAL E 123 33.63 22.97 -35.50
CA VAL E 123 32.96 22.05 -34.60
C VAL E 123 31.93 22.78 -33.75
N THR E 124 32.31 23.74 -32.95
CA THR E 124 31.29 24.37 -32.16
C THR E 124 30.36 25.17 -33.08
N ASP E 125 30.86 25.49 -34.28
CA ASP E 125 30.06 26.22 -35.26
C ASP E 125 28.85 25.35 -35.67
N ILE E 126 29.12 24.09 -36.03
CA ILE E 126 28.11 23.12 -36.41
C ILE E 126 27.15 22.82 -35.22
N LEU E 127 27.73 22.62 -34.02
CA LEU E 127 26.99 22.30 -32.82
C LEU E 127 26.00 23.33 -32.34
N GLU E 128 26.33 24.60 -32.53
CA GLU E 128 25.45 25.65 -32.07
C GLU E 128 24.50 26.10 -33.15
N GLN E 129 24.93 26.00 -34.40
CA GLN E 129 24.10 26.50 -35.49
C GLN E 129 22.64 26.04 -35.48
N ASP E 130 22.38 24.80 -35.08
CA ASP E 130 21.00 24.31 -35.03
C ASP E 130 20.65 23.82 -33.59
N ALA E 131 21.45 24.20 -32.62
CA ALA E 131 21.24 23.76 -31.28
C ALA E 131 19.83 24.05 -30.79
N VAL E 132 19.33 25.24 -31.03
CA VAL E 132 18.00 25.52 -30.57
C VAL E 132 16.96 24.72 -31.29
N HIS E 133 17.16 24.48 -32.57
CA HIS E 133 16.21 23.67 -33.32
C HIS E 133 16.25 22.20 -32.83
N LEU E 134 17.44 21.67 -32.54
CA LEU E 134 17.58 20.28 -32.05
C LEU E 134 17.01 20.15 -30.64
N CYS E 135 17.46 21.03 -29.77
CA CYS E 135 17.04 21.04 -28.38
C CYS E 135 15.59 21.37 -28.15
N GLY E 136 15.08 22.47 -28.73
CA GLY E 136 13.68 22.84 -28.57
C GLY E 136 12.83 21.73 -29.22
N GLY E 137 13.32 21.23 -30.35
CA GLY E 137 12.66 20.15 -31.06
C GLY E 137 12.53 18.89 -30.22
N GLN E 138 13.63 18.48 -29.56
CA GLN E 138 13.56 17.28 -28.76
C GLN E 138 12.45 17.45 -27.71
N ILE E 139 12.44 18.60 -27.01
CA ILE E 139 11.43 18.85 -25.99
C ILE E 139 10.03 18.56 -26.52
N ARG E 140 9.65 19.12 -27.67
CA ARG E 140 8.32 18.86 -28.28
C ARG E 140 8.11 17.37 -28.60
N THR E 141 9.12 16.73 -29.19
CA THR E 141 9.08 15.33 -29.57
C THR E 141 8.75 14.39 -28.39
N LYS E 142 9.48 14.60 -27.32
CA LYS E 142 9.35 13.80 -26.14
C LYS E 142 8.03 14.09 -25.41
N ARG E 143 7.35 15.19 -25.75
CA ARG E 143 6.17 15.57 -25.01
C ARG E 143 4.83 15.76 -25.69
N SER E 144 4.76 15.35 -26.96
CA SER E 144 3.54 15.43 -27.74
C SER E 144 3.58 14.23 -28.68
N ARG E 145 2.46 13.86 -29.28
CA ARG E 145 2.52 12.68 -30.13
C ARG E 145 1.94 12.86 -31.51
N ALA E 146 2.65 12.32 -32.49
CA ALA E 146 2.23 12.35 -33.88
C ALA E 146 0.92 11.57 -34.06
N THR E 147 0.01 12.16 -34.84
CA THR E 147 -1.31 11.60 -35.09
C THR E 147 -1.56 11.29 -36.55
N ASN E 148 -0.62 11.73 -37.40
CA ASN E 148 -0.69 11.54 -38.84
C ASN E 148 0.72 11.54 -39.43
N LEU E 149 0.84 11.25 -40.72
CA LEU E 149 2.14 11.17 -41.35
C LEU E 149 2.97 12.46 -41.30
N ARG E 150 2.31 13.59 -41.51
CA ARG E 150 2.97 14.89 -41.49
C ARG E 150 3.60 15.09 -40.12
N GLU E 151 2.82 14.82 -39.08
CA GLU E 151 3.31 14.96 -37.71
C GLU E 151 4.42 13.94 -37.40
N TRP E 152 4.28 12.74 -37.93
CA TRP E 152 5.29 11.74 -37.70
C TRP E 152 6.62 12.19 -38.31
N ARG E 153 6.58 12.67 -39.55
CA ARG E 153 7.79 13.17 -40.24
C ARG E 153 8.50 14.32 -39.49
N ALA E 154 7.69 15.21 -38.95
CA ALA E 154 8.16 16.38 -38.26
C ALA E 154 8.91 16.02 -36.99
N HIS E 155 8.42 14.98 -36.34
CA HIS E 155 9.05 14.55 -35.14
C HIS E 155 10.33 13.89 -35.52
N ALA E 156 10.26 12.99 -36.48
CA ALA E 156 11.46 12.26 -36.87
C ALA E 156 12.54 13.16 -37.49
N SER E 157 12.15 14.25 -38.13
CA SER E 157 13.12 15.13 -38.76
C SER E 157 14.02 15.77 -37.73
N THR E 158 13.51 15.97 -36.51
CA THR E 158 14.35 16.54 -35.48
C THR E 158 15.13 15.43 -34.72
N TYR E 159 14.52 14.40 -34.15
CA TYR E 159 15.37 13.41 -33.44
C TYR E 159 16.20 12.45 -34.31
N GLY E 160 15.85 12.32 -35.59
CA GLY E 160 16.63 11.49 -36.47
C GLY E 160 17.44 12.33 -37.46
N SER E 161 16.73 12.97 -38.39
CA SER E 161 17.38 13.76 -39.43
C SER E 161 18.28 14.82 -38.94
N THR E 162 17.75 15.69 -38.09
CA THR E 162 18.52 16.79 -37.54
C THR E 162 19.62 16.32 -36.59
N PHE E 163 19.28 15.40 -35.70
CA PHE E 163 20.28 14.86 -34.82
C PHE E 163 21.47 14.36 -35.69
N LEU E 164 21.21 13.52 -36.69
CA LEU E 164 22.31 13.00 -37.51
C LEU E 164 22.99 13.95 -38.51
N GLY E 165 22.21 14.84 -39.13
CA GLY E 165 22.79 15.78 -40.08
C GLY E 165 24.01 16.49 -39.48
N ARG E 166 23.90 16.82 -38.20
CA ARG E 166 24.99 17.50 -37.49
C ARG E 166 26.30 16.69 -37.52
N TYR E 167 26.17 15.37 -37.46
CA TYR E 167 27.35 14.54 -37.46
C TYR E 167 27.84 14.41 -38.88
N GLY E 168 26.91 14.43 -39.84
CA GLY E 168 27.35 14.33 -41.21
C GLY E 168 28.12 15.60 -41.52
N ALA E 169 27.72 16.70 -40.88
CA ALA E 169 28.38 17.98 -41.09
C ALA E 169 29.78 17.95 -40.48
N LEU E 170 29.86 17.53 -39.22
CA LEU E 170 31.15 17.43 -38.57
C LEU E 170 32.03 16.43 -39.32
N ALA E 171 31.41 15.42 -39.92
CA ALA E 171 32.12 14.38 -40.67
C ALA E 171 32.91 15.01 -41.81
N ALA E 172 32.24 15.89 -42.55
CA ALA E 172 32.85 16.60 -43.66
C ALA E 172 33.93 17.57 -43.20
N ALA E 173 33.72 18.19 -42.04
CA ALA E 173 34.63 19.18 -41.44
C ALA E 173 35.90 18.57 -40.90
N CYS E 174 35.87 17.31 -40.51
CA CYS E 174 37.06 16.73 -39.95
C CYS E 174 37.69 15.76 -40.89
N GLY E 175 36.97 15.44 -41.95
CA GLY E 175 37.46 14.48 -42.89
C GLY E 175 38.21 15.03 -44.07
N GLY E 176 39.00 16.08 -43.88
CA GLY E 176 39.76 16.63 -45.00
C GLY E 176 39.01 17.25 -46.19
N GLU E 177 39.74 17.47 -47.29
CA GLU E 177 39.12 18.11 -48.45
C GLU E 177 38.47 17.16 -49.45
N GLY E 178 37.61 17.78 -50.25
CA GLY E 178 36.90 17.00 -51.23
C GLY E 178 35.81 16.27 -50.50
N GLN E 179 35.10 17.03 -49.68
CA GLN E 179 34.03 16.47 -48.92
C GLN E 179 32.94 17.41 -49.32
N PRO E 180 31.84 16.90 -49.91
CA PRO E 180 30.78 17.83 -50.28
C PRO E 180 29.87 18.07 -49.11
N ALA E 181 30.34 18.90 -48.17
CA ALA E 181 29.64 19.24 -46.93
C ALA E 181 28.14 19.17 -46.94
N ASP E 182 27.52 19.81 -47.89
CA ASP E 182 26.07 19.75 -47.93
C ASP E 182 25.53 18.34 -48.24
N SER E 183 26.20 17.61 -49.13
CA SER E 183 25.74 16.29 -49.49
C SER E 183 26.08 15.25 -48.40
N VAL E 184 27.24 15.33 -47.76
CA VAL E 184 27.51 14.36 -46.71
C VAL E 184 26.36 14.50 -45.74
N ARG E 185 25.96 15.74 -45.49
CA ARG E 185 24.85 16.02 -44.61
C ARG E 185 23.48 15.62 -45.14
N GLU E 186 23.20 15.90 -46.42
CA GLU E 186 21.90 15.55 -46.99
C GLU E 186 21.73 14.04 -46.84
N PHE E 187 22.84 13.35 -47.07
CA PHE E 187 22.91 11.90 -46.99
C PHE E 187 22.56 11.40 -45.61
N ALA E 188 23.17 12.03 -44.63
CA ALA E 188 22.88 11.69 -43.24
C ALA E 188 21.44 11.99 -42.88
N GLU E 189 20.90 13.11 -43.34
CA GLU E 189 19.55 13.45 -42.98
C GLU E 189 18.54 12.47 -43.55
N ALA E 190 18.73 12.08 -44.81
CA ALA E 190 17.81 11.16 -45.44
C ALA E 190 17.96 9.78 -44.81
N PHE E 191 19.20 9.32 -44.70
CA PHE E 191 19.46 8.00 -44.14
C PHE E 191 18.88 7.80 -42.72
N ALA E 192 19.07 8.78 -41.85
CA ALA E 192 18.57 8.79 -40.48
C ALA E 192 17.07 8.56 -40.48
N MET E 193 16.35 9.28 -41.34
CA MET E 193 14.92 9.12 -41.41
C MET E 193 14.55 7.68 -41.80
N THR E 194 15.26 7.07 -42.76
CA THR E 194 14.98 5.70 -43.12
C THR E 194 15.19 4.82 -41.87
N ILE E 195 16.28 5.05 -41.13
CA ILE E 195 16.56 4.32 -39.87
C ILE E 195 15.35 4.51 -38.89
N THR E 196 14.83 5.71 -38.79
CA THR E 196 13.70 5.91 -37.93
C THR E 196 12.46 5.12 -38.32
N MET E 197 12.12 5.14 -39.61
CA MET E 197 10.97 4.41 -40.11
C MET E 197 11.06 2.95 -39.77
N ALA E 198 12.23 2.36 -39.95
CA ALA E 198 12.43 0.97 -39.62
C ALA E 198 12.37 0.69 -38.10
N ASP E 199 12.77 1.65 -37.29
CA ASP E 199 12.74 1.46 -35.84
C ASP E 199 11.28 1.40 -35.38
N ASP E 200 10.48 2.35 -35.83
CA ASP E 200 9.09 2.37 -35.44
C ASP E 200 8.35 1.11 -35.91
N LEU E 201 8.69 0.61 -37.10
CA LEU E 201 8.04 -0.59 -37.65
C LEU E 201 8.38 -1.85 -36.87
N THR E 202 9.63 -1.88 -36.34
CA THR E 202 10.12 -2.96 -35.49
C THR E 202 9.44 -2.90 -34.10
N ASP E 203 9.59 -1.75 -33.44
CA ASP E 203 9.08 -1.52 -32.10
C ASP E 203 7.60 -1.77 -31.93
N TYR E 204 6.83 -1.65 -33.00
CA TYR E 204 5.41 -1.90 -32.81
C TYR E 204 5.24 -3.34 -32.33
N ASP E 205 6.12 -4.24 -32.74
CA ASP E 205 5.99 -5.62 -32.30
C ASP E 205 6.89 -5.97 -31.12
N ARG E 206 8.11 -5.42 -31.15
CA ARG E 206 9.14 -5.61 -30.15
C ARG E 206 8.68 -5.27 -28.75
N ASN E 207 7.90 -4.20 -28.59
CA ASN E 207 7.39 -3.88 -27.27
C ASN E 207 6.05 -3.25 -27.35
N GLY E 208 5.35 -3.59 -28.41
CA GLY E 208 4.00 -3.10 -28.63
C GLY E 208 3.79 -1.64 -28.39
N GLU E 209 4.61 -0.80 -29.01
CA GLU E 209 4.53 0.66 -28.89
C GLU E 209 3.31 1.15 -29.66
N ARG E 210 2.46 2.02 -29.09
CA ARG E 210 1.33 2.50 -29.89
C ARG E 210 1.35 3.99 -30.23
N ASP E 211 1.12 4.84 -29.24
CA ASP E 211 1.11 6.32 -29.44
C ASP E 211 2.11 6.91 -30.41
N GLY E 212 1.67 7.47 -31.53
CA GLY E 212 2.61 8.10 -32.45
C GLY E 212 3.55 7.17 -33.21
N ASN E 213 3.37 5.89 -33.04
CA ASN E 213 4.22 4.94 -33.72
C ASN E 213 3.73 4.72 -35.17
N LEU E 214 4.63 4.76 -36.11
CA LEU E 214 4.25 4.62 -37.51
C LEU E 214 3.35 3.43 -37.82
N ALA E 215 3.77 2.23 -37.43
CA ALA E 215 2.98 1.01 -37.68
C ALA E 215 1.61 1.15 -37.07
N HIS E 216 1.58 1.76 -35.89
CA HIS E 216 0.32 1.92 -35.24
C HIS E 216 -0.54 2.91 -36.01
N LEU E 217 0.06 3.97 -36.55
CA LEU E 217 -0.67 4.97 -37.33
C LEU E 217 -1.15 4.35 -38.63
N MET E 218 -0.43 3.36 -39.11
CA MET E 218 -0.86 2.66 -40.30
C MET E 218 -2.09 1.80 -40.00
N ARG E 219 -1.94 0.79 -39.14
CA ARG E 219 -3.07 -0.09 -38.85
C ARG E 219 -4.33 0.69 -38.45
N THR E 220 -4.12 1.73 -37.69
CA THR E 220 -5.20 2.60 -37.22
C THR E 220 -5.92 3.33 -38.37
N GLY E 221 -5.21 3.61 -39.47
CA GLY E 221 -5.83 4.30 -40.57
C GLY E 221 -5.39 5.74 -40.76
N ALA E 222 -4.70 6.32 -39.77
CA ALA E 222 -4.26 7.72 -39.85
C ALA E 222 -3.12 7.94 -40.84
N VAL E 223 -2.61 6.84 -41.39
CA VAL E 223 -1.51 6.92 -42.32
C VAL E 223 -1.73 5.86 -43.37
N ALA E 224 -1.67 6.27 -44.63
CA ALA E 224 -1.89 5.36 -45.72
C ALA E 224 -0.64 4.61 -46.07
N GLY E 225 -0.80 3.37 -46.49
CA GLY E 225 0.34 2.55 -46.82
C GLY E 225 1.17 3.08 -47.97
N GLN E 226 0.50 3.57 -49.01
CA GLN E 226 1.20 4.13 -50.18
C GLN E 226 2.01 5.35 -49.73
N ASP E 227 1.47 6.14 -48.80
CA ASP E 227 2.28 7.25 -48.33
C ASP E 227 3.62 6.82 -47.71
N VAL E 228 3.58 5.77 -46.86
CA VAL E 228 4.77 5.22 -46.19
C VAL E 228 5.75 4.72 -47.24
N VAL E 229 5.19 4.12 -48.27
CA VAL E 229 5.98 3.59 -49.37
C VAL E 229 6.66 4.72 -50.12
N ASP E 230 5.90 5.77 -50.42
CA ASP E 230 6.44 6.90 -51.15
C ASP E 230 7.54 7.54 -50.34
N LEU E 231 7.27 7.80 -49.05
CA LEU E 231 8.25 8.35 -48.13
C LEU E 231 9.52 7.49 -48.18
N LEU E 232 9.38 6.19 -48.02
CA LEU E 232 10.54 5.33 -48.09
C LEU E 232 11.36 5.60 -49.32
N GLU E 233 10.73 5.60 -50.50
CA GLU E 233 11.46 5.82 -51.77
C GLU E 233 12.02 7.26 -51.89
N GLU E 234 11.23 8.26 -51.43
CA GLU E 234 11.65 9.67 -51.45
C GLU E 234 12.98 9.72 -50.74
N LEU E 235 13.03 9.07 -49.59
CA LEU E 235 14.26 9.02 -48.81
C LEU E 235 15.38 8.24 -49.49
N ARG E 236 15.04 7.14 -50.15
CA ARG E 236 16.09 6.35 -50.81
C ARG E 236 16.65 7.21 -51.93
N GLY E 237 15.78 8.00 -52.56
CA GLY E 237 16.24 8.89 -53.62
C GLY E 237 17.18 10.00 -53.16
N ARG E 238 16.74 10.71 -52.12
CA ARG E 238 17.48 11.81 -51.50
C ARG E 238 18.88 11.36 -51.07
N ALA E 239 19.01 10.13 -50.59
CA ALA E 239 20.29 9.62 -50.13
C ALA E 239 21.16 9.22 -51.31
N LEU E 240 20.53 8.58 -52.29
CA LEU E 240 21.25 8.15 -53.50
C LEU E 240 21.83 9.37 -54.26
N ALA E 241 21.01 10.41 -54.38
CA ALA E 241 21.41 11.65 -55.01
C ALA E 241 22.66 12.21 -54.29
N ALA E 242 22.58 12.29 -52.96
CA ALA E 242 23.65 12.79 -52.16
C ALA E 242 24.97 12.06 -52.35
N VAL E 243 25.02 10.72 -52.25
CA VAL E 243 26.33 10.03 -52.45
C VAL E 243 26.77 10.07 -53.90
N ALA E 244 25.89 10.55 -54.77
CA ALA E 244 26.19 10.70 -56.18
C ALA E 244 26.92 12.07 -56.44
N ALA E 245 26.56 13.14 -55.69
CA ALA E 245 27.20 14.46 -55.80
C ALA E 245 28.75 14.32 -55.79
N PRO E 246 29.42 14.88 -56.81
CA PRO E 246 30.88 14.83 -56.99
C PRO E 246 31.59 15.37 -55.79
N PRO E 247 32.69 14.73 -55.37
CA PRO E 247 33.37 13.54 -55.89
C PRO E 247 32.66 12.23 -55.62
N GLY E 248 31.60 12.29 -54.81
CA GLY E 248 30.80 11.09 -54.51
C GLY E 248 31.30 9.94 -53.62
N ALA E 249 30.32 9.23 -53.06
CA ALA E 249 30.61 8.11 -52.22
C ALA E 249 29.83 6.85 -52.64
N PRO E 250 30.28 6.19 -53.74
CA PRO E 250 29.68 4.98 -54.31
C PRO E 250 29.62 3.87 -53.25
N GLY E 251 30.66 3.75 -52.44
CA GLY E 251 30.64 2.73 -51.39
C GLY E 251 29.29 2.69 -50.67
N LEU E 252 28.70 3.87 -50.52
CA LEU E 252 27.43 4.01 -49.86
C LEU E 252 26.18 3.57 -50.61
N VAL E 253 26.27 3.36 -51.91
CA VAL E 253 25.07 2.99 -52.64
C VAL E 253 24.43 1.69 -52.18
N PRO E 254 25.22 0.59 -52.07
CA PRO E 254 24.67 -0.70 -51.61
C PRO E 254 24.00 -0.53 -50.22
N VAL E 255 24.70 0.22 -49.37
CA VAL E 255 24.24 0.53 -48.01
C VAL E 255 22.86 1.17 -48.06
N VAL E 256 22.68 2.20 -48.90
CA VAL E 256 21.38 2.85 -48.96
C VAL E 256 20.30 1.92 -49.41
N HIS E 257 20.58 1.09 -50.42
CA HIS E 257 19.59 0.15 -50.93
C HIS E 257 19.28 -0.88 -49.83
N LEU E 258 20.32 -1.53 -49.33
CA LEU E 258 20.16 -2.52 -48.29
C LEU E 258 19.25 -2.14 -47.14
N TYR E 259 19.44 -0.93 -46.60
CA TYR E 259 18.62 -0.51 -45.49
C TYR E 259 17.21 -0.22 -45.92
N THR E 260 17.02 0.38 -47.09
CA THR E 260 15.66 0.65 -47.54
C THR E 260 14.97 -0.67 -47.94
N ASP E 261 15.71 -1.56 -48.62
CA ASP E 261 15.13 -2.84 -49.05
C ASP E 261 14.65 -3.64 -47.85
N ASP E 262 15.40 -3.52 -46.77
CA ASP E 262 15.06 -4.25 -45.56
C ASP E 262 13.71 -3.81 -45.02
N VAL E 263 13.45 -2.51 -44.97
CA VAL E 263 12.15 -2.08 -44.50
C VAL E 263 11.13 -2.58 -45.54
N LEU E 264 11.45 -2.46 -46.83
CA LEU E 264 10.48 -2.87 -47.82
C LEU E 264 10.12 -4.33 -47.74
N VAL E 265 11.13 -5.16 -47.60
CA VAL E 265 10.86 -6.57 -47.57
C VAL E 265 10.45 -7.23 -46.26
N ARG E 266 11.17 -6.93 -45.19
CA ARG E 266 10.92 -7.59 -43.93
C ARG E 266 9.97 -6.98 -42.92
N LEU E 267 9.96 -5.65 -42.82
CA LEU E 267 9.14 -4.94 -41.84
C LEU E 267 7.86 -4.34 -42.31
N LEU E 268 7.90 -3.64 -43.43
CA LEU E 268 6.75 -2.98 -43.96
C LEU E 268 5.54 -3.90 -44.27
N PRO E 269 5.76 -5.09 -44.86
CA PRO E 269 4.63 -5.97 -45.18
C PRO E 269 3.63 -6.27 -44.06
N ARG E 270 4.12 -6.68 -42.89
CA ARG E 270 3.25 -7.00 -41.75
C ARG E 270 2.19 -5.93 -41.43
N HIS E 271 2.47 -4.67 -41.71
CA HIS E 271 1.49 -3.67 -41.36
C HIS E 271 0.80 -3.15 -42.58
N LEU E 272 0.95 -3.82 -43.72
CA LEU E 272 0.31 -3.22 -44.88
C LEU E 272 -1.15 -3.51 -45.22
N GLY E 273 -1.84 -2.43 -45.62
CA GLY E 273 -3.25 -2.52 -45.94
C GLY E 273 -4.17 -2.58 -44.71
N ASP F 11 25.72 43.96 -1.65
CA ASP F 11 27.16 43.83 -2.08
C ASP F 11 27.50 44.71 -3.29
N ASP F 12 28.80 44.78 -3.64
CA ASP F 12 29.26 45.61 -4.76
C ASP F 12 28.26 45.79 -5.95
N ASP F 13 28.17 47.02 -6.43
CA ASP F 13 27.29 47.31 -7.53
C ASP F 13 27.76 46.64 -8.79
N LYS F 14 28.99 46.94 -9.20
CA LYS F 14 29.58 46.38 -10.42
C LYS F 14 29.18 44.93 -10.61
N MET F 15 29.26 44.16 -9.51
CA MET F 15 28.95 42.75 -9.58
C MET F 15 27.48 42.44 -9.58
N LEU F 16 26.69 43.14 -8.78
CA LEU F 16 25.26 42.83 -8.82
C LEU F 16 24.77 43.11 -10.23
N ALA F 17 25.46 43.98 -10.95
CA ALA F 17 25.02 44.25 -12.28
C ALA F 17 25.48 43.14 -13.18
N ALA F 18 26.70 42.64 -12.98
CA ALA F 18 27.19 41.52 -13.82
C ALA F 18 26.29 40.30 -13.60
N GLU F 19 25.96 40.03 -12.34
CA GLU F 19 25.11 38.92 -12.00
C GLU F 19 23.78 39.05 -12.73
N ALA F 20 23.21 40.26 -12.68
CA ALA F 20 21.93 40.55 -13.31
C ALA F 20 22.04 40.29 -14.82
N ALA F 21 23.17 40.65 -15.38
CA ALA F 21 23.41 40.44 -16.81
C ALA F 21 23.68 38.95 -17.16
N ASN F 22 24.31 38.20 -16.27
CA ASN F 22 24.53 36.81 -16.55
C ASN F 22 23.20 36.09 -16.43
N ARG F 23 22.41 36.52 -15.44
CA ARG F 23 21.08 35.96 -15.20
C ARG F 23 20.23 36.19 -16.45
N ASP F 24 20.48 37.29 -17.10
CA ASP F 24 19.78 37.59 -18.28
C ASP F 24 20.09 36.75 -19.49
N HIS F 25 21.38 36.68 -19.78
CA HIS F 25 21.88 35.93 -20.91
C HIS F 25 21.38 34.48 -20.68
N VAL F 26 21.38 34.03 -19.42
CA VAL F 26 20.98 32.67 -19.13
C VAL F 26 19.48 32.43 -19.27
N THR F 27 18.67 33.13 -18.48
CA THR F 27 17.24 32.95 -18.57
C THR F 27 16.77 33.20 -20.00
N ARG F 28 17.34 34.19 -20.66
CA ARG F 28 16.92 34.46 -22.05
C ARG F 28 17.10 33.21 -22.93
N CYS F 29 18.24 32.55 -22.80
CA CYS F 29 18.56 31.33 -23.54
C CYS F 29 17.67 30.18 -23.18
N VAL F 30 17.37 30.07 -21.88
CA VAL F 30 16.49 28.98 -21.46
C VAL F 30 15.20 29.11 -22.23
N ALA F 31 14.62 30.28 -22.12
CA ALA F 31 13.37 30.64 -22.73
C ALA F 31 13.33 30.39 -24.24
N GLN F 32 14.36 30.81 -24.95
CA GLN F 32 14.29 30.57 -26.36
C GLN F 32 14.29 29.06 -26.67
N THR F 33 14.70 28.23 -25.72
CA THR F 33 14.75 26.80 -25.97
C THR F 33 13.44 26.11 -25.75
N GLY F 34 12.53 26.80 -25.07
CA GLY F 34 11.23 26.23 -24.83
C GLY F 34 11.10 25.80 -23.39
N GLY F 35 11.82 26.52 -22.54
CA GLY F 35 11.80 26.23 -21.13
C GLY F 35 10.60 26.81 -20.47
N SER F 36 10.14 26.06 -19.49
CA SER F 36 9.01 26.38 -18.67
C SER F 36 9.33 27.56 -17.80
N PRO F 37 8.30 28.19 -17.26
CA PRO F 37 8.45 29.32 -16.37
C PRO F 37 9.25 28.85 -15.15
N ASP F 38 8.97 27.63 -14.77
CA ASP F 38 9.61 27.00 -13.63
C ASP F 38 11.15 26.85 -13.87
N LEU F 39 11.53 26.49 -15.10
CA LEU F 39 12.93 26.30 -15.41
C LEU F 39 13.64 27.63 -15.40
N VAL F 40 12.94 28.64 -15.91
CA VAL F 40 13.47 29.97 -15.96
C VAL F 40 13.73 30.52 -14.57
N ALA F 41 12.77 30.37 -13.67
CA ALA F 41 12.95 30.84 -12.31
C ALA F 41 14.06 30.02 -11.66
N HIS F 42 14.05 28.71 -11.92
CA HIS F 42 15.06 27.87 -11.33
C HIS F 42 16.48 28.37 -11.67
N THR F 43 16.78 28.54 -12.96
CA THR F 43 18.10 29.01 -13.32
C THR F 43 18.36 30.42 -12.78
N ALA F 44 17.40 31.32 -12.93
CA ALA F 44 17.56 32.69 -12.41
C ALA F 44 17.91 32.70 -10.94
N ALA F 45 17.40 31.73 -10.19
CA ALA F 45 17.65 31.61 -8.77
C ALA F 45 19.05 31.14 -8.36
N LEU F 46 19.88 30.69 -9.32
CA LEU F 46 21.27 30.20 -9.07
C LEU F 46 22.29 31.38 -8.92
N ARG F 47 22.08 32.25 -7.92
CA ARG F 47 22.89 33.42 -7.71
C ARG F 47 24.39 33.24 -7.61
N LEU F 48 24.83 32.27 -6.81
CA LEU F 48 26.25 32.11 -6.69
C LEU F 48 26.82 31.70 -8.04
N TYR F 49 26.13 30.83 -8.75
CA TYR F 49 26.63 30.41 -10.03
C TYR F 49 26.58 31.52 -11.05
N LEU F 50 25.64 32.43 -10.92
CA LEU F 50 25.57 33.49 -11.91
C LEU F 50 26.51 34.62 -11.58
N ARG F 51 27.06 34.56 -10.37
CA ARG F 51 27.96 35.59 -9.90
C ARG F 51 29.42 35.20 -9.97
N VAL F 52 29.73 33.94 -9.67
CA VAL F 52 31.12 33.49 -9.64
C VAL F 52 32.00 33.91 -10.84
N PRO F 53 31.38 34.03 -12.03
CA PRO F 53 32.07 34.43 -13.27
C PRO F 53 32.57 35.81 -13.15
N HIS F 54 31.82 36.61 -12.44
CA HIS F 54 32.27 37.94 -12.27
C HIS F 54 33.62 37.89 -11.56
N PHE F 55 33.80 37.02 -10.56
CA PHE F 55 35.07 37.01 -9.87
C PHE F 55 36.12 36.42 -10.77
N LEU F 56 35.83 35.30 -11.39
CA LEU F 56 36.79 34.70 -12.28
C LEU F 56 37.35 35.61 -13.40
N THR F 57 36.59 36.61 -13.83
CA THR F 57 37.08 37.44 -14.90
C THR F 57 37.64 38.77 -14.45
N GLU F 58 37.89 38.91 -13.15
CA GLU F 58 38.42 40.12 -12.56
C GLU F 58 39.67 40.69 -13.22
N TRP F 59 40.50 39.81 -13.80
CA TRP F 59 41.76 40.22 -14.48
C TRP F 59 41.56 40.77 -15.91
N THR F 60 40.37 40.59 -16.46
CA THR F 60 40.10 41.04 -17.81
C THR F 60 40.02 42.51 -17.78
N THR F 61 40.78 43.18 -18.63
CA THR F 61 40.81 44.64 -18.56
C THR F 61 39.74 45.33 -19.36
N ASP F 62 39.56 44.84 -20.59
CA ASP F 62 38.55 45.40 -21.49
C ASP F 62 37.17 44.99 -20.96
N PRO F 63 36.35 45.97 -20.55
CA PRO F 63 35.01 45.72 -20.01
C PRO F 63 34.03 45.00 -20.94
N ASP F 64 34.22 45.11 -22.25
CA ASP F 64 33.34 44.40 -23.17
C ASP F 64 33.73 42.94 -23.22
N ARG F 65 35.02 42.66 -23.36
CA ARG F 65 35.41 41.27 -23.35
C ARG F 65 35.03 40.70 -21.97
N ARG F 66 35.18 41.50 -20.93
CA ARG F 66 34.85 40.97 -19.64
C ARG F 66 33.43 40.47 -19.61
N ALA F 67 32.49 41.35 -19.89
CA ALA F 67 31.07 41.03 -19.92
C ALA F 67 30.77 39.74 -20.71
N ALA F 68 31.37 39.63 -21.89
CA ALA F 68 31.15 38.50 -22.73
C ALA F 68 31.62 37.17 -22.14
N VAL F 69 32.81 37.16 -21.51
CA VAL F 69 33.34 35.94 -20.93
C VAL F 69 32.50 35.58 -19.71
N SER F 70 32.17 36.61 -18.94
CA SER F 70 31.38 36.43 -17.72
C SER F 70 30.07 35.72 -18.06
N ARG F 71 29.41 36.15 -19.14
CA ARG F 71 28.16 35.48 -19.49
C ARG F 71 28.37 34.09 -20.11
N ALA F 72 29.34 33.94 -21.02
CA ALA F 72 29.61 32.63 -21.59
C ALA F 72 29.93 31.63 -20.47
N LEU F 73 30.73 32.00 -19.46
CA LEU F 73 30.95 31.07 -18.36
C LEU F 73 29.60 30.87 -17.64
N ALA F 74 28.90 31.94 -17.27
CA ALA F 74 27.58 31.78 -16.62
C ALA F 74 26.75 30.70 -17.31
N LEU F 75 26.70 30.74 -18.64
CA LEU F 75 25.98 29.75 -19.41
C LEU F 75 26.40 28.31 -19.06
N ASP F 76 27.71 28.00 -19.25
CA ASP F 76 28.21 26.65 -19.00
C ASP F 76 28.13 26.17 -17.59
N ILE F 77 28.40 27.07 -16.66
CA ILE F 77 28.31 26.71 -15.27
C ILE F 77 26.85 26.30 -14.92
N VAL F 78 25.87 27.04 -15.43
CA VAL F 78 24.47 26.73 -15.16
C VAL F 78 24.14 25.40 -15.87
N SER F 79 24.67 25.21 -17.07
CA SER F 79 24.46 23.99 -17.79
C SER F 79 24.79 22.82 -16.92
N MET F 80 25.98 22.86 -16.32
CA MET F 80 26.45 21.78 -15.47
C MET F 80 25.57 21.65 -14.26
N LYS F 81 25.14 22.79 -13.71
CA LYS F 81 24.28 22.72 -12.55
C LYS F 81 23.01 21.96 -12.94
N LEU F 82 22.50 22.19 -14.14
CA LEU F 82 21.31 21.45 -14.56
C LEU F 82 21.63 19.97 -14.81
N LEU F 83 22.85 19.65 -15.26
CA LEU F 83 23.18 18.26 -15.45
C LEU F 83 23.19 17.58 -14.08
N ASP F 84 23.60 18.33 -13.05
CA ASP F 84 23.62 17.85 -11.67
C ASP F 84 22.19 17.64 -11.21
N ASP F 85 21.27 18.52 -11.56
CA ASP F 85 19.90 18.35 -11.10
C ASP F 85 19.45 17.07 -11.70
N LEU F 86 19.59 17.05 -13.03
CA LEU F 86 19.29 15.92 -13.84
C LEU F 86 19.80 14.64 -13.22
N MET F 87 20.95 14.58 -12.55
CA MET F 87 21.31 13.28 -11.98
C MET F 87 20.67 13.01 -10.64
N ASP F 88 20.21 14.06 -9.95
CA ASP F 88 19.55 13.87 -8.65
C ASP F 88 18.06 13.58 -8.80
N ASP F 89 17.46 14.21 -9.82
CA ASP F 89 16.05 14.03 -10.15
C ASP F 89 15.09 14.27 -9.00
N ASP F 90 15.29 15.33 -8.23
CA ASP F 90 14.42 15.60 -7.10
C ASP F 90 14.13 17.09 -7.04
N THR F 91 14.34 17.73 -8.19
CA THR F 91 14.16 19.16 -8.37
C THR F 91 12.75 19.50 -8.77
N GLY F 92 11.97 18.49 -9.14
CA GLY F 92 10.60 18.76 -9.51
C GLY F 92 10.43 19.39 -10.87
N LEU F 93 11.48 19.40 -11.68
CA LEU F 93 11.38 19.96 -13.05
C LEU F 93 11.32 18.80 -14.04
N ASP F 94 10.73 19.00 -15.22
CA ASP F 94 10.60 17.94 -16.24
C ASP F 94 11.99 17.53 -16.65
N ARG F 95 12.32 16.24 -16.54
CA ARG F 95 13.65 15.76 -16.93
C ARG F 95 13.98 16.11 -18.38
N VAL F 96 12.97 16.21 -19.25
CA VAL F 96 13.21 16.51 -20.66
C VAL F 96 13.73 17.94 -20.90
N GLU F 97 13.06 18.88 -20.26
CA GLU F 97 13.43 20.30 -20.26
C GLU F 97 14.91 20.40 -19.78
N LEU F 98 15.17 19.84 -18.60
CA LEU F 98 16.51 19.89 -18.04
C LEU F 98 17.53 19.41 -19.06
N ALA F 99 17.35 18.20 -19.57
CA ALA F 99 18.34 17.66 -20.47
C ALA F 99 18.54 18.53 -21.69
N CYS F 100 17.46 18.83 -22.36
CA CYS F 100 17.53 19.65 -23.55
C CYS F 100 18.05 21.07 -23.35
N VAL F 101 17.60 21.77 -22.30
CA VAL F 101 18.09 23.12 -22.07
C VAL F 101 19.52 23.09 -21.58
N CYS F 102 19.84 22.08 -20.78
CA CYS F 102 21.21 21.96 -20.32
C CYS F 102 22.18 21.86 -21.55
N LEU F 103 21.87 20.99 -22.53
CA LEU F 103 22.71 20.84 -23.70
C LEU F 103 22.72 22.14 -24.52
N ARG F 104 21.55 22.78 -24.64
CA ARG F 104 21.56 23.96 -25.44
C ARG F 104 22.43 25.08 -24.80
N LEU F 105 22.44 25.19 -23.47
CA LEU F 105 23.24 26.23 -22.83
C LEU F 105 24.71 25.89 -23.01
N HIS F 106 25.05 24.63 -22.81
CA HIS F 106 26.43 24.19 -22.98
C HIS F 106 26.97 24.47 -24.42
N LEU F 107 26.23 24.09 -25.46
CA LEU F 107 26.62 24.32 -26.85
C LEU F 107 26.77 25.77 -27.13
N ARG F 108 26.02 26.60 -26.41
CA ARG F 108 26.07 28.02 -26.61
C ARG F 108 27.32 28.61 -25.96
N ALA F 109 27.61 28.14 -24.74
CA ALA F 109 28.76 28.56 -24.01
C ALA F 109 30.02 28.18 -24.79
N LEU F 110 30.00 27.02 -25.44
CA LEU F 110 31.20 26.63 -26.19
C LEU F 110 31.39 27.59 -27.32
N HIS F 111 30.27 27.99 -27.95
CA HIS F 111 30.37 28.89 -29.09
C HIS F 111 30.94 30.24 -28.70
N GLU F 112 30.40 30.82 -27.64
CA GLU F 112 30.94 32.09 -27.24
C GLU F 112 32.31 32.00 -26.55
N LEU F 113 32.65 30.94 -25.82
CA LEU F 113 34.00 30.97 -25.22
C LEU F 113 35.06 30.82 -26.32
N GLU F 114 34.80 29.97 -27.31
CA GLU F 114 35.79 29.78 -28.36
C GLU F 114 35.96 31.01 -29.24
N SER F 115 34.95 31.86 -29.27
CA SER F 115 35.03 33.06 -30.11
C SER F 115 35.91 34.13 -29.49
N LEU F 116 36.16 34.01 -28.18
CA LEU F 116 36.97 34.96 -27.45
C LEU F 116 38.28 34.35 -27.04
N ALA F 117 38.53 33.10 -27.44
CA ALA F 117 39.73 32.42 -26.98
C ALA F 117 41.09 32.71 -27.61
N ARG F 118 42.09 32.63 -26.76
CA ARG F 118 43.46 32.83 -27.13
C ARG F 118 43.79 31.92 -28.29
N ASP F 119 43.29 30.71 -28.25
CA ASP F 119 43.59 29.76 -29.29
C ASP F 119 42.39 28.89 -29.57
N PRO F 120 42.24 28.48 -30.85
CA PRO F 120 41.17 27.64 -31.35
C PRO F 120 40.89 26.40 -30.50
N LYS F 121 41.97 25.72 -30.12
CA LYS F 121 41.88 24.52 -29.29
C LYS F 121 41.92 24.68 -27.78
N ALA F 122 42.15 25.87 -27.23
CA ALA F 122 42.25 25.97 -25.78
C ALA F 122 41.00 25.65 -25.00
N VAL F 123 39.82 25.94 -25.52
CA VAL F 123 38.68 25.61 -24.72
C VAL F 123 38.54 24.12 -24.56
N THR F 124 38.52 23.38 -25.67
CA THR F 124 38.40 21.91 -25.53
C THR F 124 39.63 21.30 -24.87
N ASP F 125 40.78 21.98 -24.90
CA ASP F 125 41.97 21.40 -24.24
C ASP F 125 41.71 21.37 -22.75
N ILE F 126 41.21 22.51 -22.25
CA ILE F 126 40.89 22.72 -20.85
C ILE F 126 39.73 21.83 -20.41
N LEU F 127 38.76 21.62 -21.31
CA LEU F 127 37.60 20.81 -20.94
C LEU F 127 37.87 19.35 -20.75
N GLU F 128 38.80 18.83 -21.55
CA GLU F 128 39.18 17.42 -21.54
C GLU F 128 40.32 17.05 -20.56
N GLN F 129 41.29 17.95 -20.44
CA GLN F 129 42.46 17.79 -19.58
C GLN F 129 42.18 16.88 -18.41
N ASP F 130 41.21 17.31 -17.61
CA ASP F 130 40.79 16.61 -16.40
C ASP F 130 39.32 16.18 -16.34
N ALA F 131 38.75 15.92 -17.50
CA ALA F 131 37.37 15.50 -17.59
C ALA F 131 37.16 14.22 -16.76
N VAL F 132 38.14 13.31 -16.80
CA VAL F 132 37.99 12.08 -16.09
C VAL F 132 38.06 12.35 -14.63
N HIS F 133 38.89 13.30 -14.24
CA HIS F 133 38.97 13.57 -12.83
C HIS F 133 37.64 14.16 -12.37
N LEU F 134 37.09 15.07 -13.18
CA LEU F 134 35.81 15.67 -12.84
C LEU F 134 34.68 14.72 -12.86
N CYS F 135 34.45 14.03 -14.00
CA CYS F 135 33.34 13.11 -14.14
C CYS F 135 33.39 11.83 -13.33
N GLY F 136 34.56 11.19 -13.26
CA GLY F 136 34.66 9.97 -12.48
C GLY F 136 34.57 10.29 -10.99
N GLY F 137 35.15 11.43 -10.62
CA GLY F 137 35.11 11.83 -9.25
C GLY F 137 33.71 12.21 -8.89
N GLN F 138 32.97 12.79 -9.81
CA GLN F 138 31.61 13.17 -9.52
C GLN F 138 30.81 11.88 -9.25
N ILE F 139 31.02 10.82 -10.04
CA ILE F 139 30.29 9.58 -9.78
C ILE F 139 30.58 9.17 -8.32
N ARG F 140 31.85 9.19 -7.92
CA ARG F 140 32.17 8.82 -6.54
C ARG F 140 31.61 9.78 -5.47
N THR F 141 31.59 11.08 -5.71
CA THR F 141 31.05 12.00 -4.67
C THR F 141 29.60 11.69 -4.34
N LYS F 142 28.84 11.42 -5.39
CA LYS F 142 27.43 11.13 -5.32
C LYS F 142 27.03 9.75 -4.77
N ARG F 143 27.96 8.80 -4.71
CA ARG F 143 27.61 7.44 -4.32
C ARG F 143 28.36 6.96 -3.12
N SER F 144 29.00 7.87 -2.43
CA SER F 144 29.71 7.49 -1.21
C SER F 144 29.75 8.71 -0.33
N ARG F 145 30.17 8.54 0.92
CA ARG F 145 30.24 9.71 1.79
C ARG F 145 31.44 9.76 2.66
N ALA F 146 31.81 10.99 2.95
CA ALA F 146 32.97 11.25 3.78
C ALA F 146 32.71 10.89 5.24
N THR F 147 33.74 10.31 5.82
CA THR F 147 33.65 9.94 7.20
C THR F 147 34.70 10.69 8.07
N ASN F 148 35.66 11.37 7.45
CA ASN F 148 36.71 12.15 8.15
C ASN F 148 37.11 13.39 7.29
N LEU F 149 38.00 14.27 7.79
CA LEU F 149 38.34 15.44 7.01
C LEU F 149 38.96 15.18 5.65
N ARG F 150 39.88 14.23 5.60
CA ARG F 150 40.58 13.90 4.36
C ARG F 150 39.66 13.49 3.25
N GLU F 151 38.66 12.69 3.56
CA GLU F 151 37.75 12.23 2.52
C GLU F 151 36.79 13.36 2.20
N TRP F 152 36.45 14.15 3.20
CA TRP F 152 35.54 15.22 2.94
C TRP F 152 36.15 16.15 1.87
N ARG F 153 37.45 16.43 2.08
CA ARG F 153 38.23 17.31 1.20
C ARG F 153 38.43 16.71 -0.21
N ALA F 154 38.47 15.36 -0.27
CA ALA F 154 38.67 14.60 -1.51
C ALA F 154 37.42 14.74 -2.37
N HIS F 155 36.27 14.67 -1.74
CA HIS F 155 35.03 14.90 -2.47
C HIS F 155 34.95 16.37 -2.94
N ALA F 156 35.06 17.29 -1.99
CA ALA F 156 34.94 18.71 -2.30
C ALA F 156 35.92 19.21 -3.38
N SER F 157 37.09 18.60 -3.46
CA SER F 157 38.02 19.06 -4.47
C SER F 157 37.57 18.65 -5.85
N THR F 158 36.64 17.70 -5.95
CA THR F 158 36.22 17.43 -7.30
C THR F 158 34.94 18.24 -7.61
N TYR F 159 33.92 18.24 -6.76
CA TYR F 159 32.76 19.03 -7.11
C TYR F 159 32.87 20.52 -6.81
N GLY F 160 33.92 20.91 -6.08
CA GLY F 160 34.11 22.32 -5.81
C GLY F 160 35.31 22.81 -6.59
N SER F 161 36.50 22.40 -6.19
CA SER F 161 37.73 22.92 -6.81
C SER F 161 37.93 22.57 -8.24
N THR F 162 37.88 21.29 -8.56
CA THR F 162 38.10 20.91 -9.92
C THR F 162 37.02 21.52 -10.82
N PHE F 163 35.76 21.43 -10.41
CA PHE F 163 34.65 22.01 -11.15
C PHE F 163 34.86 23.49 -11.48
N LEU F 164 35.14 24.31 -10.45
CA LEU F 164 35.31 25.74 -10.66
C LEU F 164 36.69 26.12 -11.23
N GLY F 165 37.70 25.30 -10.92
CA GLY F 165 39.03 25.56 -11.42
C GLY F 165 39.05 25.62 -12.95
N ARG F 166 38.24 24.78 -13.60
CA ARG F 166 38.18 24.76 -15.04
C ARG F 166 37.61 26.07 -15.61
N TYR F 167 36.67 26.69 -14.91
CA TYR F 167 36.16 27.94 -15.44
C TYR F 167 37.21 29.05 -15.24
N GLY F 168 38.02 28.91 -14.19
CA GLY F 168 39.07 29.90 -14.03
C GLY F 168 39.98 29.77 -15.24
N ALA F 169 40.35 28.52 -15.56
CA ALA F 169 41.25 28.22 -16.67
C ALA F 169 40.71 28.85 -17.93
N LEU F 170 39.39 28.75 -18.11
CA LEU F 170 38.70 29.31 -19.25
C LEU F 170 38.65 30.80 -19.09
N ALA F 171 38.49 31.30 -17.87
CA ALA F 171 38.41 32.75 -17.71
C ALA F 171 39.72 33.36 -18.23
N ALA F 172 40.80 32.65 -17.95
CA ALA F 172 42.09 33.10 -18.39
C ALA F 172 42.34 32.82 -19.86
N ALA F 173 41.82 31.75 -20.39
CA ALA F 173 42.10 31.48 -21.80
C ALA F 173 41.27 32.39 -22.72
N CYS F 174 40.18 32.95 -22.19
CA CYS F 174 39.33 33.81 -22.99
C CYS F 174 39.43 35.26 -22.60
N GLY F 175 40.11 35.56 -21.52
CA GLY F 175 40.13 36.95 -21.08
C GLY F 175 41.15 37.95 -21.58
N GLY F 176 41.58 37.88 -22.84
CA GLY F 176 42.56 38.83 -23.37
C GLY F 176 44.02 38.68 -22.91
N GLU F 177 44.74 39.79 -22.95
CA GLU F 177 46.14 39.77 -22.52
C GLU F 177 46.18 39.94 -20.97
N GLY F 178 47.35 39.80 -20.38
CA GLY F 178 47.44 39.99 -18.94
C GLY F 178 46.71 39.05 -18.00
N GLN F 179 46.53 37.78 -18.42
CA GLN F 179 45.88 36.79 -17.59
C GLN F 179 46.92 35.87 -17.03
N PRO F 180 47.07 35.83 -15.71
CA PRO F 180 48.07 34.92 -15.10
C PRO F 180 47.35 33.58 -14.95
N ALA F 181 47.39 32.77 -16.00
CA ALA F 181 46.65 31.50 -16.03
C ALA F 181 46.66 30.60 -14.80
N ASP F 182 47.85 30.22 -14.35
CA ASP F 182 47.87 29.34 -13.20
C ASP F 182 47.26 29.95 -11.97
N SER F 183 47.30 31.26 -11.90
CA SER F 183 46.80 31.98 -10.76
C SER F 183 45.29 32.13 -10.69
N VAL F 184 44.67 32.36 -11.86
CA VAL F 184 43.25 32.54 -11.91
C VAL F 184 42.63 31.24 -11.49
N ARG F 185 43.22 30.14 -11.93
CA ARG F 185 42.74 28.83 -11.57
C ARG F 185 42.99 28.47 -10.12
N GLU F 186 44.19 28.75 -9.62
CA GLU F 186 44.49 28.50 -8.21
C GLU F 186 43.41 29.26 -7.41
N PHE F 187 43.20 30.53 -7.76
CA PHE F 187 42.22 31.32 -7.06
C PHE F 187 40.91 30.60 -7.09
N ALA F 188 40.49 30.24 -8.28
CA ALA F 188 39.23 29.57 -8.43
C ALA F 188 39.16 28.25 -7.67
N GLU F 189 40.25 27.51 -7.59
CA GLU F 189 40.15 26.26 -6.85
C GLU F 189 40.02 26.45 -5.35
N ALA F 190 40.71 27.41 -4.78
CA ALA F 190 40.65 27.62 -3.34
C ALA F 190 39.37 28.31 -2.96
N PHE F 191 39.00 29.35 -3.67
CA PHE F 191 37.80 30.07 -3.33
C PHE F 191 36.57 29.11 -3.31
N ALA F 192 36.53 28.21 -4.30
CA ALA F 192 35.43 27.26 -4.41
C ALA F 192 35.30 26.39 -3.18
N MET F 193 36.44 25.85 -2.72
CA MET F 193 36.42 24.98 -1.59
C MET F 193 35.85 25.73 -0.43
N THR F 194 36.22 26.99 -0.29
CA THR F 194 35.69 27.85 0.81
C THR F 194 34.17 27.86 0.69
N ILE F 195 33.65 28.19 -0.49
CA ILE F 195 32.20 28.18 -0.75
C ILE F 195 31.56 26.82 -0.30
N THR F 196 32.22 25.72 -0.60
CA THR F 196 31.74 24.39 -0.29
C THR F 196 31.58 24.15 1.17
N MET F 197 32.58 24.53 1.95
CA MET F 197 32.56 24.39 3.41
C MET F 197 31.42 25.25 3.96
N ALA F 198 31.26 26.46 3.43
CA ALA F 198 30.19 27.39 3.82
C ALA F 198 28.84 26.75 3.61
N ASP F 199 28.75 26.02 2.51
CA ASP F 199 27.54 25.37 2.10
C ASP F 199 27.10 24.26 3.07
N ASP F 200 28.03 23.39 3.42
CA ASP F 200 27.74 22.28 4.31
C ASP F 200 27.33 22.82 5.63
N LEU F 201 28.11 23.81 6.09
CA LEU F 201 27.82 24.40 7.39
C LEU F 201 26.42 24.97 7.39
N THR F 202 26.00 25.48 6.23
CA THR F 202 24.66 26.03 6.09
C THR F 202 23.56 24.96 6.00
N ASP F 203 23.73 23.97 5.14
CA ASP F 203 22.69 22.99 5.01
C ASP F 203 22.53 22.12 6.23
N TYR F 204 23.40 22.25 7.22
CA TYR F 204 23.20 21.40 8.38
C TYR F 204 21.81 21.77 8.87
N ASP F 205 21.55 23.05 8.98
CA ASP F 205 20.24 23.46 9.48
C ASP F 205 19.17 23.74 8.43
N ARG F 206 19.56 24.41 7.35
CA ARG F 206 18.63 24.69 6.25
C ARG F 206 17.93 23.43 5.72
N ASN F 207 18.66 22.32 5.61
CA ASN F 207 18.16 21.06 5.09
C ASN F 207 18.29 19.91 6.02
N GLY F 208 18.82 20.15 7.21
CA GLY F 208 18.99 19.05 8.11
C GLY F 208 19.91 17.95 7.59
N GLU F 209 20.80 18.25 6.66
CA GLU F 209 21.74 17.29 6.05
C GLU F 209 22.67 16.63 7.07
N ARG F 210 23.00 15.36 6.91
CA ARG F 210 23.89 14.78 7.90
C ARG F 210 25.03 13.95 7.32
N ASP F 211 24.69 12.92 6.54
CA ASP F 211 25.70 12.06 5.93
C ASP F 211 26.92 12.73 5.29
N GLY F 212 28.08 12.63 5.92
CA GLY F 212 29.26 13.21 5.31
C GLY F 212 29.16 14.71 5.10
N ASN F 213 28.41 15.35 5.98
CA ASN F 213 28.22 16.79 5.98
C ASN F 213 29.26 17.21 7.00
N LEU F 214 30.05 18.20 6.63
CA LEU F 214 31.13 18.71 7.47
C LEU F 214 30.70 19.05 8.89
N ALA F 215 29.63 19.83 9.00
CA ALA F 215 29.15 20.20 10.30
C ALA F 215 28.75 18.94 11.05
N HIS F 216 28.17 17.96 10.35
CA HIS F 216 27.80 16.71 11.04
C HIS F 216 29.05 15.97 11.50
N LEU F 217 30.01 15.82 10.60
CA LEU F 217 31.28 15.16 10.93
C LEU F 217 31.95 15.89 12.09
N MET F 218 31.78 17.21 12.20
CA MET F 218 32.38 17.89 13.33
C MET F 218 31.66 17.51 14.63
N ARG F 219 30.33 17.66 14.70
CA ARG F 219 29.58 17.34 15.94
C ARG F 219 29.70 15.90 16.36
N THR F 220 30.16 15.10 15.42
CA THR F 220 30.33 13.65 15.54
C THR F 220 31.66 13.22 16.07
N GLY F 221 32.59 14.15 16.16
CA GLY F 221 33.91 13.81 16.61
C GLY F 221 34.81 13.36 15.47
N ALA F 222 34.23 13.03 14.31
CA ALA F 222 35.04 12.56 13.18
C ALA F 222 35.99 13.63 12.62
N VAL F 223 35.58 14.88 12.77
CA VAL F 223 36.40 15.95 12.26
C VAL F 223 36.69 16.90 13.38
N ALA F 224 37.98 17.25 13.47
CA ALA F 224 38.46 18.15 14.50
C ALA F 224 38.13 19.59 14.20
N GLY F 225 37.43 20.25 15.11
CA GLY F 225 37.14 21.65 14.85
C GLY F 225 38.36 22.43 14.39
N GLN F 226 39.50 22.26 15.06
CA GLN F 226 40.67 23.04 14.68
C GLN F 226 41.04 22.81 13.25
N ASP F 227 40.95 21.55 12.85
CA ASP F 227 41.31 21.24 11.49
C ASP F 227 40.52 21.99 10.42
N VAL F 228 39.27 22.26 10.72
CA VAL F 228 38.45 22.94 9.78
C VAL F 228 38.90 24.39 9.68
N VAL F 229 39.27 24.93 10.83
CA VAL F 229 39.69 26.31 10.93
C VAL F 229 41.00 26.44 10.19
N ASP F 230 41.85 25.43 10.33
CA ASP F 230 43.12 25.49 9.66
C ASP F 230 42.90 25.47 8.16
N LEU F 231 42.09 24.52 7.68
CA LEU F 231 41.80 24.43 6.26
C LEU F 231 41.18 25.74 5.79
N LEU F 232 40.20 26.23 6.53
CA LEU F 232 39.64 27.50 6.11
C LEU F 232 40.76 28.54 5.82
N GLU F 233 41.71 28.68 6.74
CA GLU F 233 42.85 29.59 6.59
C GLU F 233 43.78 29.23 5.41
N GLU F 234 44.07 27.95 5.31
CA GLU F 234 44.87 27.50 4.23
C GLU F 234 44.15 27.96 2.95
N LEU F 235 42.83 27.81 2.88
CA LEU F 235 42.14 28.22 1.65
C LEU F 235 42.19 29.73 1.35
N ARG F 236 42.20 30.56 2.39
CA ARG F 236 42.28 32.02 2.31
C ARG F 236 43.71 32.42 1.82
N GLY F 237 44.69 31.75 2.42
CA GLY F 237 46.07 31.97 2.04
C GLY F 237 46.29 31.67 0.56
N ARG F 238 45.90 30.49 0.09
CA ARG F 238 46.13 30.24 -1.33
C ARG F 238 45.28 31.08 -2.21
N ALA F 239 44.14 31.56 -1.73
CA ALA F 239 43.41 32.42 -2.65
C ALA F 239 44.09 33.80 -2.66
N LEU F 240 44.47 34.30 -1.48
CA LEU F 240 45.17 35.60 -1.44
C LEU F 240 46.45 35.53 -2.26
N ALA F 241 47.22 34.48 -2.08
CA ALA F 241 48.46 34.31 -2.84
C ALA F 241 48.21 34.42 -4.34
N ALA F 242 47.14 33.80 -4.82
CA ALA F 242 46.82 33.79 -6.23
C ALA F 242 46.50 35.19 -6.76
N VAL F 243 45.74 35.91 -5.95
CA VAL F 243 45.30 37.21 -6.32
C VAL F 243 46.41 38.26 -6.25
N ALA F 244 47.50 37.87 -5.60
CA ALA F 244 48.67 38.75 -5.40
C ALA F 244 49.67 38.65 -6.51
N ALA F 245 49.74 37.44 -7.12
CA ALA F 245 50.66 37.13 -8.22
C ALA F 245 50.47 38.12 -9.36
N PRO F 246 51.55 38.78 -9.82
CA PRO F 246 51.33 39.74 -10.91
C PRO F 246 50.75 39.16 -12.20
N PRO F 247 49.99 40.01 -12.95
CA PRO F 247 49.67 41.44 -12.69
C PRO F 247 48.84 41.72 -11.45
N GLY F 248 48.26 40.70 -10.86
CA GLY F 248 47.47 40.94 -9.65
C GLY F 248 46.00 41.30 -9.88
N ALA F 249 45.18 41.05 -8.88
CA ALA F 249 43.76 41.34 -9.01
C ALA F 249 43.36 41.69 -7.60
N PRO F 250 43.89 42.80 -7.09
CA PRO F 250 43.63 43.28 -5.71
C PRO F 250 42.20 43.40 -5.30
N GLY F 251 41.32 43.59 -6.28
CA GLY F 251 39.90 43.69 -5.99
C GLY F 251 39.31 42.46 -5.31
N LEU F 252 39.89 41.30 -5.63
CA LEU F 252 39.46 40.07 -5.08
C LEU F 252 39.89 39.88 -3.65
N VAL F 253 40.73 40.75 -3.13
CA VAL F 253 41.16 40.55 -1.74
C VAL F 253 40.00 40.70 -0.70
N PRO F 254 39.17 41.75 -0.87
CA PRO F 254 38.04 41.99 0.04
C PRO F 254 37.10 40.81 -0.09
N VAL F 255 36.78 40.43 -1.32
CA VAL F 255 35.93 39.28 -1.55
C VAL F 255 36.48 38.06 -0.78
N VAL F 256 37.74 37.71 -0.98
CA VAL F 256 38.31 36.56 -0.30
C VAL F 256 38.12 36.64 1.19
N HIS F 257 38.43 37.79 1.77
CA HIS F 257 38.30 37.98 3.24
C HIS F 257 36.84 37.91 3.74
N LEU F 258 35.95 38.49 2.93
CA LEU F 258 34.53 38.50 3.18
C LEU F 258 34.02 37.03 3.33
N TYR F 259 34.17 36.21 2.29
CA TYR F 259 33.71 34.84 2.34
C TYR F 259 34.37 34.00 3.38
N THR F 260 35.69 34.11 3.54
CA THR F 260 36.30 33.27 4.56
C THR F 260 35.90 33.74 5.95
N ASP F 261 35.79 35.04 6.13
CA ASP F 261 35.42 35.49 7.45
C ASP F 261 33.93 35.28 7.75
N ASP F 262 33.10 35.22 6.72
CA ASP F 262 31.66 35.00 6.90
C ASP F 262 31.38 33.58 7.42
N VAL F 263 32.33 32.67 7.19
CA VAL F 263 32.24 31.28 7.59
C VAL F 263 32.77 31.13 8.97
N LEU F 264 33.96 31.66 9.21
CA LEU F 264 34.62 31.56 10.54
C LEU F 264 33.82 32.22 11.64
N VAL F 265 33.29 33.38 11.30
CA VAL F 265 32.55 34.17 12.22
C VAL F 265 31.03 33.85 12.32
N ARG F 266 30.34 33.67 11.18
CA ARG F 266 28.91 33.41 11.26
C ARG F 266 28.41 32.00 11.12
N LEU F 267 29.16 31.11 10.46
CA LEU F 267 28.70 29.74 10.31
C LEU F 267 29.34 28.75 11.22
N LEU F 268 30.67 28.72 11.20
CA LEU F 268 31.42 27.77 12.03
C LEU F 268 31.20 27.84 13.54
N PRO F 269 31.18 29.04 14.11
CA PRO F 269 30.98 29.23 15.55
C PRO F 269 29.93 28.31 16.16
N ARG F 270 28.80 28.16 15.47
CA ARG F 270 27.67 27.29 15.89
C ARG F 270 28.05 25.81 16.11
N HIS F 271 28.78 25.24 15.17
CA HIS F 271 29.16 23.83 15.24
C HIS F 271 30.42 23.56 15.96
N LEU F 272 31.19 24.58 16.25
CA LEU F 272 32.44 24.31 16.95
C LEU F 272 32.05 24.07 18.38
N GLY F 273 31.18 24.96 18.87
CA GLY F 273 30.72 24.91 20.24
C GLY F 273 29.86 23.75 20.70
N GLU F 274 29.50 22.85 19.79
CA GLU F 274 28.67 21.67 20.14
C GLU F 274 29.43 20.34 19.89
N ALA F 275 30.48 20.39 19.05
CA ALA F 275 31.29 19.22 18.70
C ALA F 275 32.49 19.07 19.63
N GLY F 276 32.78 17.85 20.05
CA GLY F 276 33.93 17.74 20.93
C GLY F 276 34.39 16.38 21.41
N ALA F 277 34.63 15.45 20.50
CA ALA F 277 35.11 14.10 20.87
C ALA F 277 36.52 14.21 21.48
N GLY F 278 37.39 13.26 21.16
CA GLY F 278 38.73 13.28 21.73
C GLY F 278 39.85 14.07 21.06
N ALA F 279 39.73 15.40 21.00
CA ALA F 279 40.78 16.24 20.38
C ALA F 279 42.01 16.15 21.31
N MET F 280 42.98 17.06 21.18
CA MET F 280 44.16 16.99 22.07
C MET F 280 43.64 16.97 23.52
N ALA F 281 42.31 17.12 23.63
CA ALA F 281 41.53 17.15 24.88
C ALA F 281 41.91 16.26 26.07
N THR F 282 42.85 16.75 26.89
CA THR F 282 43.28 16.11 28.14
C THR F 282 43.57 17.23 29.15
N VAL F 283 43.10 17.06 30.37
CA VAL F 283 43.36 18.09 31.35
C VAL F 283 44.59 17.65 32.09
N LYS F 284 45.53 18.57 32.24
CA LYS F 284 46.75 18.24 32.97
C LYS F 284 46.73 18.96 34.33
N PHE F 285 46.88 18.19 35.40
CA PHE F 285 46.89 18.74 36.76
C PHE F 285 47.78 17.94 37.74
N LYS F 286 47.94 18.44 38.95
CA LYS F 286 48.76 17.75 39.95
C LYS F 286 47.84 17.42 41.12
N TYR F 287 47.46 16.15 41.25
CA TYR F 287 46.54 15.74 42.32
C TYR F 287 47.08 14.83 43.42
N LYS F 288 47.15 15.35 44.65
CA LYS F 288 47.65 14.63 45.83
C LYS F 288 49.14 14.27 45.68
N GLY F 289 49.94 15.24 45.26
CA GLY F 289 51.36 15.04 45.06
C GLY F 289 51.66 14.33 43.73
N GLU F 290 50.61 14.06 42.95
CA GLU F 290 50.75 13.37 41.67
C GLU F 290 50.90 14.22 40.41
N GLU F 291 50.78 13.52 39.29
CA GLU F 291 50.83 14.05 37.93
C GLU F 291 49.71 13.31 37.24
N LYS F 292 48.66 14.02 36.86
CA LYS F 292 47.56 13.34 36.22
C LYS F 292 47.20 13.99 34.90
N GLU F 293 46.49 13.25 34.06
CA GLU F 293 46.04 13.76 32.78
C GLU F 293 44.84 12.90 32.38
N VAL F 294 43.67 13.52 32.27
CA VAL F 294 42.47 12.77 31.91
C VAL F 294 41.91 13.34 30.61
N ASP F 295 41.01 12.59 29.98
CA ASP F 295 40.38 13.02 28.72
C ASP F 295 39.06 13.67 28.99
N ILE F 296 38.82 14.82 28.35
CA ILE F 296 37.58 15.55 28.52
C ILE F 296 36.36 14.62 28.36
N SER F 297 36.62 13.39 27.88
CA SER F 297 35.58 12.37 27.65
C SER F 297 35.18 11.63 28.93
N LYS F 298 36.06 11.72 29.93
CA LYS F 298 35.86 11.08 31.25
C LYS F 298 35.26 12.08 32.25
N ILE F 299 35.70 13.33 32.16
CA ILE F 299 35.22 14.41 33.03
C ILE F 299 33.70 14.44 33.15
N LYS F 300 33.21 14.22 34.37
CA LYS F 300 31.80 14.23 34.68
C LYS F 300 31.31 15.62 35.05
N LYS F 301 31.53 16.03 36.30
CA LYS F 301 31.07 17.36 36.69
C LYS F 301 32.21 18.38 36.64
N VAL F 302 31.87 19.63 36.32
CA VAL F 302 32.83 20.71 36.26
C VAL F 302 32.13 22.06 36.55
N TRP F 303 32.71 22.84 37.47
CA TRP F 303 32.16 24.16 37.86
C TRP F 303 33.32 25.14 38.09
N ARG F 304 32.97 26.40 38.30
CA ARG F 304 34.01 27.38 38.51
C ARG F 304 33.93 28.05 39.86
N VAL F 305 35.13 28.29 40.40
CA VAL F 305 35.33 28.96 41.68
C VAL F 305 36.43 29.99 41.40
N GLY F 306 36.00 31.24 41.21
CA GLY F 306 36.91 32.33 40.96
C GLY F 306 37.52 32.14 39.59
N LYS F 307 38.83 32.02 39.52
CA LYS F 307 39.51 31.77 38.24
C LYS F 307 40.04 30.33 38.20
N MET F 308 39.49 29.46 39.05
CA MET F 308 39.86 28.04 39.10
C MET F 308 38.70 27.17 38.49
N ILE F 309 39.05 26.06 37.87
CA ILE F 309 38.03 25.18 37.28
C ILE F 309 38.13 23.88 38.00
N SER F 310 37.14 23.59 38.81
CA SER F 310 37.14 22.35 39.56
C SER F 310 36.27 21.35 38.81
N PHE F 311 36.70 20.08 38.84
CA PHE F 311 36.01 18.98 38.15
C PHE F 311 36.20 17.60 38.81
N THR F 312 35.24 16.74 38.52
CA THR F 312 35.24 15.35 39.00
C THR F 312 35.25 14.56 37.70
N TYR F 313 35.86 13.38 37.70
CA TYR F 313 35.93 12.55 36.50
C TYR F 313 35.85 11.05 36.81
N ASP F 314 35.82 10.23 35.75
CA ASP F 314 35.77 8.79 35.92
C ASP F 314 37.16 8.24 35.74
N GLU F 315 37.73 7.81 36.86
CA GLU F 315 39.09 7.30 36.92
C GLU F 315 39.19 5.78 36.72
N GLY F 316 38.09 5.12 36.39
CA GLY F 316 38.13 3.69 36.19
C GLY F 316 37.25 2.95 37.16
N GLY F 317 36.32 2.14 36.63
CA GLY F 317 35.38 1.42 37.46
C GLY F 317 34.44 2.51 37.92
N GLY F 318 34.02 2.47 39.19
CA GLY F 318 33.15 3.50 39.72
C GLY F 318 33.90 4.60 40.47
N LYS F 319 35.23 4.54 40.41
CA LYS F 319 36.13 5.48 41.08
C LYS F 319 36.09 6.91 40.51
N THR F 320 35.50 7.82 41.29
CA THR F 320 35.34 9.24 40.91
C THR F 320 36.53 10.09 41.39
N GLY F 321 37.32 10.55 40.43
CA GLY F 321 38.48 11.38 40.74
C GLY F 321 38.25 12.87 40.62
N ARG F 322 39.02 13.66 41.36
CA ARG F 322 38.84 15.11 41.33
C ARG F 322 40.06 15.84 40.88
N GLY F 323 39.89 17.13 40.59
CA GLY F 323 40.99 17.96 40.16
C GLY F 323 40.55 19.41 39.98
N ALA F 324 41.52 20.31 39.95
CA ALA F 324 41.21 21.73 39.77
C ALA F 324 42.42 22.41 39.12
N VAL F 325 42.17 23.18 38.06
CA VAL F 325 43.21 23.92 37.35
C VAL F 325 42.82 25.39 37.15
N SER F 326 43.82 26.20 36.87
CA SER F 326 43.59 27.63 36.62
C SER F 326 42.74 27.57 35.35
N GLU F 327 41.99 28.61 35.03
CA GLU F 327 41.21 28.52 33.81
C GLU F 327 42.19 28.66 32.67
N LYS F 328 43.39 29.14 32.99
CA LYS F 328 44.47 29.33 32.03
C LYS F 328 45.13 28.02 31.60
N ASP F 329 44.95 26.98 32.40
CA ASP F 329 45.55 25.68 32.11
C ASP F 329 44.46 24.67 31.73
N ALA F 330 43.29 25.18 31.39
CA ALA F 330 42.18 24.31 31.02
C ALA F 330 41.96 24.31 29.50
N PRO F 331 41.65 23.14 28.92
CA PRO F 331 41.41 23.01 27.48
C PRO F 331 40.09 23.69 27.17
N LYS F 332 39.92 24.05 25.90
CA LYS F 332 38.68 24.69 25.44
C LYS F 332 37.52 23.69 25.62
N GLU F 333 37.83 22.40 25.50
CA GLU F 333 36.85 21.32 25.65
C GLU F 333 36.33 21.30 27.06
N LEU F 334 37.25 21.50 28.02
CA LEU F 334 36.90 21.54 29.44
C LEU F 334 36.11 22.81 29.73
N LEU F 335 36.63 23.96 29.28
CA LEU F 335 35.99 25.26 29.49
C LEU F 335 34.59 25.37 28.88
N GLN F 336 34.27 24.48 27.96
CA GLN F 336 32.96 24.52 27.34
C GLN F 336 31.92 23.73 28.12
N MET F 337 32.36 22.67 28.80
CA MET F 337 31.44 21.87 29.62
C MET F 337 30.88 22.78 30.71
N LEU F 338 31.66 23.81 31.08
CA LEU F 338 31.25 24.77 32.09
C LEU F 338 29.98 25.52 31.65
N GLU F 339 29.91 25.87 30.38
CA GLU F 339 28.74 26.58 29.83
C GLU F 339 27.56 25.65 29.58
N LYS F 340 27.84 24.36 29.38
CA LYS F 340 26.79 23.35 29.15
C LYS F 340 26.15 23.02 30.50
N GLN F 341 26.89 23.31 31.58
CA GLN F 341 26.42 23.05 32.96
C GLN F 341 25.95 24.32 33.73
N LYS F 342 26.74 25.40 33.73
CA LYS F 342 26.38 26.62 34.47
C LYS F 342 25.66 27.68 33.61
N ASP G 12 -40.33 10.38 34.37
CA ASP G 12 -40.81 9.69 35.60
C ASP G 12 -39.67 9.29 36.53
N ASP G 13 -39.97 9.25 37.82
CA ASP G 13 -38.87 8.95 38.67
C ASP G 13 -38.59 7.47 39.01
N LYS G 14 -39.73 6.65 39.01
CA LYS G 14 -40.13 5.20 39.15
C LYS G 14 -39.46 4.37 38.04
N MET G 15 -39.60 4.90 36.82
CA MET G 15 -39.05 4.34 35.60
C MET G 15 -37.55 4.47 35.68
N LEU G 16 -37.08 5.71 35.77
CA LEU G 16 -35.65 5.97 35.83
C LEU G 16 -34.92 5.14 36.85
N ALA G 17 -35.55 4.81 37.96
CA ALA G 17 -34.88 4.03 38.96
C ALA G 17 -34.87 2.60 38.51
N ALA G 18 -35.94 2.18 37.85
CA ALA G 18 -36.03 0.80 37.35
C ALA G 18 -34.87 0.62 36.33
N GLU G 19 -34.72 1.58 35.43
CA GLU G 19 -33.67 1.55 34.44
C GLU G 19 -32.29 1.56 35.11
N ALA G 20 -32.25 2.14 36.30
CA ALA G 20 -31.02 2.23 37.01
C ALA G 20 -30.74 0.90 37.67
N ALA G 21 -31.80 0.23 38.09
CA ALA G 21 -31.67 -1.08 38.72
C ALA G 21 -31.25 -2.09 37.64
N ASN G 22 -31.91 -2.03 36.50
CA ASN G 22 -31.52 -2.94 35.47
C ASN G 22 -30.05 -2.71 35.07
N ARG G 23 -29.67 -1.45 34.84
CA ARG G 23 -28.30 -1.16 34.48
C ARG G 23 -27.30 -1.68 35.51
N ASP G 24 -27.69 -1.67 36.78
CA ASP G 24 -26.74 -2.15 37.76
C ASP G 24 -26.61 -3.67 37.75
N HIS G 25 -27.74 -4.35 37.53
CA HIS G 25 -27.73 -5.79 37.48
C HIS G 25 -26.92 -6.18 36.28
N VAL G 26 -27.20 -5.58 35.12
CA VAL G 26 -26.47 -5.92 33.92
C VAL G 26 -24.98 -5.63 33.97
N THR G 27 -24.61 -4.41 34.29
CA THR G 27 -23.19 -4.08 34.35
C THR G 27 -22.45 -4.90 35.38
N ARG G 28 -23.14 -5.30 36.44
CA ARG G 28 -22.46 -6.06 37.48
C ARG G 28 -22.08 -7.41 36.90
N CYS G 29 -23.06 -7.95 36.21
CA CYS G 29 -22.94 -9.20 35.56
C CYS G 29 -21.79 -9.18 34.55
N VAL G 30 -21.70 -8.10 33.78
CA VAL G 30 -20.67 -7.92 32.76
C VAL G 30 -19.31 -7.93 33.45
N ALA G 31 -19.23 -7.23 34.58
CA ALA G 31 -18.00 -7.13 35.35
C ALA G 31 -17.47 -8.46 35.93
N GLN G 32 -18.36 -9.29 36.43
CA GLN G 32 -17.92 -10.55 36.98
C GLN G 32 -17.47 -11.50 35.92
N THR G 33 -17.82 -11.25 34.67
CA THR G 33 -17.37 -12.15 33.60
C THR G 33 -15.99 -11.74 33.05
N GLY G 34 -15.52 -10.55 33.41
CA GLY G 34 -14.22 -10.14 32.95
C GLY G 34 -14.26 -9.12 31.86
N GLY G 35 -15.42 -8.51 31.68
CA GLY G 35 -15.61 -7.52 30.64
C GLY G 35 -14.86 -6.28 30.98
N SER G 36 -14.34 -5.63 29.95
CA SER G 36 -13.56 -4.42 30.07
C SER G 36 -14.35 -3.17 30.40
N PRO G 37 -13.63 -2.09 30.80
CA PRO G 37 -14.29 -0.83 31.11
C PRO G 37 -15.09 -0.38 29.91
N ASP G 38 -14.59 -0.63 28.69
CA ASP G 38 -15.30 -0.23 27.47
C ASP G 38 -16.62 -1.04 27.37
N LEU G 39 -16.55 -2.34 27.53
CA LEU G 39 -17.78 -3.11 27.45
C LEU G 39 -18.75 -2.76 28.59
N VAL G 40 -18.25 -2.46 29.79
CA VAL G 40 -19.19 -2.09 30.85
C VAL G 40 -19.90 -0.76 30.50
N ALA G 41 -19.17 0.23 30.00
CA ALA G 41 -19.75 1.50 29.61
C ALA G 41 -20.68 1.28 28.44
N HIS G 42 -20.37 0.31 27.60
CA HIS G 42 -21.25 0.08 26.46
C HIS G 42 -22.59 -0.43 26.94
N THR G 43 -22.58 -1.49 27.74
CA THR G 43 -23.82 -2.04 28.14
C THR G 43 -24.57 -1.00 28.89
N ALA G 44 -23.88 -0.22 29.70
CA ALA G 44 -24.56 0.81 30.48
C ALA G 44 -25.25 1.93 29.65
N ALA G 45 -24.70 2.25 28.49
CA ALA G 45 -25.26 3.31 27.70
C ALA G 45 -26.40 2.86 26.88
N LEU G 46 -26.84 1.60 27.06
CA LEU G 46 -27.97 1.00 26.30
C LEU G 46 -29.28 1.32 27.00
N ARG G 47 -29.53 2.61 27.20
CA ARG G 47 -30.68 3.07 27.97
C ARG G 47 -32.00 2.49 27.62
N LEU G 48 -32.35 2.53 26.34
CA LEU G 48 -33.65 1.99 25.99
C LEU G 48 -33.78 0.48 26.19
N TYR G 49 -32.69 -0.26 26.06
CA TYR G 49 -32.80 -1.69 26.25
C TYR G 49 -32.93 -1.98 27.75
N LEU G 50 -32.26 -1.17 28.54
CA LEU G 50 -32.27 -1.32 29.94
C LEU G 50 -33.60 -0.90 30.51
N ARG G 51 -34.31 -0.07 29.78
CA ARG G 51 -35.55 0.44 30.30
C ARG G 51 -36.84 -0.19 29.76
N VAL G 52 -36.76 -0.71 28.57
CA VAL G 52 -37.93 -1.28 27.97
C VAL G 52 -38.64 -2.37 28.85
N PRO G 53 -37.84 -3.14 29.61
CA PRO G 53 -38.42 -4.18 30.48
C PRO G 53 -39.30 -3.58 31.58
N HIS G 54 -39.14 -2.29 31.87
CA HIS G 54 -40.00 -1.61 32.87
C HIS G 54 -41.41 -1.56 32.33
N PHE G 55 -41.52 -1.12 31.08
CA PHE G 55 -42.82 -1.03 30.41
C PHE G 55 -43.43 -2.42 30.19
N LEU G 56 -42.62 -3.43 29.90
CA LEU G 56 -43.15 -4.78 29.70
C LEU G 56 -43.66 -5.45 30.96
N THR G 57 -43.20 -5.01 32.12
CA THR G 57 -43.67 -5.63 33.34
C THR G 57 -44.71 -4.84 34.12
N GLU G 58 -45.34 -3.84 33.50
CA GLU G 58 -46.35 -2.99 34.14
C GLU G 58 -47.58 -3.75 34.69
N TRP G 59 -47.87 -4.92 34.10
CA TRP G 59 -48.98 -5.78 34.51
C TRP G 59 -48.61 -6.60 35.76
N THR G 60 -47.35 -6.54 36.17
CA THR G 60 -46.96 -7.28 37.35
C THR G 60 -47.15 -6.43 38.59
N THR G 61 -48.16 -6.81 39.37
CA THR G 61 -48.53 -6.11 40.57
C THR G 61 -47.53 -6.12 41.74
N ASP G 62 -47.02 -7.31 42.11
CA ASP G 62 -46.08 -7.41 43.22
C ASP G 62 -44.75 -6.78 42.92
N PRO G 63 -44.48 -5.62 43.51
CA PRO G 63 -43.21 -4.92 43.29
C PRO G 63 -41.95 -5.78 43.22
N ASP G 64 -41.89 -6.85 44.01
CA ASP G 64 -40.70 -7.69 44.01
C ASP G 64 -40.50 -8.67 42.87
N ARG G 65 -41.60 -9.22 42.38
CA ARG G 65 -41.54 -10.10 41.25
C ARG G 65 -41.28 -9.12 40.07
N ARG G 66 -41.94 -7.97 40.13
CA ARG G 66 -41.81 -6.91 39.13
C ARG G 66 -40.33 -6.59 38.88
N ALA G 67 -39.59 -6.21 39.93
CA ALA G 67 -38.20 -5.88 39.73
C ALA G 67 -37.43 -7.10 39.25
N ALA G 68 -37.75 -8.28 39.76
CA ALA G 68 -37.04 -9.46 39.37
C ALA G 68 -37.19 -9.82 37.92
N VAL G 69 -38.38 -9.72 37.35
CA VAL G 69 -38.57 -10.07 35.95
C VAL G 69 -37.96 -9.01 35.02
N SER G 70 -37.95 -7.78 35.52
CA SER G 70 -37.47 -6.60 34.83
C SER G 70 -35.98 -6.73 34.60
N ARG G 71 -35.27 -7.25 35.56
CA ARG G 71 -33.87 -7.28 35.30
C ARG G 71 -33.48 -8.56 34.64
N ALA G 72 -34.34 -9.57 34.66
CA ALA G 72 -33.93 -10.80 34.04
C ALA G 72 -34.03 -10.50 32.59
N LEU G 73 -35.13 -9.85 32.24
CA LEU G 73 -35.38 -9.49 30.86
C LEU G 73 -34.28 -8.55 30.35
N ALA G 74 -33.86 -7.57 31.14
CA ALA G 74 -32.80 -6.63 30.74
C ALA G 74 -31.49 -7.37 30.40
N LEU G 75 -31.25 -8.50 31.07
CA LEU G 75 -30.09 -9.34 30.83
C LEU G 75 -30.21 -9.99 29.46
N ASP G 76 -31.31 -10.65 29.11
CA ASP G 76 -31.33 -11.27 27.82
C ASP G 76 -31.37 -10.28 26.65
N ILE G 77 -32.04 -9.15 26.83
CA ILE G 77 -32.16 -8.11 25.83
C ILE G 77 -30.78 -7.50 25.56
N VAL G 78 -30.06 -7.12 26.58
CA VAL G 78 -28.71 -6.60 26.41
C VAL G 78 -27.86 -7.73 25.75
N SER G 79 -28.07 -8.97 26.12
CA SER G 79 -27.30 -10.03 25.52
C SER G 79 -27.53 -10.14 24.01
N MET G 80 -28.76 -10.06 23.57
CA MET G 80 -29.02 -10.18 22.14
C MET G 80 -28.48 -8.94 21.41
N LYS G 81 -28.42 -7.83 22.13
CA LYS G 81 -27.90 -6.61 21.55
C LYS G 81 -26.38 -6.84 21.37
N LEU G 82 -25.78 -7.56 22.30
CA LEU G 82 -24.39 -7.84 22.22
C LEU G 82 -24.14 -8.79 21.05
N LEU G 83 -25.07 -9.71 20.81
CA LEU G 83 -24.94 -10.65 19.72
C LEU G 83 -25.07 -9.89 18.40
N ASP G 84 -25.86 -8.82 18.42
CA ASP G 84 -26.04 -8.01 17.21
C ASP G 84 -24.76 -7.22 16.98
N ASP G 85 -24.10 -6.74 18.03
CA ASP G 85 -22.86 -5.98 17.80
C ASP G 85 -21.81 -6.88 17.21
N LEU G 86 -21.83 -8.09 17.75
CA LEU G 86 -20.94 -9.15 17.37
C LEU G 86 -21.12 -9.45 15.90
N MET G 87 -22.34 -9.39 15.36
CA MET G 87 -22.41 -9.69 13.95
C MET G 87 -22.04 -8.52 13.05
N ASP G 88 -22.16 -7.31 13.56
CA ASP G 88 -21.80 -6.13 12.78
C ASP G 88 -20.29 -5.85 12.88
N ASP G 89 -19.71 -6.25 14.01
CA ASP G 89 -18.28 -6.12 14.26
C ASP G 89 -17.78 -4.71 14.01
N ASP G 90 -18.58 -3.71 14.35
CA ASP G 90 -18.22 -2.33 14.10
C ASP G 90 -18.29 -1.50 15.38
N THR G 91 -18.16 -2.17 16.50
CA THR G 91 -18.25 -1.49 17.78
C THR G 91 -16.96 -1.07 18.40
N GLY G 92 -15.85 -1.57 17.89
CA GLY G 92 -14.57 -1.25 18.50
C GLY G 92 -14.37 -2.04 19.79
N LEU G 93 -15.20 -3.05 20.01
CA LEU G 93 -15.07 -3.84 21.20
C LEU G 93 -14.34 -5.11 20.78
N ASP G 94 -13.74 -5.82 21.74
CA ASP G 94 -13.03 -7.06 21.41
C ASP G 94 -14.07 -8.11 21.08
N ARG G 95 -14.03 -8.67 19.89
CA ARG G 95 -14.96 -9.71 19.56
C ARG G 95 -15.06 -10.76 20.65
N VAL G 96 -13.95 -11.10 21.34
CA VAL G 96 -13.96 -12.12 22.37
C VAL G 96 -14.84 -11.79 23.56
N GLU G 97 -14.55 -10.66 24.20
CA GLU G 97 -15.35 -10.09 25.30
C GLU G 97 -16.82 -10.15 24.88
N LEU G 98 -17.16 -9.56 23.74
CA LEU G 98 -18.52 -9.58 23.29
C LEU G 98 -19.19 -10.97 23.26
N ALA G 99 -18.57 -11.92 22.58
CA ALA G 99 -19.17 -13.23 22.47
C ALA G 99 -19.25 -13.87 23.83
N CYS G 100 -18.20 -13.76 24.61
CA CYS G 100 -18.25 -14.36 25.93
C CYS G 100 -19.24 -13.71 26.92
N VAL G 101 -19.25 -12.37 26.98
CA VAL G 101 -20.20 -11.74 27.86
C VAL G 101 -21.62 -11.98 27.33
N CYS G 102 -21.80 -11.95 26.03
CA CYS G 102 -23.08 -12.27 25.44
C CYS G 102 -23.64 -13.53 26.10
N LEU G 103 -23.05 -14.68 25.80
CA LEU G 103 -23.48 -15.96 26.37
C LEU G 103 -23.67 -15.94 27.90
N ARG G 104 -22.77 -15.29 28.63
CA ARG G 104 -22.91 -15.27 30.07
C ARG G 104 -24.19 -14.53 30.51
N LEU G 105 -24.46 -13.35 29.94
CA LEU G 105 -25.64 -12.61 30.30
C LEU G 105 -26.90 -13.42 29.94
N HIS G 106 -26.84 -14.10 28.80
CA HIS G 106 -27.94 -14.91 28.30
C HIS G 106 -28.23 -16.08 29.21
N LEU G 107 -27.17 -16.79 29.62
CA LEU G 107 -27.35 -17.94 30.48
C LEU G 107 -27.91 -17.49 31.86
N ARG G 108 -27.51 -16.30 32.32
CA ARG G 108 -28.02 -15.83 33.57
C ARG G 108 -29.50 -15.46 33.38
N ALA G 109 -29.84 -14.92 32.23
CA ALA G 109 -31.20 -14.55 32.00
C ALA G 109 -32.10 -15.78 32.04
N LEU G 110 -31.62 -16.89 31.46
CA LEU G 110 -32.42 -18.10 31.44
C LEU G 110 -32.67 -18.57 32.84
N HIS G 111 -31.62 -18.62 33.67
CA HIS G 111 -31.74 -19.08 35.03
C HIS G 111 -32.72 -18.20 35.79
N GLU G 112 -32.57 -16.88 35.69
CA GLU G 112 -33.43 -15.95 36.39
C GLU G 112 -34.89 -16.03 35.91
N LEU G 113 -35.10 -16.14 34.61
CA LEU G 113 -36.46 -16.25 34.11
C LEU G 113 -37.15 -17.56 34.47
N GLU G 114 -36.45 -18.68 34.38
CA GLU G 114 -37.10 -19.96 34.66
C GLU G 114 -37.42 -20.08 36.12
N SER G 115 -36.69 -19.33 36.92
CA SER G 115 -36.92 -19.42 38.35
C SER G 115 -37.96 -18.37 38.76
N LEU G 116 -38.74 -17.88 37.80
CA LEU G 116 -39.76 -16.88 38.07
C LEU G 116 -41.02 -17.31 37.34
N ALA G 117 -40.87 -18.16 36.33
CA ALA G 117 -42.02 -18.60 35.60
C ALA G 117 -42.84 -19.57 36.44
N ARG G 118 -44.16 -19.43 36.40
CA ARG G 118 -45.06 -20.34 37.11
C ARG G 118 -44.66 -21.69 36.60
N ASP G 119 -44.36 -21.80 35.30
CA ASP G 119 -43.95 -23.06 34.70
C ASP G 119 -42.65 -22.86 33.95
N PRO G 120 -41.56 -23.49 34.39
CA PRO G 120 -40.33 -23.23 33.62
C PRO G 120 -40.28 -23.53 32.12
N LYS G 121 -40.88 -24.65 31.70
CA LYS G 121 -40.87 -24.99 30.29
C LYS G 121 -41.36 -23.86 29.38
N ALA G 122 -42.18 -22.97 29.92
CA ALA G 122 -42.69 -21.82 29.17
C ALA G 122 -41.59 -20.96 28.53
N VAL G 123 -40.52 -20.73 29.29
CA VAL G 123 -39.45 -19.90 28.79
C VAL G 123 -38.89 -20.50 27.51
N THR G 124 -38.43 -21.75 27.51
CA THR G 124 -37.88 -22.26 26.24
C THR G 124 -39.00 -22.46 25.20
N ASP G 125 -40.21 -22.62 25.67
CA ASP G 125 -41.33 -22.78 24.77
C ASP G 125 -41.41 -21.44 24.01
N ILE G 126 -41.39 -20.33 24.72
CA ILE G 126 -41.51 -19.04 24.05
C ILE G 126 -40.34 -18.78 23.11
N LEU G 127 -39.13 -19.08 23.59
CA LEU G 127 -37.91 -18.75 22.84
C LEU G 127 -37.73 -19.46 21.56
N GLU G 128 -38.27 -20.67 21.50
CA GLU G 128 -38.15 -21.53 20.34
C GLU G 128 -39.34 -21.37 19.42
N GLN G 129 -40.43 -20.92 20.00
CA GLN G 129 -41.65 -20.84 19.28
C GLN G 129 -41.57 -20.00 18.03
N ASP G 130 -40.85 -18.92 18.07
CA ASP G 130 -40.70 -18.06 16.89
C ASP G 130 -39.19 -17.91 16.50
N ALA G 131 -38.35 -18.84 16.94
CA ALA G 131 -36.89 -18.79 16.68
C ALA G 131 -36.51 -18.77 15.19
N VAL G 132 -37.05 -19.70 14.41
CA VAL G 132 -36.75 -19.67 13.01
C VAL G 132 -37.18 -18.34 12.49
N HIS G 133 -38.37 -17.86 12.83
CA HIS G 133 -38.84 -16.54 12.32
C HIS G 133 -37.93 -15.34 12.67
N LEU G 134 -37.46 -15.29 13.91
CA LEU G 134 -36.58 -14.21 14.34
C LEU G 134 -35.16 -14.30 13.80
N CYS G 135 -34.59 -15.49 13.88
CA CYS G 135 -33.23 -15.73 13.45
C CYS G 135 -33.09 -15.69 11.95
N GLY G 136 -33.97 -16.41 11.24
CA GLY G 136 -33.94 -16.42 9.79
C GLY G 136 -34.25 -15.02 9.27
N GLY G 137 -35.18 -14.32 9.94
CA GLY G 137 -35.54 -12.98 9.56
C GLY G 137 -34.41 -11.97 9.70
N GLN G 138 -33.71 -12.02 10.83
CA GLN G 138 -32.59 -11.13 11.06
C GLN G 138 -31.57 -11.31 9.93
N ILE G 139 -31.36 -12.53 9.44
CA ILE G 139 -30.44 -12.70 8.31
C ILE G 139 -30.92 -11.88 7.11
N ARG G 140 -32.16 -12.05 6.67
CA ARG G 140 -32.71 -11.26 5.56
C ARG G 140 -32.60 -9.74 5.78
N THR G 141 -32.96 -9.28 6.99
CA THR G 141 -32.91 -7.89 7.42
C THR G 141 -31.51 -7.31 7.19
N LYS G 142 -30.53 -7.91 7.87
CA LYS G 142 -29.17 -7.43 7.79
C LYS G 142 -28.58 -7.52 6.39
N ARG G 143 -29.22 -8.23 5.48
CA ARG G 143 -28.60 -8.38 4.15
C ARG G 143 -29.43 -7.91 2.95
N SER G 144 -30.61 -7.36 3.23
CA SER G 144 -31.51 -6.80 2.23
C SER G 144 -31.68 -5.35 2.55
N ARG G 145 -32.34 -4.63 1.66
CA ARG G 145 -32.53 -3.21 1.87
C ARG G 145 -33.95 -2.89 1.52
N ALA G 146 -34.57 -2.12 2.40
CA ALA G 146 -35.95 -1.67 2.24
C ALA G 146 -36.08 -0.51 1.23
N THR G 147 -36.98 -0.67 0.27
CA THR G 147 -37.16 0.36 -0.74
C THR G 147 -38.45 1.16 -0.62
N ASN G 148 -39.39 0.61 0.11
CA ASN G 148 -40.67 1.29 0.32
C ASN G 148 -41.21 1.01 1.73
N LEU G 149 -42.39 1.50 2.04
CA LEU G 149 -42.89 1.27 3.37
C LEU G 149 -43.30 -0.16 3.63
N ARG G 150 -43.80 -0.87 2.63
CA ARG G 150 -44.17 -2.28 2.86
C ARG G 150 -42.93 -3.01 3.41
N GLU G 151 -41.83 -2.91 2.68
CA GLU G 151 -40.60 -3.54 3.07
C GLU G 151 -39.97 -2.95 4.29
N TRP G 152 -40.10 -1.64 4.49
CA TRP G 152 -39.49 -1.07 5.66
C TRP G 152 -40.18 -1.68 6.86
N ARG G 153 -41.48 -1.96 6.72
CA ARG G 153 -42.27 -2.54 7.80
C ARG G 153 -41.89 -3.99 8.04
N ALA G 154 -41.60 -4.68 6.95
CA ALA G 154 -41.20 -6.09 7.00
C ALA G 154 -39.90 -6.22 7.78
N HIS G 155 -38.94 -5.35 7.52
CA HIS G 155 -37.70 -5.45 8.26
C HIS G 155 -37.93 -5.16 9.72
N ALA G 156 -38.59 -4.04 10.03
CA ALA G 156 -38.83 -3.67 11.41
C ALA G 156 -39.74 -4.64 12.14
N SER G 157 -40.64 -5.34 11.43
CA SER G 157 -41.51 -6.27 12.14
C SER G 157 -40.68 -7.43 12.75
N THR G 158 -39.48 -7.69 12.20
CA THR G 158 -38.66 -8.73 12.79
C THR G 158 -37.59 -8.22 13.77
N TYR G 159 -36.70 -7.30 13.41
CA TYR G 159 -35.74 -6.92 14.45
C TYR G 159 -36.33 -6.06 15.54
N GLY G 160 -37.58 -5.62 15.40
CA GLY G 160 -38.18 -4.80 16.44
C GLY G 160 -39.43 -5.43 17.04
N SER G 161 -40.47 -5.54 16.24
CA SER G 161 -41.71 -6.11 16.74
C SER G 161 -41.51 -7.49 17.25
N THR G 162 -41.07 -8.40 16.36
CA THR G 162 -40.84 -9.78 16.77
C THR G 162 -39.82 -9.93 17.90
N PHE G 163 -38.68 -9.26 17.80
CA PHE G 163 -37.69 -9.37 18.86
C PHE G 163 -38.26 -8.89 20.23
N LEU G 164 -38.98 -7.78 20.29
CA LEU G 164 -39.48 -7.34 21.60
C LEU G 164 -40.77 -8.05 21.97
N GLY G 165 -41.46 -8.62 20.99
CA GLY G 165 -42.68 -9.37 21.28
C GLY G 165 -42.41 -10.59 22.18
N ARG G 166 -41.25 -11.22 22.00
CA ARG G 166 -40.86 -12.37 22.82
C ARG G 166 -40.67 -11.99 24.30
N TYR G 167 -40.08 -10.84 24.53
CA TYR G 167 -39.87 -10.42 25.89
C TYR G 167 -41.21 -10.06 26.47
N GLY G 168 -42.13 -9.67 25.62
CA GLY G 168 -43.45 -9.38 26.14
C GLY G 168 -44.03 -10.69 26.64
N ALA G 169 -43.94 -11.69 25.81
CA ALA G 169 -44.45 -13.00 26.13
C ALA G 169 -43.80 -13.58 27.37
N LEU G 170 -42.51 -13.32 27.58
CA LEU G 170 -41.83 -13.82 28.76
C LEU G 170 -42.20 -13.01 30.01
N ALA G 171 -42.59 -11.74 29.86
CA ALA G 171 -42.98 -10.90 31.01
C ALA G 171 -44.32 -11.43 31.57
N ALA G 172 -45.22 -11.84 30.68
CA ALA G 172 -46.52 -12.42 31.02
C ALA G 172 -46.31 -13.76 31.70
N ALA G 173 -45.42 -14.54 31.09
CA ALA G 173 -45.05 -15.85 31.63
C ALA G 173 -44.38 -15.86 33.01
N CYS G 174 -43.63 -14.83 33.37
CA CYS G 174 -42.95 -14.83 34.64
C CYS G 174 -43.60 -13.83 35.53
N GLY G 175 -44.69 -13.26 35.07
CA GLY G 175 -45.27 -12.20 35.88
C GLY G 175 -46.35 -12.54 36.84
N GLY G 176 -46.48 -13.83 37.13
CA GLY G 176 -47.54 -14.21 38.04
C GLY G 176 -48.86 -13.99 37.33
N GLU G 177 -49.89 -14.50 37.95
CA GLU G 177 -51.22 -14.40 37.41
C GLU G 177 -51.78 -13.03 37.16
N GLY G 178 -52.79 -13.04 36.30
CA GLY G 178 -53.50 -11.83 35.95
C GLY G 178 -52.70 -11.04 34.94
N GLN G 179 -52.34 -11.70 33.85
CA GLN G 179 -51.56 -11.03 32.84
C GLN G 179 -52.09 -11.49 31.49
N PRO G 180 -52.68 -10.56 30.67
CA PRO G 180 -53.16 -11.07 29.37
C PRO G 180 -52.02 -11.30 28.38
N ALA G 181 -51.39 -12.47 28.49
CA ALA G 181 -50.28 -12.88 27.65
C ALA G 181 -50.30 -12.29 26.25
N ASP G 182 -51.45 -12.38 25.59
CA ASP G 182 -51.58 -11.87 24.24
C ASP G 182 -51.44 -10.38 24.13
N SER G 183 -52.16 -9.71 25.01
CA SER G 183 -52.12 -8.27 25.01
C SER G 183 -50.74 -7.69 25.32
N VAL G 184 -50.00 -8.31 26.25
CA VAL G 184 -48.68 -7.82 26.63
C VAL G 184 -47.81 -7.87 25.41
N ARG G 185 -47.89 -8.97 24.67
CA ARG G 185 -47.14 -9.17 23.46
C ARG G 185 -47.58 -8.19 22.39
N GLU G 186 -48.89 -7.99 22.28
CA GLU G 186 -49.38 -7.03 21.31
C GLU G 186 -48.87 -5.65 21.71
N PHE G 187 -48.79 -5.36 22.98
CA PHE G 187 -48.27 -4.05 23.34
C PHE G 187 -46.82 -3.90 22.88
N ALA G 188 -46.02 -4.88 23.27
CA ALA G 188 -44.60 -4.91 22.96
C ALA G 188 -44.38 -4.87 21.45
N GLU G 189 -45.07 -5.71 20.68
CA GLU G 189 -44.88 -5.70 19.22
C GLU G 189 -45.13 -4.33 18.58
N ALA G 190 -46.21 -3.67 18.95
CA ALA G 190 -46.53 -2.33 18.46
C ALA G 190 -45.55 -1.26 18.99
N PHE G 191 -45.39 -1.16 20.30
CA PHE G 191 -44.47 -0.20 20.86
C PHE G 191 -43.02 -0.32 20.28
N ALA G 192 -42.55 -1.55 20.02
CA ALA G 192 -41.20 -1.77 19.48
C ALA G 192 -41.09 -1.03 18.18
N MET G 193 -42.04 -1.30 17.30
CA MET G 193 -42.04 -0.67 16.00
C MET G 193 -42.09 0.86 16.03
N THR G 194 -42.69 1.46 17.07
CA THR G 194 -42.75 2.91 17.22
C THR G 194 -41.31 3.33 17.52
N ILE G 195 -40.63 2.58 18.40
CA ILE G 195 -39.24 2.84 18.75
C ILE G 195 -38.35 2.84 17.48
N THR G 196 -38.61 1.89 16.61
CA THR G 196 -37.88 1.78 15.37
C THR G 196 -38.01 2.97 14.44
N MET G 197 -39.23 3.39 14.16
CA MET G 197 -39.40 4.53 13.29
C MET G 197 -38.70 5.71 13.95
N ALA G 198 -38.74 5.79 15.28
CA ALA G 198 -38.13 6.93 15.95
C ALA G 198 -36.64 6.94 15.77
N ASP G 199 -36.07 5.74 15.78
CA ASP G 199 -34.62 5.55 15.62
C ASP G 199 -34.19 6.04 14.23
N ASP G 200 -34.88 5.54 13.22
CA ASP G 200 -34.61 5.89 11.84
C ASP G 200 -34.66 7.40 11.65
N LEU G 201 -35.71 8.04 12.14
CA LEU G 201 -35.84 9.47 11.99
C LEU G 201 -34.75 10.27 12.74
N THR G 202 -34.09 9.61 13.68
CA THR G 202 -33.00 10.19 14.45
C THR G 202 -31.63 10.02 13.77
N ASP G 203 -31.32 8.76 13.44
CA ASP G 203 -30.06 8.40 12.80
C ASP G 203 -29.94 9.04 11.43
N TYR G 204 -31.03 9.42 10.79
CA TYR G 204 -30.86 10.04 9.50
C TYR G 204 -29.99 11.30 9.67
N ASP G 205 -30.17 12.01 10.77
CA ASP G 205 -29.42 13.22 11.04
C ASP G 205 -28.22 12.90 11.90
N ARG G 206 -28.40 11.99 12.87
CA ARG G 206 -27.31 11.64 13.78
C ARG G 206 -26.07 11.06 13.16
N ASN G 207 -26.23 10.21 12.15
CA ASN G 207 -25.05 9.68 11.51
C ASN G 207 -25.23 9.38 10.04
N GLY G 208 -26.10 10.17 9.43
CA GLY G 208 -26.35 10.07 8.01
C GLY G 208 -26.83 8.79 7.39
N GLU G 209 -27.49 7.95 8.16
CA GLU G 209 -28.01 6.71 7.62
C GLU G 209 -28.88 6.99 6.38
N ARG G 210 -28.70 6.23 5.30
CA ARG G 210 -29.50 6.46 4.12
C ARG G 210 -30.16 5.21 3.56
N ASP G 211 -29.38 4.21 3.19
CA ASP G 211 -29.97 2.99 2.64
C ASP G 211 -31.08 2.33 3.50
N GLY G 212 -32.33 2.34 3.02
CA GLY G 212 -33.38 1.69 3.79
C GLY G 212 -33.82 2.39 5.06
N ASN G 213 -33.39 3.64 5.24
CA ASN G 213 -33.73 4.47 6.40
C ASN G 213 -35.03 5.22 6.13
N LEU G 214 -35.99 5.10 7.05
CA LEU G 214 -37.30 5.73 6.90
C LEU G 214 -37.30 7.15 6.40
N ALA G 215 -36.58 8.03 7.10
CA ALA G 215 -36.48 9.44 6.70
C ALA G 215 -35.86 9.54 5.31
N HIS G 216 -34.88 8.71 5.00
CA HIS G 216 -34.33 8.77 3.69
C HIS G 216 -35.38 8.34 2.65
N LEU G 217 -36.14 7.25 2.91
CA LEU G 217 -37.19 6.83 1.97
C LEU G 217 -38.26 7.91 1.80
N MET G 218 -38.49 8.67 2.87
CA MET G 218 -39.43 9.78 2.85
C MET G 218 -38.87 10.87 1.93
N ARG G 219 -37.71 11.41 2.28
CA ARG G 219 -37.11 12.42 1.45
C ARG G 219 -37.06 11.99 -0.03
N THR G 220 -36.71 10.74 -0.29
CA THR G 220 -36.62 10.17 -1.62
C THR G 220 -37.91 10.09 -2.43
N GLY G 221 -39.06 10.13 -1.77
CA GLY G 221 -40.29 9.98 -2.53
C GLY G 221 -40.83 8.55 -2.54
N ALA G 222 -40.03 7.55 -2.11
CA ALA G 222 -40.48 6.16 -2.05
C ALA G 222 -41.52 5.90 -0.96
N VAL G 223 -41.62 6.80 0.01
CA VAL G 223 -42.55 6.60 1.10
C VAL G 223 -43.25 7.90 1.31
N ALA G 224 -44.58 7.84 1.36
CA ALA G 224 -45.37 9.06 1.51
C ALA G 224 -45.56 9.50 2.95
N GLY G 225 -45.37 10.79 3.18
CA GLY G 225 -45.54 11.29 4.53
C GLY G 225 -46.83 10.80 5.13
N GLN G 226 -47.92 11.06 4.46
CA GLN G 226 -49.18 10.63 5.01
C GLN G 226 -49.19 9.16 5.48
N ASP G 227 -48.50 8.27 4.76
CA ASP G 227 -48.53 6.87 5.14
C ASP G 227 -47.76 6.63 6.39
N VAL G 228 -46.70 7.44 6.59
CA VAL G 228 -45.87 7.35 7.79
C VAL G 228 -46.65 7.85 9.02
N VAL G 229 -47.38 8.93 8.80
CA VAL G 229 -48.21 9.48 9.85
C VAL G 229 -49.24 8.43 10.21
N ASP G 230 -49.81 7.80 9.21
CA ASP G 230 -50.79 6.74 9.46
C ASP G 230 -50.20 5.51 10.16
N LEU G 231 -48.99 5.14 9.76
CA LEU G 231 -48.32 4.03 10.38
C LEU G 231 -48.12 4.35 11.86
N LEU G 232 -47.66 5.55 12.17
CA LEU G 232 -47.52 5.89 13.58
C LEU G 232 -48.83 5.75 14.31
N GLU G 233 -49.89 6.36 13.78
CA GLU G 233 -51.21 6.29 14.40
C GLU G 233 -51.63 4.86 14.71
N GLU G 234 -51.52 3.98 13.69
CA GLU G 234 -51.89 2.60 13.87
C GLU G 234 -51.16 1.99 15.04
N LEU G 235 -49.89 2.30 15.13
CA LEU G 235 -49.11 1.74 16.20
C LEU G 235 -49.56 2.22 17.57
N ARG G 236 -49.84 3.50 17.70
CA ARG G 236 -50.26 4.05 18.96
C ARG G 236 -51.59 3.39 19.28
N GLY G 237 -52.37 3.11 18.23
CA GLY G 237 -53.66 2.51 18.44
C GLY G 237 -53.56 1.09 18.91
N ARG G 238 -52.69 0.32 18.26
CA ARG G 238 -52.54 -1.06 18.66
C ARG G 238 -52.02 -1.09 20.09
N ALA G 239 -51.25 -0.10 20.47
CA ALA G 239 -50.68 -0.14 21.79
C ALA G 239 -51.66 0.24 22.86
N LEU G 240 -52.46 1.24 22.55
CA LEU G 240 -53.42 1.73 23.53
C LEU G 240 -54.41 0.62 23.79
N ALA G 241 -54.90 -0.01 22.73
CA ALA G 241 -55.84 -1.12 22.87
C ALA G 241 -55.22 -2.26 23.74
N ALA G 242 -53.94 -2.55 23.55
CA ALA G 242 -53.36 -3.63 24.33
C ALA G 242 -53.30 -3.32 25.84
N VAL G 243 -53.02 -2.07 26.21
CA VAL G 243 -52.93 -1.76 27.62
C VAL G 243 -54.32 -1.49 28.20
N ALA G 244 -55.32 -1.55 27.33
CA ALA G 244 -56.73 -1.36 27.72
C ALA G 244 -57.39 -2.74 28.03
N ALA G 245 -56.96 -3.77 27.29
CA ALA G 245 -57.47 -5.13 27.49
C ALA G 245 -57.34 -5.52 28.97
N PRO G 246 -58.46 -5.99 29.54
CA PRO G 246 -58.68 -6.43 30.92
C PRO G 246 -57.71 -7.54 31.29
N PRO G 247 -57.14 -7.44 32.48
CA PRO G 247 -57.36 -6.39 33.47
C PRO G 247 -56.86 -5.02 33.12
N GLY G 248 -56.01 -4.88 32.11
CA GLY G 248 -55.51 -3.56 31.76
C GLY G 248 -54.29 -3.05 32.52
N ALA G 249 -53.45 -2.26 31.83
CA ALA G 249 -52.19 -1.67 32.36
C ALA G 249 -52.23 -0.17 32.03
N PRO G 250 -53.21 0.54 32.62
CA PRO G 250 -53.37 1.96 32.37
C PRO G 250 -52.13 2.82 32.60
N GLY G 251 -51.14 2.32 33.33
CA GLY G 251 -49.95 3.14 33.55
C GLY G 251 -49.08 3.26 32.28
N LEU G 252 -49.40 2.47 31.27
CA LEU G 252 -48.68 2.45 29.98
C LEU G 252 -49.14 3.55 28.99
N VAL G 253 -50.30 4.13 29.28
CA VAL G 253 -50.88 5.18 28.44
C VAL G 253 -49.95 6.37 28.32
N PRO G 254 -49.54 6.97 29.45
CA PRO G 254 -48.63 8.13 29.35
C PRO G 254 -47.34 7.72 28.62
N VAL G 255 -46.92 6.46 28.79
CA VAL G 255 -45.73 6.01 28.12
C VAL G 255 -45.97 6.05 26.63
N VAL G 256 -46.94 5.26 26.15
CA VAL G 256 -47.30 5.26 24.75
C VAL G 256 -47.42 6.64 24.13
N HIS G 257 -48.15 7.57 24.75
CA HIS G 257 -48.29 8.90 24.11
C HIS G 257 -47.04 9.65 24.07
N LEU G 258 -46.24 9.48 25.11
CA LEU G 258 -44.93 10.12 25.27
C LEU G 258 -43.95 9.73 24.14
N TYR G 259 -43.81 8.44 23.89
CA TYR G 259 -42.93 8.04 22.81
C TYR G 259 -43.53 8.44 21.46
N THR G 260 -44.84 8.32 21.29
CA THR G 260 -45.48 8.71 20.02
C THR G 260 -45.43 10.22 19.76
N ASP G 261 -45.63 11.01 20.80
CA ASP G 261 -45.62 12.49 20.72
C ASP G 261 -44.23 12.97 20.40
N ASP G 262 -43.25 12.22 20.85
CA ASP G 262 -41.89 12.60 20.57
C ASP G 262 -41.65 12.43 19.06
N VAL G 263 -42.09 11.34 18.47
CA VAL G 263 -41.90 11.26 17.05
C VAL G 263 -42.69 12.40 16.36
N LEU G 264 -43.92 12.59 16.83
CA LEU G 264 -44.82 13.62 16.27
C LEU G 264 -44.28 15.08 16.35
N VAL G 265 -43.86 15.46 17.53
CA VAL G 265 -43.39 16.80 17.78
C VAL G 265 -41.98 17.17 17.41
N ARG G 266 -41.08 16.20 17.60
CA ARG G 266 -39.67 16.43 17.40
C ARG G 266 -38.96 15.80 16.19
N LEU G 267 -39.36 14.59 15.78
CA LEU G 267 -38.69 13.93 14.67
C LEU G 267 -39.42 13.99 13.34
N LEU G 268 -40.73 13.82 13.36
CA LEU G 268 -41.42 13.83 12.10
C LEU G 268 -41.42 15.12 11.33
N PRO G 269 -41.50 16.27 11.99
CA PRO G 269 -41.51 17.56 11.28
C PRO G 269 -40.36 17.83 10.26
N ARG G 270 -39.11 17.57 10.66
CA ARG G 270 -37.97 17.75 9.76
C ARG G 270 -38.28 17.12 8.39
N HIS G 271 -38.57 15.84 8.41
CA HIS G 271 -38.80 15.04 7.25
C HIS G 271 -40.16 15.16 6.59
N LEU G 272 -41.17 15.51 7.36
CA LEU G 272 -42.50 15.62 6.78
C LEU G 272 -42.41 16.72 5.75
N GLY G 273 -41.75 17.81 6.11
CA GLY G 273 -41.61 18.90 5.17
C GLY G 273 -41.09 18.33 3.86
N GLU G 274 -39.78 18.03 3.86
CA GLU G 274 -39.07 17.44 2.73
C GLU G 274 -39.82 16.18 2.23
N ASP H 10 -18.60 -52.51 14.43
CA ASP H 10 -20.05 -52.82 14.68
C ASP H 10 -20.72 -51.86 15.72
N ASP H 11 -19.91 -51.27 16.59
CA ASP H 11 -20.37 -50.30 17.62
C ASP H 11 -19.68 -49.03 17.13
N ASP H 12 -18.93 -49.27 16.06
CA ASP H 12 -18.18 -48.30 15.31
C ASP H 12 -19.25 -47.92 14.27
N ASP H 13 -20.24 -48.79 14.11
CA ASP H 13 -21.33 -48.54 13.18
C ASP H 13 -22.43 -47.91 13.97
N LYS H 14 -22.70 -48.43 15.16
CA LYS H 14 -23.76 -47.86 16.02
C LYS H 14 -23.44 -46.39 16.23
N MET H 15 -22.16 -46.14 16.39
CA MET H 15 -21.70 -44.81 16.57
C MET H 15 -21.80 -44.02 15.30
N LEU H 16 -21.02 -44.37 14.27
CA LEU H 16 -21.06 -43.61 13.02
C LEU H 16 -22.47 -43.26 12.61
N ALA H 17 -23.42 -44.13 12.89
CA ALA H 17 -24.78 -43.83 12.51
C ALA H 17 -25.37 -42.75 13.42
N ALA H 18 -24.84 -42.63 14.64
CA ALA H 18 -25.31 -41.61 15.60
C ALA H 18 -24.77 -40.27 15.14
N GLU H 19 -23.49 -40.28 14.80
CA GLU H 19 -22.82 -39.10 14.28
C GLU H 19 -23.68 -38.62 13.07
N ALA H 20 -23.95 -39.55 12.15
CA ALA H 20 -24.77 -39.30 10.97
C ALA H 20 -26.14 -38.69 11.32
N ALA H 21 -26.82 -39.26 12.29
CA ALA H 21 -28.13 -38.80 12.73
C ALA H 21 -28.09 -37.38 13.32
N ASN H 22 -26.96 -37.06 13.95
CA ASN H 22 -26.77 -35.77 14.57
C ASN H 22 -26.43 -34.72 13.57
N ARG H 23 -25.58 -35.11 12.63
CA ARG H 23 -25.17 -34.23 11.56
C ARG H 23 -26.46 -33.86 10.84
N ASP H 24 -27.24 -34.89 10.63
CA ASP H 24 -28.48 -34.77 9.97
C ASP H 24 -29.42 -33.80 10.69
N HIS H 25 -29.63 -34.00 11.98
CA HIS H 25 -30.54 -33.14 12.74
C HIS H 25 -30.04 -31.72 12.70
N VAL H 26 -28.71 -31.54 12.89
CA VAL H 26 -28.10 -30.21 12.91
C VAL H 26 -28.21 -29.48 11.56
N THR H 27 -27.69 -30.07 10.49
CA THR H 27 -27.75 -29.42 9.18
C THR H 27 -29.17 -29.16 8.72
N ARG H 28 -30.10 -30.02 9.10
CA ARG H 28 -31.48 -29.81 8.70
C ARG H 28 -31.86 -28.46 9.31
N CYS H 29 -31.39 -28.26 10.51
CA CYS H 29 -31.67 -27.08 11.27
C CYS H 29 -30.94 -25.82 10.73
N VAL H 30 -29.65 -25.90 10.49
CA VAL H 30 -28.98 -24.72 9.93
C VAL H 30 -29.76 -24.26 8.72
N ALA H 31 -30.11 -25.21 7.87
CA ALA H 31 -30.82 -24.91 6.64
C ALA H 31 -32.15 -24.26 6.86
N GLN H 32 -32.97 -24.78 7.75
CA GLN H 32 -34.26 -24.16 7.90
C GLN H 32 -34.17 -22.71 8.41
N THR H 33 -33.00 -22.23 8.79
CA THR H 33 -32.96 -20.87 9.28
C THR H 33 -32.47 -19.96 8.20
N GLY H 34 -32.07 -20.57 7.11
CA GLY H 34 -31.55 -19.80 5.99
C GLY H 34 -30.05 -19.82 5.90
N GLY H 35 -29.45 -20.86 6.50
CA GLY H 35 -28.02 -20.98 6.49
C GLY H 35 -27.62 -21.20 5.05
N SER H 36 -26.37 -20.95 4.75
CA SER H 36 -25.87 -21.14 3.41
C SER H 36 -25.21 -22.50 3.21
N PRO H 37 -25.04 -22.90 1.96
CA PRO H 37 -24.39 -24.19 1.65
C PRO H 37 -23.07 -24.31 2.40
N ASP H 38 -22.32 -23.23 2.40
CA ASP H 38 -21.05 -23.06 3.08
C ASP H 38 -21.18 -23.35 4.59
N LEU H 39 -22.21 -22.78 5.23
CA LEU H 39 -22.39 -22.98 6.65
C LEU H 39 -22.86 -24.38 6.92
N VAL H 40 -23.65 -24.92 6.00
CA VAL H 40 -24.14 -26.27 6.15
C VAL H 40 -23.00 -27.25 6.06
N ALA H 41 -22.14 -27.08 5.07
CA ALA H 41 -21.05 -28.00 5.00
C ALA H 41 -20.16 -27.74 6.24
N HIS H 42 -20.08 -26.47 6.66
CA HIS H 42 -19.24 -26.19 7.82
C HIS H 42 -19.75 -26.96 9.02
N THR H 43 -21.01 -26.78 9.39
CA THR H 43 -21.47 -27.50 10.56
C THR H 43 -21.35 -29.03 10.48
N ALA H 44 -21.55 -29.58 9.26
CA ALA H 44 -21.53 -31.00 9.02
C ALA H 44 -20.16 -31.60 9.22
N ALA H 45 -19.16 -30.81 8.90
CA ALA H 45 -17.79 -31.20 9.02
C ALA H 45 -17.27 -31.25 10.45
N LEU H 46 -18.08 -30.87 11.44
CA LEU H 46 -17.65 -30.90 12.85
C LEU H 46 -17.85 -32.33 13.41
N ARG H 47 -17.18 -33.31 12.83
CA ARG H 47 -17.31 -34.70 13.26
C ARG H 47 -17.17 -35.00 14.75
N LEU H 48 -16.08 -34.55 15.36
CA LEU H 48 -15.92 -34.86 16.74
C LEU H 48 -17.02 -34.22 17.55
N TYR H 49 -17.44 -33.01 17.21
CA TYR H 49 -18.50 -32.43 18.01
C TYR H 49 -19.84 -33.13 17.82
N LEU H 50 -20.04 -33.74 16.66
CA LEU H 50 -21.30 -34.37 16.41
C LEU H 50 -21.33 -35.76 16.97
N ARG H 51 -20.14 -36.32 17.15
CA ARG H 51 -19.97 -37.65 17.68
C ARG H 51 -19.97 -37.70 19.23
N VAL H 52 -19.22 -36.79 19.86
CA VAL H 52 -19.07 -36.76 21.30
C VAL H 52 -20.36 -37.03 22.12
N PRO H 53 -21.55 -36.61 21.63
CA PRO H 53 -22.82 -36.83 22.32
C PRO H 53 -23.20 -38.27 22.41
N HIS H 54 -22.61 -39.06 21.52
CA HIS H 54 -22.87 -40.47 21.48
C HIS H 54 -22.23 -41.06 22.71
N PHE H 55 -21.00 -40.61 23.02
CA PHE H 55 -20.31 -41.13 24.16
C PHE H 55 -20.96 -40.66 25.41
N LEU H 56 -21.34 -39.38 25.48
CA LEU H 56 -21.99 -38.86 26.69
C LEU H 56 -23.30 -39.55 27.02
N THR H 57 -23.94 -40.16 26.04
CA THR H 57 -25.22 -40.75 26.35
C THR H 57 -25.21 -42.24 26.41
N GLU H 58 -24.03 -42.86 26.53
CA GLU H 58 -23.90 -44.32 26.62
C GLU H 58 -24.58 -44.98 27.82
N TRP H 59 -24.91 -44.19 28.83
CA TRP H 59 -25.60 -44.75 29.99
C TRP H 59 -27.14 -44.77 29.80
N THR H 60 -27.66 -43.91 28.91
CA THR H 60 -29.11 -43.83 28.66
C THR H 60 -29.49 -45.20 28.09
N THR H 61 -30.43 -45.88 28.76
CA THR H 61 -30.89 -47.25 28.38
C THR H 61 -31.85 -47.39 27.19
N ASP H 62 -32.90 -46.57 27.16
CA ASP H 62 -33.84 -46.61 26.04
C ASP H 62 -33.25 -45.95 24.81
N PRO H 63 -33.22 -46.69 23.68
CA PRO H 63 -32.69 -46.22 22.40
C PRO H 63 -33.36 -44.94 21.83
N ASP H 64 -34.59 -44.67 22.21
CA ASP H 64 -35.24 -43.48 21.73
C ASP H 64 -34.87 -42.25 22.50
N ARG H 65 -34.80 -42.36 23.81
CA ARG H 65 -34.43 -41.19 24.57
C ARG H 65 -32.94 -40.91 24.19
N ARG H 66 -32.17 -42.01 24.08
CA ARG H 66 -30.76 -41.94 23.73
C ARG H 66 -30.54 -41.06 22.48
N ALA H 67 -31.24 -41.38 21.40
CA ALA H 67 -31.12 -40.64 20.18
C ALA H 67 -31.61 -39.19 20.35
N ALA H 68 -32.74 -38.97 20.99
CA ALA H 68 -33.17 -37.59 21.15
C ALA H 68 -32.19 -36.68 21.93
N VAL H 69 -31.71 -37.15 23.06
CA VAL H 69 -30.80 -36.37 23.88
C VAL H 69 -29.47 -36.19 23.11
N SER H 70 -29.10 -37.21 22.34
CA SER H 70 -27.85 -37.16 21.56
C SER H 70 -27.87 -35.98 20.57
N ARG H 71 -28.91 -35.91 19.75
CA ARG H 71 -29.01 -34.83 18.78
C ARG H 71 -29.21 -33.48 19.51
N ALA H 72 -30.06 -33.39 20.50
CA ALA H 72 -30.20 -32.10 21.15
C ALA H 72 -28.83 -31.57 21.69
N LEU H 73 -28.00 -32.46 22.24
CA LEU H 73 -26.71 -32.04 22.75
C LEU H 73 -25.87 -31.62 21.56
N ALA H 74 -25.98 -32.33 20.45
CA ALA H 74 -25.23 -31.99 19.27
C ALA H 74 -25.62 -30.55 18.81
N LEU H 75 -26.91 -30.23 18.85
CA LEU H 75 -27.32 -28.91 18.48
C LEU H 75 -26.65 -27.85 19.35
N ASP H 76 -26.58 -28.04 20.68
CA ASP H 76 -25.99 -26.96 21.46
C ASP H 76 -24.50 -26.79 21.36
N ILE H 77 -23.84 -27.94 21.27
CA ILE H 77 -22.42 -27.96 21.11
C ILE H 77 -22.01 -27.33 19.73
N VAL H 78 -22.72 -27.68 18.64
CA VAL H 78 -22.37 -27.10 17.34
C VAL H 78 -22.63 -25.59 17.46
N SER H 79 -23.74 -25.22 18.11
CA SER H 79 -24.07 -23.83 18.35
C SER H 79 -22.93 -23.12 19.05
N MET H 80 -22.43 -23.75 20.11
CA MET H 80 -21.36 -23.12 20.85
C MET H 80 -20.13 -22.97 19.96
N LYS H 81 -19.92 -23.97 19.11
CA LYS H 81 -18.75 -23.93 18.27
C LYS H 81 -18.87 -22.72 17.31
N LEU H 82 -20.09 -22.43 16.85
CA LEU H 82 -20.27 -21.31 15.95
C LEU H 82 -19.99 -20.03 16.75
N LEU H 83 -20.38 -19.99 18.03
CA LEU H 83 -20.12 -18.77 18.79
C LEU H 83 -18.61 -18.56 18.84
N ASP H 84 -17.91 -19.68 18.96
CA ASP H 84 -16.45 -19.64 19.01
C ASP H 84 -15.95 -19.20 17.66
N ASP H 85 -16.62 -19.55 16.57
CA ASP H 85 -16.07 -19.11 15.29
C ASP H 85 -16.25 -17.62 15.18
N LEU H 86 -17.46 -17.22 15.51
CA LEU H 86 -17.91 -15.86 15.51
C LEU H 86 -16.97 -14.97 16.27
N MET H 87 -16.33 -15.48 17.33
CA MET H 87 -15.40 -14.58 18.01
C MET H 87 -14.02 -14.58 17.44
N ASP H 88 -13.67 -15.58 16.63
CA ASP H 88 -12.37 -15.61 16.00
C ASP H 88 -12.48 -14.88 14.67
N ASP H 89 -13.67 -14.95 14.09
CA ASP H 89 -13.96 -14.30 12.82
C ASP H 89 -12.94 -14.52 11.70
N ASP H 90 -12.51 -15.75 11.54
CA ASP H 90 -11.51 -16.02 10.52
C ASP H 90 -11.91 -17.29 9.75
N THR H 91 -13.21 -17.57 9.72
CA THR H 91 -13.68 -18.79 9.08
C THR H 91 -14.16 -18.56 7.67
N GLY H 92 -14.27 -17.29 7.31
CA GLY H 92 -14.73 -17.00 5.99
C GLY H 92 -16.22 -17.23 5.84
N LEU H 93 -17.00 -17.09 6.90
CA LEU H 93 -18.42 -17.25 6.76
C LEU H 93 -18.99 -15.91 7.12
N ASP H 94 -20.21 -15.62 6.65
CA ASP H 94 -20.89 -14.35 6.93
C ASP H 94 -21.12 -14.31 8.43
N ARG H 95 -20.58 -13.33 9.14
CA ARG H 95 -20.85 -13.26 10.58
C ARG H 95 -22.36 -13.19 10.85
N VAL H 96 -23.18 -12.64 9.95
CA VAL H 96 -24.58 -12.55 10.23
C VAL H 96 -25.25 -13.91 10.38
N GLU H 97 -25.00 -14.84 9.44
CA GLU H 97 -25.61 -16.16 9.54
C GLU H 97 -24.96 -17.01 10.64
N LEU H 98 -23.69 -16.77 10.95
CA LEU H 98 -23.03 -17.49 12.05
C LEU H 98 -23.82 -17.20 13.31
N ALA H 99 -23.88 -15.92 13.64
CA ALA H 99 -24.56 -15.45 14.80
C ALA H 99 -26.03 -15.84 14.82
N CYS H 100 -26.74 -15.65 13.72
CA CYS H 100 -28.16 -16.01 13.72
C CYS H 100 -28.38 -17.50 13.79
N VAL H 101 -27.66 -18.32 13.00
CA VAL H 101 -27.83 -19.78 13.06
C VAL H 101 -27.40 -20.29 14.40
N CYS H 102 -26.38 -19.65 14.96
CA CYS H 102 -25.93 -19.99 16.29
C CYS H 102 -27.09 -19.87 17.33
N LEU H 103 -27.75 -18.72 17.37
CA LEU H 103 -28.80 -18.54 18.33
C LEU H 103 -29.92 -19.50 18.02
N ARG H 104 -30.21 -19.76 16.74
CA ARG H 104 -31.33 -20.67 16.45
C ARG H 104 -31.06 -22.10 16.97
N LEU H 105 -29.86 -22.61 16.76
CA LEU H 105 -29.50 -23.95 17.20
C LEU H 105 -29.60 -24.05 18.68
N HIS H 106 -29.00 -23.09 19.39
CA HIS H 106 -29.08 -23.09 20.85
C HIS H 106 -30.56 -23.09 21.36
N LEU H 107 -31.43 -22.22 20.83
CA LEU H 107 -32.82 -22.19 21.28
C LEU H 107 -33.51 -23.52 21.05
N ARG H 108 -33.19 -24.20 19.95
CA ARG H 108 -33.82 -25.49 19.70
C ARG H 108 -33.31 -26.47 20.72
N ALA H 109 -32.00 -26.40 20.97
CA ALA H 109 -31.40 -27.33 21.89
C ALA H 109 -31.98 -27.15 23.25
N LEU H 110 -32.32 -25.92 23.64
CA LEU H 110 -32.85 -25.74 24.95
C LEU H 110 -34.16 -26.38 25.01
N HIS H 111 -34.96 -26.14 23.99
CA HIS H 111 -36.28 -26.71 23.96
C HIS H 111 -36.25 -28.26 24.02
N GLU H 112 -35.46 -28.90 23.15
CA GLU H 112 -35.38 -30.34 23.13
C GLU H 112 -34.87 -30.92 24.46
N LEU H 113 -33.86 -30.27 25.06
CA LEU H 113 -33.28 -30.72 26.30
C LEU H 113 -34.17 -30.56 27.50
N GLU H 114 -34.91 -29.47 27.60
CA GLU H 114 -35.79 -29.37 28.75
C GLU H 114 -36.97 -30.32 28.64
N SER H 115 -37.25 -30.83 27.44
CA SER H 115 -38.37 -31.77 27.18
C SER H 115 -38.08 -33.17 27.66
N LEU H 116 -36.81 -33.45 27.78
CA LEU H 116 -36.39 -34.72 28.21
C LEU H 116 -35.84 -34.68 29.64
N ALA H 117 -35.83 -33.49 30.25
CA ALA H 117 -35.26 -33.27 31.57
C ALA H 117 -35.98 -33.77 32.82
N ARG H 118 -35.20 -34.43 33.66
CA ARG H 118 -35.73 -34.99 34.88
C ARG H 118 -36.47 -33.97 35.67
N ASP H 119 -36.10 -32.73 35.48
CA ASP H 119 -36.74 -31.70 36.23
C ASP H 119 -36.64 -30.46 35.41
N PRO H 120 -37.71 -29.68 35.39
CA PRO H 120 -37.75 -28.43 34.64
C PRO H 120 -36.46 -27.56 34.76
N LYS H 121 -36.22 -27.00 35.95
CA LYS H 121 -35.05 -26.15 36.16
C LYS H 121 -33.69 -26.81 35.91
N ALA H 122 -33.65 -28.11 35.74
CA ALA H 122 -32.38 -28.84 35.58
C ALA H 122 -31.45 -28.35 34.47
N VAL H 123 -31.98 -28.08 33.30
CA VAL H 123 -31.10 -27.66 32.26
C VAL H 123 -30.51 -26.31 32.58
N THR H 124 -31.30 -25.30 32.85
CA THR H 124 -30.68 -24.02 33.11
C THR H 124 -29.85 -23.95 34.35
N ASP H 125 -30.06 -24.87 35.30
CA ASP H 125 -29.24 -24.86 36.53
C ASP H 125 -27.83 -25.26 36.13
N ILE H 126 -27.73 -26.27 35.26
CA ILE H 126 -26.43 -26.73 34.79
C ILE H 126 -25.74 -25.64 33.96
N LEU H 127 -26.50 -25.03 33.03
CA LEU H 127 -25.92 -23.99 32.19
C LEU H 127 -25.36 -22.80 33.01
N GLU H 128 -26.11 -22.36 34.01
CA GLU H 128 -25.66 -21.23 34.83
C GLU H 128 -24.65 -21.55 35.93
N GLN H 129 -24.67 -22.78 36.44
CA GLN H 129 -23.80 -23.17 37.55
C GLN H 129 -22.39 -22.64 37.41
N ASP H 130 -21.79 -22.95 36.28
CA ASP H 130 -20.45 -22.50 36.02
C ASP H 130 -20.35 -21.60 34.78
N ALA H 131 -21.40 -20.83 34.48
CA ALA H 131 -21.41 -19.94 33.33
C ALA H 131 -20.25 -18.97 33.39
N VAL H 132 -20.02 -18.39 34.56
CA VAL H 132 -18.92 -17.49 34.67
C VAL H 132 -17.58 -18.20 34.57
N HIS H 133 -17.47 -19.47 34.95
CA HIS H 133 -16.14 -20.04 34.85
C HIS H 133 -15.83 -20.25 33.40
N LEU H 134 -16.82 -20.77 32.67
CA LEU H 134 -16.69 -21.04 31.24
C LEU H 134 -16.52 -19.78 30.39
N CYS H 135 -17.39 -18.77 30.58
CA CYS H 135 -17.31 -17.55 29.79
C CYS H 135 -16.11 -16.68 30.18
N GLY H 136 -15.98 -16.40 31.47
CA GLY H 136 -14.87 -15.61 31.93
C GLY H 136 -13.59 -16.35 31.57
N GLY H 137 -13.62 -17.68 31.67
CA GLY H 137 -12.45 -18.49 31.34
C GLY H 137 -12.06 -18.41 29.87
N GLN H 138 -13.04 -18.49 28.99
CA GLN H 138 -12.84 -18.40 27.56
C GLN H 138 -12.20 -17.05 27.19
N ILE H 139 -12.56 -15.95 27.84
CA ILE H 139 -11.89 -14.70 27.45
C ILE H 139 -10.41 -14.80 27.79
N ARG H 140 -10.09 -15.35 28.97
CA ARG H 140 -8.70 -15.54 29.44
C ARG H 140 -7.95 -16.45 28.49
N THR H 141 -8.57 -17.55 28.10
CA THR H 141 -7.94 -18.48 27.20
C THR H 141 -7.58 -17.94 25.78
N LYS H 142 -8.39 -17.05 25.22
CA LYS H 142 -8.10 -16.49 23.92
C LYS H 142 -7.28 -15.16 23.94
N ARG H 143 -6.92 -14.68 25.12
CA ARG H 143 -6.18 -13.43 25.20
C ARG H 143 -4.85 -13.60 25.86
N SER H 144 -4.58 -14.81 26.34
CA SER H 144 -3.30 -15.09 26.94
C SER H 144 -2.73 -16.42 26.43
N ARG H 145 -1.48 -16.72 26.74
CA ARG H 145 -0.96 -17.99 26.26
C ARG H 145 -0.31 -18.72 27.36
N ALA H 146 -0.33 -20.04 27.22
CA ALA H 146 0.25 -20.90 28.21
C ALA H 146 1.77 -20.92 28.04
N THR H 147 2.50 -20.79 29.14
CA THR H 147 3.95 -20.81 29.07
C THR H 147 4.56 -22.06 29.67
N ASN H 148 3.74 -22.85 30.37
CA ASN H 148 4.20 -24.09 31.00
C ASN H 148 3.07 -25.15 31.14
N LEU H 149 3.36 -26.38 31.56
CA LEU H 149 2.26 -27.34 31.61
C LEU H 149 1.09 -26.96 32.53
N ARG H 150 1.36 -26.29 33.64
CA ARG H 150 0.25 -25.95 34.53
C ARG H 150 -0.73 -24.99 33.90
N GLU H 151 -0.19 -23.98 33.25
CA GLU H 151 -0.96 -22.97 32.58
C GLU H 151 -1.69 -23.62 31.41
N TRP H 152 -1.03 -24.55 30.72
CA TRP H 152 -1.67 -25.24 29.62
C TRP H 152 -2.90 -25.99 30.13
N ARG H 153 -2.73 -26.73 31.24
CA ARG H 153 -3.81 -27.51 31.84
C ARG H 153 -4.97 -26.58 32.22
N ALA H 154 -4.61 -25.42 32.75
CA ALA H 154 -5.62 -24.48 33.17
C ALA H 154 -6.42 -23.91 32.00
N HIS H 155 -5.80 -23.47 30.91
CA HIS H 155 -6.60 -23.00 29.78
C HIS H 155 -7.53 -24.14 29.28
N ALA H 156 -6.92 -25.32 29.09
CA ALA H 156 -7.60 -26.53 28.59
C ALA H 156 -8.76 -26.99 29.48
N SER H 157 -8.73 -26.67 30.76
CA SER H 157 -9.83 -27.14 31.53
C SER H 157 -10.99 -26.19 31.45
N THR H 158 -10.82 -25.03 30.79
CA THR H 158 -12.01 -24.21 30.66
C THR H 158 -12.62 -24.48 29.26
N TYR H 159 -11.83 -24.53 28.19
CA TYR H 159 -12.45 -24.82 26.89
C TYR H 159 -12.56 -26.32 26.59
N GLY H 160 -11.91 -27.16 27.39
CA GLY H 160 -12.04 -28.58 27.21
C GLY H 160 -12.96 -29.23 28.27
N SER H 161 -12.51 -29.29 29.53
CA SER H 161 -13.24 -29.95 30.62
C SER H 161 -14.52 -29.32 31.02
N THR H 162 -14.43 -28.07 31.44
CA THR H 162 -15.61 -27.35 31.83
C THR H 162 -16.61 -27.37 30.67
N PHE H 163 -16.14 -27.04 29.47
CA PHE H 163 -17.03 -27.03 28.31
C PHE H 163 -17.77 -28.38 28.06
N LEU H 164 -17.06 -29.51 27.99
CA LEU H 164 -17.72 -30.80 27.76
C LEU H 164 -18.40 -31.36 29.03
N GLY H 165 -17.80 -31.09 30.19
CA GLY H 165 -18.34 -31.51 31.48
C GLY H 165 -19.81 -31.14 31.62
N ARG H 166 -20.20 -29.96 31.13
CA ARG H 166 -21.58 -29.51 31.21
C ARG H 166 -22.51 -30.37 30.35
N TYR H 167 -22.05 -30.70 29.16
CA TYR H 167 -22.93 -31.51 28.33
C TYR H 167 -23.07 -32.89 28.98
N GLY H 168 -22.01 -33.31 29.69
CA GLY H 168 -22.06 -34.58 30.42
C GLY H 168 -23.17 -34.47 31.45
N ALA H 169 -23.15 -33.36 32.17
CA ALA H 169 -24.16 -33.05 33.17
C ALA H 169 -25.55 -33.20 32.52
N LEU H 170 -25.73 -32.55 31.36
CA LEU H 170 -26.99 -32.59 30.66
C LEU H 170 -27.37 -33.98 30.13
N ALA H 171 -26.38 -34.78 29.72
CA ALA H 171 -26.70 -36.13 29.25
C ALA H 171 -27.37 -36.89 30.44
N ALA H 172 -26.80 -36.66 31.62
CA ALA H 172 -27.36 -37.26 32.79
C ALA H 172 -28.78 -36.69 33.09
N ALA H 173 -28.93 -35.37 33.16
CA ALA H 173 -30.20 -34.75 33.46
C ALA H 173 -31.30 -35.17 32.52
N CYS H 174 -30.93 -35.50 31.30
CA CYS H 174 -31.92 -35.85 30.30
C CYS H 174 -31.90 -37.30 29.87
N GLY H 175 -31.02 -38.10 30.45
CA GLY H 175 -30.96 -39.49 30.01
C GLY H 175 -31.79 -40.52 30.76
N GLY H 176 -32.84 -40.09 31.45
CA GLY H 176 -33.70 -41.01 32.18
C GLY H 176 -33.17 -41.62 33.48
N GLU H 177 -33.61 -42.82 33.80
CA GLU H 177 -33.18 -43.50 35.00
C GLU H 177 -31.82 -44.19 34.74
N GLY H 178 -31.04 -44.38 35.80
CA GLY H 178 -29.80 -45.10 35.62
C GLY H 178 -28.61 -44.31 35.19
N GLN H 179 -28.61 -43.02 35.54
CA GLN H 179 -27.53 -42.10 35.19
C GLN H 179 -26.72 -41.61 36.39
N PRO H 180 -25.47 -42.08 36.56
CA PRO H 180 -24.63 -41.64 37.69
C PRO H 180 -24.10 -40.26 37.31
N ALA H 181 -24.89 -39.21 37.57
CA ALA H 181 -24.52 -37.84 37.16
C ALA H 181 -23.06 -37.37 37.38
N ASP H 182 -22.53 -37.57 38.58
CA ASP H 182 -21.16 -37.13 38.79
C ASP H 182 -20.15 -37.89 37.97
N SER H 183 -20.39 -39.17 37.69
CA SER H 183 -19.45 -39.94 36.91
C SER H 183 -19.54 -39.60 35.41
N VAL H 184 -20.73 -39.31 34.90
CA VAL H 184 -20.83 -39.00 33.49
C VAL H 184 -20.02 -37.74 33.21
N ARG H 185 -20.20 -36.72 34.05
CA ARG H 185 -19.48 -35.48 33.90
C ARG H 185 -17.96 -35.70 34.08
N GLU H 186 -17.61 -36.49 35.09
CA GLU H 186 -16.23 -36.85 35.41
C GLU H 186 -15.56 -37.33 34.15
N PHE H 187 -16.24 -38.22 33.42
CA PHE H 187 -15.73 -38.81 32.21
C PHE H 187 -15.61 -37.76 31.09
N ALA H 188 -16.65 -36.99 30.92
CA ALA H 188 -16.62 -35.98 29.89
C ALA H 188 -15.48 -35.01 30.17
N GLU H 189 -15.26 -34.63 31.41
CA GLU H 189 -14.18 -33.70 31.69
C GLU H 189 -12.80 -34.26 31.47
N ALA H 190 -12.63 -35.55 31.68
CA ALA H 190 -11.31 -36.10 31.51
C ALA H 190 -11.09 -36.45 30.06
N PHE H 191 -12.10 -37.02 29.43
CA PHE H 191 -11.99 -37.39 28.05
C PHE H 191 -11.74 -36.11 27.20
N ALA H 192 -12.38 -35.00 27.56
CA ALA H 192 -12.26 -33.73 26.83
C ALA H 192 -10.84 -33.28 26.77
N MET H 193 -10.15 -33.38 27.91
CA MET H 193 -8.76 -32.96 28.00
C MET H 193 -7.85 -33.82 27.13
N THR H 194 -8.17 -35.11 27.04
CA THR H 194 -7.44 -36.03 26.19
C THR H 194 -7.64 -35.53 24.74
N ILE H 195 -8.90 -35.28 24.35
CA ILE H 195 -9.25 -34.74 23.03
C ILE H 195 -8.31 -33.56 22.73
N THR H 196 -8.33 -32.59 23.64
CA THR H 196 -7.52 -31.36 23.63
C THR H 196 -6.03 -31.55 23.39
N MET H 197 -5.35 -32.39 24.19
CA MET H 197 -3.94 -32.66 23.97
C MET H 197 -3.69 -33.25 22.58
N ALA H 198 -4.58 -34.14 22.12
CA ALA H 198 -4.50 -34.75 20.78
C ALA H 198 -4.60 -33.63 19.75
N ASP H 199 -5.51 -32.73 20.03
CA ASP H 199 -5.74 -31.61 19.16
C ASP H 199 -4.48 -30.82 18.90
N ASP H 200 -3.77 -30.43 19.96
CA ASP H 200 -2.55 -29.66 19.84
C ASP H 200 -1.46 -30.39 19.13
N LEU H 201 -1.20 -31.61 19.56
CA LEU H 201 -0.16 -32.43 18.95
C LEU H 201 -0.37 -32.60 17.45
N THR H 202 -1.64 -32.47 17.00
CA THR H 202 -2.03 -32.60 15.60
C THR H 202 -1.81 -31.22 14.90
N ASP H 203 -2.38 -30.16 15.46
CA ASP H 203 -2.29 -28.83 14.90
C ASP H 203 -0.90 -28.25 14.83
N TYR H 204 0.04 -28.79 15.62
CA TYR H 204 1.42 -28.29 15.51
C TYR H 204 1.88 -28.38 14.04
N ASP H 205 1.58 -29.52 13.40
CA ASP H 205 1.94 -29.78 12.01
C ASP H 205 0.89 -29.39 11.03
N ARG H 206 -0.35 -29.70 11.37
CA ARG H 206 -1.49 -29.39 10.52
C ARG H 206 -1.63 -27.91 10.22
N ASN H 207 -1.20 -27.03 11.15
CA ASN H 207 -1.31 -25.58 11.01
C ASN H 207 -0.12 -24.82 11.46
N GLY H 208 0.92 -25.51 11.89
CA GLY H 208 2.09 -24.81 12.37
C GLY H 208 1.78 -23.94 13.57
N GLU H 209 0.75 -24.31 14.30
CA GLU H 209 0.34 -23.58 15.48
C GLU H 209 1.50 -23.57 16.48
N ARG H 210 1.78 -22.45 17.16
CA ARG H 210 2.89 -22.47 18.13
C ARG H 210 2.73 -21.86 19.53
N ASP H 211 2.27 -20.62 19.64
CA ASP H 211 2.20 -20.02 20.95
C ASP H 211 1.22 -20.64 21.90
N GLY H 212 1.76 -21.21 22.97
CA GLY H 212 0.92 -21.88 23.95
C GLY H 212 0.35 -23.21 23.47
N ASN H 213 0.92 -23.78 22.40
CA ASN H 213 0.52 -25.08 21.85
C ASN H 213 1.46 -26.04 22.54
N LEU H 214 0.90 -27.13 23.07
CA LEU H 214 1.59 -28.20 23.82
C LEU H 214 2.81 -28.83 23.14
N ALA H 215 2.67 -29.23 21.88
CA ALA H 215 3.80 -29.81 21.15
C ALA H 215 4.94 -28.79 21.12
N HIS H 216 4.59 -27.53 20.88
CA HIS H 216 5.60 -26.47 20.86
C HIS H 216 6.22 -26.21 22.26
N LEU H 217 5.40 -26.20 23.32
CA LEU H 217 5.91 -25.95 24.65
C LEU H 217 6.82 -27.09 24.99
N MET H 218 6.53 -28.25 24.41
CA MET H 218 7.37 -29.41 24.67
C MET H 218 8.68 -29.16 24.00
N ARG H 219 8.65 -29.04 22.67
CA ARG H 219 9.86 -28.85 21.89
C ARG H 219 10.75 -27.78 22.50
N THR H 220 10.13 -26.78 23.07
CA THR H 220 10.84 -25.67 23.64
C THR H 220 11.52 -25.90 24.96
N GLY H 221 11.13 -26.92 25.68
CA GLY H 221 11.74 -27.14 26.96
C GLY H 221 10.87 -26.62 28.09
N ALA H 222 9.73 -25.99 27.80
CA ALA H 222 8.88 -25.52 28.88
C ALA H 222 8.01 -26.67 29.41
N VAL H 223 7.92 -27.74 28.64
CA VAL H 223 7.14 -28.85 29.12
C VAL H 223 7.96 -30.10 28.98
N ALA H 224 7.89 -30.89 30.05
CA ALA H 224 8.56 -32.14 30.14
C ALA H 224 7.77 -33.25 29.43
N GLY H 225 8.41 -34.02 28.57
CA GLY H 225 7.68 -35.09 27.93
C GLY H 225 7.04 -36.07 28.94
N GLN H 226 7.76 -36.47 29.98
CA GLN H 226 7.21 -37.42 30.93
C GLN H 226 5.99 -36.78 31.53
N ASP H 227 6.13 -35.50 31.95
CA ASP H 227 5.00 -34.75 32.50
C ASP H 227 3.70 -34.90 31.65
N VAL H 228 3.85 -34.90 30.32
CA VAL H 228 2.72 -35.05 29.42
C VAL H 228 2.23 -36.50 29.40
N VAL H 229 3.14 -37.47 29.42
CA VAL H 229 2.72 -38.87 29.43
C VAL H 229 1.96 -39.19 30.72
N ASP H 230 2.35 -38.50 31.79
CA ASP H 230 1.71 -38.69 33.05
C ASP H 230 0.31 -38.10 32.97
N LEU H 231 0.21 -36.89 32.45
CA LEU H 231 -1.11 -36.28 32.39
C LEU H 231 -1.98 -37.12 31.50
N LEU H 232 -1.44 -37.69 30.43
CA LEU H 232 -2.28 -38.49 29.60
C LEU H 232 -2.79 -39.73 30.36
N GLU H 233 -1.88 -40.35 31.14
CA GLU H 233 -2.24 -41.51 31.95
C GLU H 233 -3.18 -41.16 33.08
N GLU H 234 -3.02 -39.99 33.67
CA GLU H 234 -3.95 -39.62 34.73
C GLU H 234 -5.36 -39.42 34.13
N LEU H 235 -5.41 -38.95 32.90
CA LEU H 235 -6.70 -38.70 32.27
C LEU H 235 -7.41 -39.98 31.88
N ARG H 236 -6.63 -40.99 31.52
CA ARG H 236 -7.14 -42.27 31.11
C ARG H 236 -7.77 -42.85 32.36
N GLY H 237 -7.00 -42.84 33.45
CA GLY H 237 -7.50 -43.36 34.71
C GLY H 237 -8.80 -42.72 35.21
N ARG H 238 -8.85 -41.38 35.16
CA ARG H 238 -9.99 -40.66 35.65
C ARG H 238 -11.21 -41.06 34.88
N ALA H 239 -11.01 -41.35 33.59
CA ALA H 239 -12.11 -41.70 32.70
C ALA H 239 -12.57 -43.12 32.89
N LEU H 240 -11.59 -44.02 33.03
CA LEU H 240 -11.87 -45.45 33.24
C LEU H 240 -12.60 -45.64 34.56
N ALA H 241 -12.18 -44.91 35.58
CA ALA H 241 -12.85 -45.02 36.88
C ALA H 241 -14.30 -44.51 36.79
N ALA H 242 -14.49 -43.43 36.02
CA ALA H 242 -15.80 -42.84 35.88
C ALA H 242 -16.72 -43.83 35.22
N VAL H 243 -16.20 -44.49 34.21
CA VAL H 243 -17.01 -45.40 33.47
C VAL H 243 -17.22 -46.75 34.14
N ALA H 244 -16.44 -46.96 35.20
CA ALA H 244 -16.53 -48.21 35.96
C ALA H 244 -17.55 -48.08 37.09
N ALA H 245 -17.78 -46.83 37.54
CA ALA H 245 -18.69 -46.53 38.64
C ALA H 245 -20.04 -47.07 38.31
N PRO H 246 -20.71 -47.72 39.28
CA PRO H 246 -22.02 -48.29 38.97
C PRO H 246 -23.08 -47.23 38.61
N PRO H 247 -24.05 -47.61 37.74
CA PRO H 247 -24.26 -48.90 37.07
C PRO H 247 -23.25 -49.21 36.00
N GLY H 248 -22.38 -48.25 35.67
CA GLY H 248 -21.35 -48.50 34.67
C GLY H 248 -21.65 -48.33 33.19
N ALA H 249 -20.61 -47.99 32.46
CA ALA H 249 -20.73 -47.81 31.02
C ALA H 249 -19.53 -48.55 30.44
N PRO H 250 -19.48 -49.91 30.53
CA PRO H 250 -18.35 -50.70 30.00
C PRO H 250 -18.03 -50.45 28.55
N GLY H 251 -19.08 -50.16 27.78
CA GLY H 251 -18.93 -49.87 26.36
C GLY H 251 -18.02 -48.68 26.05
N LEU H 252 -17.86 -47.77 27.02
CA LEU H 252 -17.00 -46.63 26.87
C LEU H 252 -15.59 -47.00 27.19
N VAL H 253 -15.37 -48.22 27.67
CA VAL H 253 -13.98 -48.56 28.03
C VAL H 253 -12.97 -48.49 26.86
N PRO H 254 -13.22 -49.24 25.75
CA PRO H 254 -12.33 -49.25 24.57
C PRO H 254 -12.26 -47.84 23.95
N VAL H 255 -13.38 -47.11 23.95
CA VAL H 255 -13.37 -45.74 23.44
C VAL H 255 -12.24 -44.98 24.15
N VAL H 256 -12.26 -45.00 25.49
CA VAL H 256 -11.23 -44.32 26.29
C VAL H 256 -9.82 -44.78 25.93
N HIS H 257 -9.66 -46.08 25.81
CA HIS H 257 -8.35 -46.62 25.49
C HIS H 257 -7.85 -46.25 24.09
N LEU H 258 -8.77 -46.15 23.12
CA LEU H 258 -8.43 -45.78 21.72
C LEU H 258 -7.89 -44.34 21.66
N TYR H 259 -8.65 -43.40 22.22
CA TYR H 259 -8.18 -42.02 22.21
C TYR H 259 -6.89 -41.87 22.98
N THR H 260 -6.84 -42.31 24.22
CA THR H 260 -5.58 -42.15 24.92
C THR H 260 -4.43 -42.89 24.23
N ASP H 261 -4.65 -44.12 23.77
CA ASP H 261 -3.53 -44.79 23.17
C ASP H 261 -3.15 -44.21 21.82
N ASP H 262 -4.09 -43.50 21.18
CA ASP H 262 -3.78 -42.88 19.91
C ASP H 262 -2.75 -41.74 20.09
N VAL H 263 -2.98 -40.90 21.11
CA VAL H 263 -2.08 -39.78 21.44
C VAL H 263 -0.69 -40.30 21.81
N LEU H 264 -0.64 -41.28 22.70
CA LEU H 264 0.60 -41.89 23.14
C LEU H 264 1.34 -42.60 22.04
N VAL H 265 0.65 -43.31 21.18
CA VAL H 265 1.39 -44.00 20.14
C VAL H 265 1.63 -43.22 18.85
N ARG H 266 0.58 -42.61 18.29
CA ARG H 266 0.73 -41.92 17.01
C ARG H 266 1.22 -40.47 17.05
N LEU H 267 0.64 -39.62 17.90
CA LEU H 267 1.01 -38.20 17.96
C LEU H 267 2.15 -37.77 18.86
N LEU H 268 2.20 -38.26 20.09
CA LEU H 268 3.27 -37.84 20.99
C LEU H 268 4.67 -38.22 20.52
N PRO H 269 4.86 -39.47 20.04
CA PRO H 269 6.18 -39.86 19.56
C PRO H 269 7.00 -38.74 18.93
N ARG H 270 6.44 -38.11 17.89
CA ARG H 270 7.13 -37.03 17.19
C ARG H 270 7.81 -36.00 18.09
N HIS H 271 7.02 -35.29 18.88
CA HIS H 271 7.53 -34.21 19.73
C HIS H 271 8.32 -34.62 20.95
N LEU H 272 8.25 -35.88 21.29
CA LEU H 272 9.01 -36.38 22.40
C LEU H 272 10.38 -36.61 21.79
N GLY H 273 11.38 -36.80 22.64
CA GLY H 273 12.72 -37.06 22.15
C GLY H 273 13.40 -35.77 21.75
N GLU H 274 12.73 -34.68 22.03
CA GLU H 274 13.25 -33.37 21.73
C GLU H 274 13.95 -32.81 22.98
N ALA H 275 14.36 -31.54 22.88
CA ALA H 275 15.00 -30.86 23.99
C ALA H 275 13.82 -30.66 24.94
N GLY H 276 12.67 -31.20 24.54
CA GLY H 276 11.45 -31.13 25.33
C GLY H 276 11.07 -32.57 25.68
N ALA H 277 11.91 -33.19 26.53
CA ALA H 277 11.73 -34.56 26.98
C ALA H 277 11.59 -34.59 28.51
N GLY H 278 11.05 -35.70 29.03
CA GLY H 278 10.85 -35.88 30.46
C GLY H 278 12.11 -35.98 31.31
N ALA H 279 13.16 -36.54 30.72
CA ALA H 279 14.48 -36.73 31.35
C ALA H 279 15.52 -36.84 30.22
N MET H 280 16.20 -35.72 29.91
CA MET H 280 17.21 -35.68 28.82
C MET H 280 18.24 -36.82 28.87
N ALA H 281 18.00 -37.84 28.04
CA ALA H 281 18.83 -39.04 27.93
C ALA H 281 20.33 -38.78 27.92
N THR H 282 21.00 -39.67 28.62
CA THR H 282 22.44 -39.63 28.76
C THR H 282 22.96 -41.05 28.43
N VAL H 283 24.29 -41.16 28.28
CA VAL H 283 24.90 -42.46 28.01
C VAL H 283 25.77 -42.75 29.21
N LYS H 284 25.68 -43.96 29.72
CA LYS H 284 26.48 -44.30 30.88
C LYS H 284 27.57 -45.27 30.55
N PHE H 285 28.81 -44.80 30.70
CA PHE H 285 30.03 -45.57 30.43
C PHE H 285 31.13 -45.25 31.46
N LYS H 286 32.20 -46.06 31.45
CA LYS H 286 33.32 -45.85 32.37
C LYS H 286 34.53 -45.61 31.46
N TYR H 287 34.99 -44.37 31.35
CA TYR H 287 36.12 -44.06 30.47
C TYR H 287 37.41 -43.73 31.19
N LYS H 288 38.45 -44.49 30.87
CA LYS H 288 39.78 -44.34 31.47
C LYS H 288 39.75 -44.42 33.01
N GLY H 289 39.12 -45.49 33.52
CA GLY H 289 38.97 -45.69 34.97
C GLY H 289 37.90 -44.80 35.59
N GLU H 290 37.28 -43.98 34.75
CA GLU H 290 36.26 -43.05 35.19
C GLU H 290 34.82 -43.53 35.15
N GLU H 291 33.94 -42.56 35.41
CA GLU H 291 32.49 -42.69 35.44
C GLU H 291 32.00 -41.43 34.74
N LYS H 292 31.50 -41.58 33.52
CA LYS H 292 31.01 -40.43 32.77
C LYS H 292 29.55 -40.60 32.38
N GLU H 293 28.94 -39.48 31.99
CA GLU H 293 27.54 -39.47 31.59
C GLU H 293 27.35 -38.23 30.72
N VAL H 294 27.26 -38.44 29.41
CA VAL H 294 27.10 -37.35 28.46
C VAL H 294 25.67 -37.32 27.93
N ASP H 295 25.24 -36.16 27.44
CA ASP H 295 23.90 -36.03 26.92
C ASP H 295 23.91 -36.31 25.44
N ILE H 296 22.91 -37.08 24.98
CA ILE H 296 22.80 -37.44 23.56
C ILE H 296 22.83 -36.15 22.72
N SER H 297 22.62 -35.02 23.39
CA SER H 297 22.64 -33.71 22.76
C SER H 297 24.06 -33.27 22.44
N LYS H 298 25.03 -33.84 23.15
CA LYS H 298 26.45 -33.53 22.97
C LYS H 298 27.20 -34.55 22.07
N ILE H 299 26.73 -35.80 22.05
CA ILE H 299 27.33 -36.87 21.23
C ILE H 299 27.36 -36.49 19.75
N LYS H 300 28.56 -36.54 19.17
CA LYS H 300 28.76 -36.20 17.77
C LYS H 300 28.67 -37.43 16.85
N LYS H 301 29.80 -38.11 16.64
CA LYS H 301 29.89 -39.29 15.78
C LYS H 301 29.66 -40.56 16.62
N VAL H 302 28.82 -41.46 16.11
CA VAL H 302 28.53 -42.73 16.79
C VAL H 302 28.36 -43.87 15.75
N TRP H 303 29.07 -44.96 15.98
CA TRP H 303 29.02 -46.11 15.08
C TRP H 303 29.05 -47.44 15.81
N ARG H 304 28.94 -48.53 15.04
CA ARG H 304 28.89 -49.86 15.59
C ARG H 304 30.00 -50.80 15.18
N VAL H 305 30.39 -51.62 16.15
CA VAL H 305 31.43 -52.64 16.06
C VAL H 305 30.86 -53.85 16.79
N GLY H 306 30.21 -54.73 16.03
CA GLY H 306 29.59 -55.91 16.60
C GLY H 306 28.41 -55.47 17.42
N LYS H 307 28.43 -55.80 18.70
CA LYS H 307 27.38 -55.37 19.61
C LYS H 307 27.85 -54.25 20.53
N MET H 308 28.94 -53.57 20.16
CA MET H 308 29.42 -52.44 20.93
C MET H 308 29.02 -51.17 20.15
N ILE H 309 28.78 -50.05 20.83
CA ILE H 309 28.44 -48.81 20.12
C ILE H 309 29.52 -47.85 20.53
N SER H 310 30.26 -47.38 19.53
CA SER H 310 31.35 -46.44 19.76
C SER H 310 30.87 -45.06 19.34
N PHE H 311 31.33 -44.03 20.06
CA PHE H 311 30.93 -42.65 19.81
C PHE H 311 32.01 -41.64 20.23
N THR H 312 31.81 -40.38 19.85
CA THR H 312 32.71 -39.29 20.20
C THR H 312 31.71 -38.20 20.59
N TYR H 313 32.04 -37.39 21.60
CA TYR H 313 31.12 -36.33 22.06
C TYR H 313 31.82 -35.00 22.36
N ASP H 314 31.05 -33.99 22.72
CA ASP H 314 31.61 -32.67 23.05
C ASP H 314 31.80 -32.54 24.55
N GLU H 315 33.04 -32.74 24.98
CA GLU H 315 33.36 -32.70 26.39
C GLU H 315 33.57 -31.31 26.99
N GLY H 316 33.47 -30.26 26.18
CA GLY H 316 33.65 -28.93 26.74
C GLY H 316 34.88 -28.22 26.21
N GLY H 317 34.62 -27.17 25.43
CA GLY H 317 35.68 -26.41 24.78
C GLY H 317 35.80 -27.16 23.48
N GLY H 318 37.00 -27.22 22.92
CA GLY H 318 37.18 -27.97 21.67
C GLY H 318 37.40 -29.45 21.96
N LYS H 319 37.34 -29.79 23.25
CA LYS H 319 37.54 -31.15 23.77
C LYS H 319 36.55 -32.23 23.25
N THR H 320 37.12 -33.11 22.41
CA THR H 320 36.46 -34.25 21.76
C THR H 320 36.69 -35.51 22.58
N GLY H 321 35.61 -35.98 23.20
CA GLY H 321 35.64 -37.17 24.06
C GLY H 321 35.12 -38.45 23.41
N ARG H 322 35.55 -39.59 23.97
CA ARG H 322 35.16 -40.88 23.43
C ARG H 322 34.63 -41.87 24.47
N GLY H 323 33.96 -42.89 23.93
CA GLY H 323 33.41 -43.96 24.72
C GLY H 323 32.80 -45.10 23.91
N ALA H 324 32.45 -46.16 24.63
CA ALA H 324 31.85 -47.32 24.02
C ALA H 324 31.06 -48.13 25.06
N VAL H 325 29.87 -48.54 24.67
CA VAL H 325 28.98 -49.32 25.53
C VAL H 325 28.40 -50.45 24.71
N SER H 326 27.87 -51.46 25.38
CA SER H 326 27.22 -52.59 24.73
C SER H 326 25.98 -51.95 24.17
N GLU H 327 25.33 -52.52 23.17
CA GLU H 327 24.14 -51.85 22.69
C GLU H 327 23.00 -51.96 23.72
N LYS H 328 23.23 -52.77 24.75
CA LYS H 328 22.29 -53.01 25.86
C LYS H 328 22.20 -51.86 26.90
N ASP H 329 23.26 -51.04 27.00
CA ASP H 329 23.28 -49.92 27.95
C ASP H 329 23.30 -48.61 27.17
N ALA H 330 22.69 -48.66 25.99
CA ALA H 330 22.64 -47.50 25.14
C ALA H 330 21.21 -47.00 25.05
N PRO H 331 21.01 -45.72 25.39
CA PRO H 331 19.65 -45.17 25.32
C PRO H 331 19.14 -45.19 23.87
N LYS H 332 17.84 -45.46 23.68
CA LYS H 332 17.24 -45.50 22.33
C LYS H 332 17.57 -44.26 21.48
N GLU H 333 17.80 -43.13 22.13
CA GLU H 333 18.13 -41.90 21.40
C GLU H 333 19.47 -42.13 20.73
N LEU H 334 20.44 -42.61 21.50
CA LEU H 334 21.75 -42.88 20.94
C LEU H 334 21.63 -43.92 19.83
N LEU H 335 20.93 -45.02 20.12
CA LEU H 335 20.74 -46.10 19.16
C LEU H 335 20.14 -45.63 17.85
N GLN H 336 19.45 -44.49 17.87
CA GLN H 336 18.84 -43.93 16.68
C GLN H 336 19.79 -43.09 15.85
N MET H 337 20.77 -42.48 16.50
CA MET H 337 21.75 -41.68 15.81
C MET H 337 22.51 -42.58 14.85
N LEU H 338 22.59 -43.87 15.18
CA LEU H 338 23.27 -44.83 14.31
C LEU H 338 22.62 -44.94 12.93
N GLU H 339 21.28 -45.03 12.85
CA GLU H 339 20.61 -45.14 11.55
C GLU H 339 20.45 -43.82 10.79
N LYS H 340 20.75 -42.70 11.47
CA LYS H 340 20.70 -41.38 10.85
C LYS H 340 22.04 -41.24 10.08
N GLN H 341 23.12 -41.73 10.71
CA GLN H 341 24.46 -41.70 10.14
C GLN H 341 24.79 -42.91 9.23
N LYS H 342 23.99 -43.98 9.32
CA LYS H 342 24.21 -45.16 8.48
C LYS H 342 22.91 -45.49 7.73
C1 BNG I . 20.49 -5.04 -11.57
C2 BNG I . 20.23 -4.67 -13.05
C3 BNG I . 19.79 -3.18 -13.09
C4 BNG I . 18.59 -2.93 -12.14
C5 BNG I . 18.87 -3.47 -10.72
C6 BNG I . 17.68 -3.33 -9.73
C1' BNG I . 20.81 -6.90 -10.06
C2' BNG I . 20.34 -8.36 -10.14
C3' BNG I . 20.86 -9.16 -8.99
C4' BNG I . 19.92 -10.24 -8.61
C5' BNG I . 20.68 -11.49 -8.28
C6' BNG I . 19.89 -12.72 -8.57
C7' BNG I . 20.33 -13.30 -9.87
C8' BNG I . 19.34 -12.95 -10.95
C9' BNG I . 19.47 -11.48 -11.33
O1 BNG I . 20.92 -6.35 -11.48
O2 BNG I . 21.40 -4.87 -13.83
O3 BNG I . 19.46 -2.77 -14.42
O4 BNG I . 18.33 -1.52 -12.08
O5 BNG I . 19.27 -4.87 -10.81
O6 BNG I . 17.39 -4.56 -9.04
C1 BNG J . 16.53 -9.10 -5.81
C2 BNG J . 15.43 -8.09 -5.47
C3 BNG J . 15.95 -6.67 -5.64
C4 BNG J . 17.32 -6.46 -4.95
C5 BNG J . 18.30 -7.61 -5.30
C6 BNG J . 19.64 -7.55 -4.57
C1' BNG J . 15.91 -11.11 -6.88
C2' BNG J . 15.14 -12.37 -6.63
C3' BNG J . 13.71 -12.30 -7.11
C4' BNG J . 13.00 -13.58 -6.76
C5' BNG J . 12.67 -13.62 -5.31
C6' BNG J . 12.30 -14.97 -4.89
C7' BNG J . 10.83 -15.10 -4.90
C8' BNG J . 10.43 -16.19 -3.96
C9' BNG J . 8.97 -16.04 -3.73
O1 BNG J . 16.08 -10.39 -5.56
O2 BNG J . 14.33 -8.27 -6.33
O3 BNG J . 15.00 -5.77 -5.09
O4 BNG J . 17.87 -5.22 -5.38
O5 BNG J . 17.69 -8.87 -5.00
O6 BNG J . 19.50 -7.34 -3.16
C1 BNG K . -16.27 -18.15 -1.08
C2 BNG K . -15.76 -19.05 0.07
C3 BNG K . -15.82 -18.19 1.33
C4 BNG K . -14.86 -17.00 1.17
C5 BNG K . -15.24 -16.17 -0.09
C6 BNG K . -14.23 -15.08 -0.45
C1' BNG K . -16.39 -17.98 -3.54
C2' BNG K . -15.40 -18.59 -4.55
C3' BNG K . -16.06 -19.00 -5.82
C4' BNG K . -15.84 -17.94 -6.87
C5' BNG K . -15.74 -18.55 -8.26
C6' BNG K . -14.32 -18.49 -8.79
C7' BNG K . -13.87 -19.88 -9.20
C8' BNG K . -12.90 -20.46 -8.18
C9' BNG K . -13.66 -21.36 -7.26
O1 BNG K . -16.38 -18.87 -2.28
O2 BNG K . -16.52 -20.24 0.22
O3 BNG K . -15.51 -18.98 2.47
O4 BNG K . -14.93 -16.16 2.32
O5 BNG K . -15.36 -17.04 -1.28
O6 BNG K . -14.91 -13.88 -0.79
C1 BNG L . -12.12 -15.01 -7.48
C2 BNG L . -11.35 -13.87 -6.80
C3 BNG L . -12.14 -13.19 -5.67
C4 BNG L . -13.58 -12.92 -6.08
C5 BNG L . -14.19 -14.19 -6.67
C6 BNG L . -15.65 -14.07 -7.09
C1' BNG L . -10.75 -16.65 -8.44
C2' BNG L . -9.41 -16.61 -9.17
C3' BNG L . -8.68 -15.35 -8.93
C4' BNG L . -8.04 -14.92 -10.20
C5' BNG L . -6.64 -15.37 -10.22
C6' BNG L . -6.14 -15.49 -11.63
C7' BNG L . -5.65 -14.14 -12.11
C8' BNG L . -4.46 -14.29 -13.00
C9' BNG L . -3.42 -13.45 -12.46
O1 BNG L . -11.49 -15.35 -8.65
O2 BNG L . -10.15 -14.41 -6.27
O3 BNG L . -11.52 -11.95 -5.32
O4 BNG L . -14.34 -12.49 -4.95
O5 BNG L . -13.44 -14.58 -7.82
O6 BNG L . -15.92 -12.82 -7.73
C1 BNG M . -9.39 2.19 22.61
C2 BNG M . -10.90 2.50 22.50
C3 BNG M . -11.56 1.38 21.68
C4 BNG M . -10.86 1.18 20.33
C5 BNG M . -9.31 1.06 20.49
C6 BNG M . -8.50 1.00 19.20
C1' BNG M . -7.58 3.90 22.87
C2' BNG M . -7.44 5.27 23.61
C3' BNG M . -6.11 5.44 24.37
C4' BNG M . -5.01 5.93 23.44
C5' BNG M . -3.87 6.56 24.21
C6' BNG M . -3.84 8.08 24.00
C7' BNG M . -4.69 8.81 25.05
C8' BNG M . -5.79 9.63 24.39
C9' BNG M . -6.90 8.71 23.92
O1 BNG M . -8.73 3.08 23.47
O2 BNG M . -11.47 2.54 23.82
O3 BNG M . -12.92 1.67 21.45
O4 BNG M . -11.40 0.03 19.70
O5 BNG M . -8.79 2.19 21.29
O6 BNG M . -8.81 2.07 18.31
C1 BNG N . -2.78 5.66 19.31
C2 BNG N . -3.07 4.83 18.05
C3 BNG N . -3.52 3.42 18.41
C4 BNG N . -2.54 2.77 19.39
C5 BNG N . -2.24 3.68 20.59
C6 BNG N . -1.07 3.12 21.38
C1' BNG N . -3.33 7.93 18.81
C2' BNG N . -2.87 9.14 19.55
C3' BNG N . -2.75 10.32 18.63
C4' BNG N . -2.03 9.96 17.40
C5' BNG N . -1.55 11.21 16.77
C6' BNG N . -0.27 11.60 17.42
C7' BNG N . 0.63 12.46 16.55
C8' BNG N . 0.11 12.60 15.13
C9' BNG N . 1.23 13.16 14.32
O1 BNG N . -2.23 6.88 18.94
O2 BNG N . -4.08 5.48 17.29
O3 BNG N . -3.61 2.63 17.23
O4 BNG N . -3.07 1.53 19.84
O5 BNG N . -1.82 4.98 20.14
O6 BNG N . -1.51 2.42 22.53
C1 BNG O . 4.12 21.86 -9.58
C2 BNG O . 5.46 22.34 -8.98
C3 BNG O . 6.53 21.32 -9.43
C4 BNG O . 6.15 19.93 -8.86
C5 BNG O . 4.75 19.52 -9.33
C6 BNG O . 4.23 18.25 -8.65
C1' BNG O . 1.92 22.51 -10.26
C2' BNG O . 0.62 22.38 -9.50
C3' BNG O . 0.24 23.70 -8.84
C4' BNG O . -0.81 23.52 -7.79
C5' BNG O . -2.19 23.39 -8.44
C6' BNG O . -3.27 24.08 -7.61
C7' BNG O . -2.77 24.51 -6.24
C8' BNG O . -2.34 25.96 -6.23
C9' BNG O . -0.86 26.04 -5.95
O1 BNG O . 3.08 22.75 -9.30
O2 BNG O . 5.79 23.66 -9.43
O3 BNG O . 7.83 21.71 -9.03
O4 BNG O . 7.10 18.97 -9.30
O5 BNG O . 3.76 20.56 -9.04
O6 BNG O . 2.99 18.47 -7.98
C1 BNG P . -2.70 19.26 -5.98
C2 BNG P . -2.30 17.80 -5.98
C3 BNG P . -1.24 17.58 -7.09
C4 BNG P . -1.58 18.29 -8.42
C5 BNG P . -2.27 19.66 -8.22
C6 BNG P . -2.92 20.22 -9.47
C1' BNG P . -3.04 20.96 -4.47
C2' BNG P . -3.54 21.26 -3.12
C3' BNG P . -3.90 20.02 -2.38
C4' BNG P . -5.38 19.94 -2.27
C5' BNG P . -5.78 20.01 -0.83
C6' BNG P . -6.47 18.77 -0.40
C7' BNG P . -6.98 18.93 0.97
C8' BNG P . -8.27 18.22 1.13
C9' BNG P . -8.38 17.75 2.54
O1 BNG P . -3.55 19.61 -4.96
O2 BNG P . -1.76 17.48 -4.71
O3 BNG P . -1.05 16.20 -7.34
O4 BNG P . -0.36 18.51 -9.10
O5 BNG P . -3.29 19.56 -7.23
O6 BNG P . -3.99 19.39 -9.85
C1 BNG Q . 15.90 7.64 -30.40
C2 BNG Q . 16.01 6.81 -29.14
C3 BNG Q . 15.54 5.39 -29.42
C4 BNG Q . 14.12 5.40 -29.99
C5 BNG Q . 13.99 6.38 -31.19
C6 BNG Q . 12.54 6.60 -31.60
C1' BNG Q . 17.39 9.30 -31.21
C2' BNG Q . 18.77 9.10 -30.64
C3' BNG Q . 19.46 10.42 -30.32
C4' BNG Q . 18.60 11.40 -29.58
C5' BNG Q . 19.19 12.75 -29.70
C6' BNG Q . 18.98 13.54 -28.46
C7' BNG Q . 19.76 14.82 -28.53
C8' BNG Q . 19.68 15.57 -27.22
C9' BNG Q . 19.06 16.92 -27.44
O1 BNG Q . 16.34 8.93 -30.16
O2 BNG Q . 17.35 6.81 -28.69
O3 BNG Q . 15.57 4.64 -28.21
O4 BNG Q . 13.77 4.09 -30.42
O5 BNG Q . 14.53 7.70 -30.84
O6 BNG Q . 11.82 7.36 -30.63
C1 BNG R . 26.90 21.83 -6.07
C2 BNG R . 26.03 21.04 -5.07
C3 BNG R . 26.41 21.08 -3.55
C4 BNG R . 27.65 21.94 -3.20
C5 BNG R . 27.84 23.04 -4.22
C6 BNG R . 29.05 23.92 -3.89
C1' BNG R . 27.01 21.72 -8.40
C2' BNG R . 28.30 22.02 -9.11
C3' BNG R . 28.36 21.25 -10.39
C4' BNG R . 28.80 19.84 -10.12
C5' BNG R . 28.32 18.94 -11.20
C6' BNG R . 29.37 18.71 -12.23
C7' BNG R . 28.89 17.68 -13.21
C8' BNG R . 29.97 16.66 -13.50
C9' BNG R . 29.42 15.53 -14.36
O1 BNG R . 27.30 21.00 -7.10
O2 BNG R . 24.69 21.49 -5.21
O3 BNG R . 26.65 19.75 -3.06
O4 BNG R . 27.53 22.51 -1.90
O5 BNG R . 28.09 22.40 -5.49
O6 BNG R . 28.78 25.30 -4.07
C1 BNG S . -31.19 -2.89 17.11
C2 BNG S . -30.35 -2.22 16.02
C3 BNG S . -30.70 -0.74 15.87
C4 BNG S . -32.21 -0.54 15.77
C5 BNG S . -32.94 -1.29 16.92
C6 BNG S . -34.48 -1.18 16.91
C1' BNG S . -31.47 -4.84 18.42
C2' BNG S . -32.37 -5.98 18.10
C3' BNG S . -31.65 -7.07 17.37
C4' BNG S . -31.51 -8.25 18.26
C5' BNG S . -30.72 -9.33 17.58
C6' BNG S . -31.60 -10.46 17.22
C7' BNG S . -30.80 -11.71 17.17
C8' BNG S . -31.02 -12.47 15.88
C9' BNG S . -30.16 -13.71 15.89
O1 BNG S . -30.95 -4.25 17.12
O2 BNG S . -28.98 -2.33 16.39
O3 BNG S . -30.09 -0.23 14.71
O4 BNG S . -32.49 0.85 15.86
O5 BNG S . -32.58 -2.69 16.87
O6 BNG S . -35.06 -1.70 18.12
C1 BNG T . -11.81 -30.54 16.17
C2 BNG T . -11.40 -29.12 15.67
C3 BNG T . -12.32 -28.71 14.50
C4 BNG T . -12.23 -29.79 13.38
C5 BNG T . -12.58 -31.19 13.98
C6 BNG T . -12.48 -32.34 12.96
C1' BNG T . -11.91 -30.79 18.55
C2' BNG T . -11.07 -30.98 19.80
C3' BNG T . -10.81 -29.68 20.55
C4' BNG T . -12.08 -29.10 21.14
C5' BNG T . -12.10 -29.21 22.64
C6' BNG T . -13.51 -29.19 23.14
C7' BNG T . -13.89 -30.52 23.78
C8' BNG T . -15.17 -31.09 23.21
C9' BNG T . -15.01 -31.25 21.70
O1 BNG T . -11.06 -30.97 17.27
O2 BNG T . -11.50 -28.17 16.74
O3 BNG T . -12.01 -27.40 13.99
O4 BNG T . -13.14 -29.46 12.32
O5 BNG T . -11.68 -31.51 15.08
O6 BNG T . -13.57 -33.23 13.10
C1 BNG U . -12.55 -25.62 20.61
C2 BNG U . -12.51 -24.55 19.53
C3 BNG U . -11.73 -25.08 18.33
C4 BNG U . -10.35 -25.54 18.75
C5 BNG U . -10.34 -26.44 20.00
C6 BNG U . -8.93 -26.34 20.59
C1' BNG U . -14.71 -25.34 21.63
C2' BNG U . -15.34 -24.64 22.83
C3' BNG U . -16.31 -23.58 22.40
C4' BNG U . -16.13 -22.32 23.20
C5' BNG U . -17.16 -22.29 24.29
C6' BNG U . -17.90 -21.03 24.26
C7' BNG U . -17.28 -20.07 25.21
C8' BNG U . -17.65 -18.63 24.85
C9' BNG U . -18.20 -17.86 26.07
O1 BNG U . -13.21 -25.10 21.71
O2 BNG U . -13.84 -24.22 19.14
O3 BNG U . -11.62 -24.05 17.35
O4 BNG U . -9.75 -26.27 17.68
O5 BNG U . -11.22 -25.94 21.04
O6 BNG U . -8.44 -24.99 20.57
#